data_7SXA
#
_entry.id   7SXA
#
_cell.length_a   1.00
_cell.length_b   1.00
_cell.length_c   1.00
_cell.angle_alpha   90.00
_cell.angle_beta   90.00
_cell.angle_gamma   90.00
#
_symmetry.space_group_name_H-M   'P 1'
#
loop_
_entity.id
_entity.type
_entity.pdbx_description
1 polymer Plastin-3
2 polymer 'Actin, alpha skeletal muscle'
3 non-polymer "ADENOSINE-5'-DIPHOSPHATE"
4 non-polymer 'MAGNESIUM ION'
#
loop_
_entity_poly.entity_id
_entity_poly.type
_entity_poly.pdbx_seq_one_letter_code
_entity_poly.pdbx_strand_id
1 'polypeptide(L)'
;MDEMATTQISKDELDELKEAFAKVDLNSNGFICDYELHELFKEANMPLPGYKVREIIQKLMLDGDRNKDGKISFDEFVYI
FQEVKSSDIAKTFRKAINRKEGICALGGTSELSSEGTQHSYSEEEKYAFVNWINKALENDPDCRHVIPMNPNTDDLFKAV
GDGIVLCKMINLSVPDTIDERAINKKKLTPFIIQENLNLALNSASAIGCHVVNIGAEDLRAGKPHLVLGLLWQIIKIGLF
ADIELSRNEALAALLRDGETLEELMKLSPEELLLRWANFHLENSGWQKINNFSADIKDSKAYFHLLNQIAPKGQKEGEPR
IDINMSGFNETDDLKRAESMLQQADKLGCRQFVTPADVVSGNPKLNLAFVANLFNKYPALTKPENQDIDWTLLEGETREE
RTFRNWMNSLGVNPHVNHLYADLQDALVILQLYERIKVPVDWSKVNKPPYPKLGANMKKLENCNYAVELGKHPAKFSLVG
IGGQDLNDGNQTLTLALVWQLMRRYTLNVLEDLGDGQKANDDIIVNWVNRTLSEAGKSTSIQSFKDKTISSSLAVVDLID
AIQPGCINYDLVKSGNLTEDDKHNNAKYAVSMARRIGARVYALPEDLVEVKPKMVMTVFACLMGRGMKRV
;
A
2 'polypeptide(L)'
;MCDEDETTALVCDNGSGLVKAGFAGDDAPRAVFPSIVGRPRHQGVMVGMGQKDSYVGDEAQSKRGILTLKYPIE(HIC)G
IITNWDDMEKIWHHTFYNELRVAPEEHPTLLTEAPLNPKANREKMTQIMFETFNVPAMYVAIQAVLSLYASGRTTGIVLD
SGDGVTHNVPIYEGYALPHAIMRLDLAGRDLTDYLMKILTERGYSFVTTAEREIVRDIKEKLCYVALDFENEMATAASSS
SLEKSYELPDGQVITIGNERFRCPETLFQPSFIGMESAGIHETTYNSIMKCDIDIRKDLYANNVMSGGTTMYPGIADRMQ
KEITALAPSTMKIKIIAPPERKYSVWIGGSILASLSTFQQMWITKQEYDEAGPSIVHRKCF
;
C,B,D
#
loop_
_chem_comp.id
_chem_comp.type
_chem_comp.name
_chem_comp.formula
ADP non-polymer ADENOSINE-5'-DIPHOSPHATE 'C10 H15 N5 O10 P2'
MG non-polymer 'MAGNESIUM ION' 'Mg 2'
#
# COMPACT_ATOMS: atom_id res chain seq x y z
N ASN A 291 -43.98 52.71 -7.33
CA ASN A 291 -44.21 51.88 -8.50
C ASN A 291 -43.17 52.16 -9.58
N PHE A 292 -43.21 51.37 -10.65
CA PHE A 292 -42.21 51.49 -11.72
C PHE A 292 -42.30 52.85 -12.39
N SER A 293 -43.51 53.30 -12.70
CA SER A 293 -43.69 54.55 -13.41
C SER A 293 -43.37 55.77 -12.54
N ALA A 294 -43.16 55.58 -11.24
CA ALA A 294 -42.93 56.72 -10.35
C ALA A 294 -41.49 57.22 -10.44
N ASP A 295 -40.54 56.37 -10.04
CA ASP A 295 -39.13 56.75 -10.05
C ASP A 295 -38.24 55.68 -10.70
N ILE A 296 -38.80 54.72 -11.43
CA ILE A 296 -38.01 53.62 -11.98
C ILE A 296 -38.06 53.63 -13.50
N LYS A 297 -39.19 54.09 -14.07
CA LYS A 297 -39.27 54.17 -15.52
C LYS A 297 -38.26 55.17 -16.08
N ASP A 298 -37.92 56.19 -15.29
CA ASP A 298 -36.86 57.14 -15.61
C ASP A 298 -35.54 56.76 -14.96
N SER A 299 -35.50 55.68 -14.19
CA SER A 299 -34.31 55.24 -13.46
C SER A 299 -33.86 56.29 -12.44
N LYS A 300 -34.80 57.10 -11.95
CA LYS A 300 -34.46 58.20 -11.05
C LYS A 300 -33.83 57.71 -9.75
N ALA A 301 -34.38 56.64 -9.18
CA ALA A 301 -33.88 56.15 -7.90
C ALA A 301 -32.48 55.56 -8.03
N TYR A 302 -32.14 54.99 -9.19
CA TYR A 302 -30.86 54.32 -9.34
C TYR A 302 -29.70 55.30 -9.21
N PHE A 303 -29.88 56.54 -9.68
CA PHE A 303 -28.80 57.51 -9.56
C PHE A 303 -28.57 57.91 -8.12
N HIS A 304 -29.64 58.07 -7.35
CA HIS A 304 -29.47 58.30 -5.93
C HIS A 304 -28.82 57.10 -5.26
N LEU A 305 -29.16 55.89 -5.70
CA LEU A 305 -28.52 54.69 -5.15
C LEU A 305 -27.04 54.66 -5.49
N LEU A 306 -26.70 54.97 -6.73
CA LEU A 306 -25.31 55.00 -7.16
C LEU A 306 -24.53 56.06 -6.38
N ASN A 307 -25.13 57.24 -6.18
CA ASN A 307 -24.49 58.28 -5.38
C ASN A 307 -24.36 57.83 -3.92
N GLN A 308 -25.31 57.03 -3.43
CA GLN A 308 -25.20 56.50 -2.08
C GLN A 308 -24.02 55.55 -1.94
N ILE A 309 -23.76 54.72 -2.96
CA ILE A 309 -22.65 53.76 -2.87
C ILE A 309 -21.34 54.31 -3.42
N ALA A 310 -21.35 55.51 -4.01
CA ALA A 310 -20.12 56.08 -4.55
C ALA A 310 -19.19 56.54 -3.43
N SER A 326 -27.40 62.17 -6.09
CA SER A 326 -26.87 62.87 -7.25
C SER A 326 -27.18 62.08 -8.53
N GLY A 327 -26.65 62.55 -9.66
CA GLY A 327 -26.83 61.87 -10.92
C GLY A 327 -28.13 62.20 -11.63
N PHE A 328 -29.21 62.29 -10.86
CA PHE A 328 -30.53 62.59 -11.44
C PHE A 328 -30.59 64.01 -11.98
N ASN A 329 -29.66 64.87 -11.56
CA ASN A 329 -29.68 66.28 -11.94
C ASN A 329 -29.30 66.52 -13.40
N GLU A 330 -28.88 65.48 -14.12
CA GLU A 330 -28.53 65.64 -15.53
C GLU A 330 -29.69 66.10 -16.39
N THR A 331 -30.93 65.95 -15.91
CA THR A 331 -32.13 66.57 -16.47
C THR A 331 -32.55 65.93 -17.80
N ASP A 332 -31.72 65.05 -18.35
CA ASP A 332 -32.04 64.37 -19.59
C ASP A 332 -31.63 62.91 -19.48
N ASP A 333 -32.38 62.03 -20.16
CA ASP A 333 -32.14 60.59 -20.04
C ASP A 333 -30.75 60.22 -20.51
N LEU A 334 -30.29 60.78 -21.63
CA LEU A 334 -28.97 60.46 -22.15
C LEU A 334 -27.85 61.06 -21.27
N LYS A 335 -28.04 62.29 -20.79
CA LYS A 335 -27.07 62.87 -19.86
C LYS A 335 -27.02 62.08 -18.57
N ARG A 336 -28.18 61.64 -18.07
CA ARG A 336 -28.22 60.79 -16.90
C ARG A 336 -27.50 59.47 -17.16
N ALA A 337 -27.69 58.87 -18.34
CA ALA A 337 -27.00 57.62 -18.64
C ALA A 337 -25.50 57.80 -18.70
N GLU A 338 -25.03 58.93 -19.26
CA GLU A 338 -23.62 59.24 -19.21
C GLU A 338 -23.14 59.36 -17.77
N SER A 339 -23.93 60.01 -16.92
CA SER A 339 -23.60 60.07 -15.50
C SER A 339 -23.56 58.67 -14.89
N MET A 340 -24.46 57.79 -15.32
CA MET A 340 -24.47 56.42 -14.81
C MET A 340 -23.20 55.70 -15.19
N LEU A 341 -22.75 55.89 -16.43
CA LEU A 341 -21.49 55.29 -16.86
C LEU A 341 -20.33 55.86 -16.07
N GLN A 342 -20.35 57.16 -15.79
CA GLN A 342 -19.31 57.76 -14.96
C GLN A 342 -19.34 57.18 -13.54
N GLN A 343 -20.54 57.03 -12.98
CA GLN A 343 -20.69 56.43 -11.66
C GLN A 343 -20.20 54.98 -11.68
N ALA A 344 -20.47 54.27 -12.76
CA ALA A 344 -19.94 52.93 -12.92
C ALA A 344 -18.41 52.95 -12.98
N ASP A 345 -17.84 53.95 -13.64
CA ASP A 345 -16.40 54.10 -13.67
C ASP A 345 -15.84 54.27 -12.26
N LYS A 346 -16.59 54.97 -11.41
CA LYS A 346 -16.20 55.13 -10.01
C LYS A 346 -16.60 53.94 -9.12
N LEU A 347 -17.34 52.97 -9.65
CA LEU A 347 -17.84 51.86 -8.83
C LEU A 347 -17.46 50.47 -9.34
N GLY A 348 -17.37 50.28 -10.66
CA GLY A 348 -16.97 49.00 -11.22
C GLY A 348 -18.09 47.99 -11.40
N CYS A 349 -19.34 48.38 -11.23
CA CYS A 349 -20.44 47.42 -11.27
C CYS A 349 -20.91 47.10 -12.69
N ARG A 350 -20.33 47.71 -13.72
CA ARG A 350 -20.81 47.51 -15.08
C ARG A 350 -20.60 46.07 -15.53
N GLN A 351 -21.67 45.43 -15.90
CA GLN A 351 -21.62 44.14 -16.54
C GLN A 351 -22.42 44.11 -17.83
N PHE A 352 -23.57 44.78 -17.87
CA PHE A 352 -24.43 44.71 -19.04
C PHE A 352 -25.13 46.03 -19.39
N VAL A 353 -24.70 47.16 -18.84
CA VAL A 353 -25.50 48.37 -18.90
C VAL A 353 -25.53 48.93 -20.32
N THR A 354 -26.70 49.45 -20.71
CA THR A 354 -26.94 50.07 -22.00
C THR A 354 -27.85 51.28 -21.79
N PRO A 355 -27.84 52.25 -22.70
CA PRO A 355 -28.68 53.45 -22.52
C PRO A 355 -30.17 53.17 -22.50
N ALA A 356 -30.62 52.05 -23.07
CA ALA A 356 -32.05 51.75 -23.10
C ALA A 356 -32.66 51.64 -21.72
N ASP A 357 -31.85 51.39 -20.69
CA ASP A 357 -32.37 51.27 -19.34
C ASP A 357 -33.00 52.57 -18.86
N VAL A 358 -32.44 53.70 -19.26
CA VAL A 358 -32.96 55.01 -18.89
C VAL A 358 -33.73 55.66 -20.03
N VAL A 359 -33.16 55.64 -21.24
CA VAL A 359 -33.79 56.27 -22.40
C VAL A 359 -35.12 55.60 -22.71
N SER A 360 -35.14 54.27 -22.74
CA SER A 360 -36.36 53.52 -22.98
C SER A 360 -36.94 52.92 -21.72
N GLY A 361 -36.31 53.15 -20.56
CA GLY A 361 -36.83 52.63 -19.31
C GLY A 361 -36.93 51.13 -19.26
N ASN A 362 -35.91 50.42 -19.74
CA ASN A 362 -35.93 48.98 -19.88
C ASN A 362 -36.16 48.29 -18.54
N PRO A 363 -37.35 47.73 -18.31
CA PRO A 363 -37.62 47.09 -17.01
C PRO A 363 -36.71 45.93 -16.71
N LYS A 364 -36.31 45.16 -17.72
CA LYS A 364 -35.36 44.08 -17.47
C LYS A 364 -34.03 44.62 -16.97
N LEU A 365 -33.52 45.66 -17.63
CA LEU A 365 -32.29 46.29 -17.18
C LEU A 365 -32.47 46.94 -15.80
N ASN A 366 -33.61 47.62 -15.60
CA ASN A 366 -33.88 48.25 -14.31
C ASN A 366 -33.87 47.22 -13.18
N LEU A 367 -34.53 46.08 -13.39
CA LEU A 367 -34.62 45.05 -12.36
C LEU A 367 -33.33 44.26 -12.22
N ALA A 368 -32.49 44.22 -13.25
CA ALA A 368 -31.27 43.42 -13.18
C ALA A 368 -30.12 44.19 -12.53
N PHE A 369 -30.01 45.49 -12.79
CA PHE A 369 -28.84 46.21 -12.34
C PHE A 369 -28.81 46.45 -10.83
N VAL A 370 -29.94 46.28 -10.15
CA VAL A 370 -29.93 46.45 -8.69
C VAL A 370 -28.97 45.47 -8.05
N ALA A 371 -28.81 44.27 -8.64
CA ALA A 371 -27.86 43.31 -8.10
C ALA A 371 -26.44 43.84 -8.16
N ASN A 372 -26.05 44.41 -9.30
CA ASN A 372 -24.72 45.01 -9.41
C ASN A 372 -24.55 46.13 -8.40
N LEU A 373 -25.61 46.93 -8.19
CA LEU A 373 -25.50 48.05 -7.27
C LEU A 373 -25.31 47.60 -5.83
N PHE A 374 -26.04 46.56 -5.41
CA PHE A 374 -26.06 46.22 -3.99
C PHE A 374 -25.09 45.10 -3.60
N ASN A 375 -24.98 44.03 -4.40
CA ASN A 375 -24.11 42.93 -4.03
C ASN A 375 -22.64 43.36 -3.99
N LYS A 376 -22.22 44.24 -4.90
CA LYS A 376 -20.85 44.72 -4.89
C LYS A 376 -20.59 45.65 -3.72
N TYR A 377 -21.63 46.30 -3.21
CA TYR A 377 -21.50 47.26 -2.11
C TYR A 377 -22.54 46.95 -1.03
N PRO A 378 -22.44 45.80 -0.38
CA PRO A 378 -23.40 45.45 0.68
C PRO A 378 -23.04 46.11 1.99
N ALA A 379 -23.50 47.36 2.16
CA ALA A 379 -23.17 48.16 3.34
C ALA A 379 -21.66 48.32 3.50
N LEU A 380 -20.93 48.20 2.38
CA LEU A 380 -19.49 48.31 2.33
C LEU A 380 -18.82 47.34 3.32
N THR A 381 -19.38 46.14 3.41
CA THR A 381 -18.80 45.11 4.26
C THR A 381 -17.61 44.47 3.57
N LYS A 382 -16.52 45.22 3.46
CA LYS A 382 -15.36 44.84 2.67
C LYS A 382 -14.61 43.67 3.31
N PRO A 383 -14.45 42.54 2.60
CA PRO A 383 -13.70 41.41 3.17
C PRO A 383 -12.23 41.73 3.42
N GLU A 384 -11.67 42.75 2.77
CA GLU A 384 -10.29 43.12 3.09
C GLU A 384 -10.18 43.62 4.52
N ASN A 385 -11.24 44.25 5.02
CA ASN A 385 -11.28 44.61 6.43
C ASN A 385 -11.25 43.41 7.35
N GLN A 386 -11.26 42.20 6.79
CA GLN A 386 -10.88 41.03 7.56
C GLN A 386 -9.38 40.78 7.48
N ASP A 387 -8.79 41.08 6.33
CA ASP A 387 -7.35 40.94 6.17
C ASP A 387 -6.58 42.02 6.89
N ILE A 388 -7.23 43.13 7.22
CA ILE A 388 -6.55 44.17 7.99
C ILE A 388 -6.04 43.55 9.28
N ASP A 389 -6.73 42.54 9.78
CA ASP A 389 -6.12 41.56 10.67
C ASP A 389 -5.23 40.70 9.80
N TRP A 390 -3.95 41.06 9.74
CA TRP A 390 -3.01 40.35 8.90
C TRP A 390 -2.92 38.87 9.23
N THR A 391 -3.24 38.48 10.46
CA THR A 391 -3.27 37.09 10.88
C THR A 391 -4.61 36.77 11.51
N LEU A 392 -5.68 37.22 10.84
CA LEU A 392 -7.03 36.93 11.30
C LEU A 392 -7.20 35.46 11.62
N LEU A 393 -6.46 34.60 10.93
CA LEU A 393 -6.20 33.25 11.38
C LEU A 393 -4.71 33.09 11.57
N GLU A 394 -4.34 32.18 12.46
CA GLU A 394 -2.95 32.01 12.86
C GLU A 394 -2.51 30.58 12.61
N GLY A 395 -1.23 30.42 12.30
CA GLY A 395 -0.66 29.11 12.02
C GLY A 395 -0.44 28.81 10.55
N GLU A 396 -1.06 29.56 9.65
CA GLU A 396 -0.86 29.37 8.22
C GLU A 396 0.41 30.07 7.78
N THR A 397 1.06 29.50 6.76
CA THR A 397 2.26 30.14 6.22
C THR A 397 1.89 31.29 5.31
N ARG A 398 2.81 32.26 5.22
CA ARG A 398 2.52 33.49 4.50
C ARG A 398 2.15 33.21 3.05
N GLU A 399 2.87 32.29 2.42
CA GLU A 399 2.60 31.95 1.04
C GLU A 399 1.14 31.56 0.89
N GLU A 400 0.66 30.66 1.75
CA GLU A 400 -0.72 30.23 1.68
C GLU A 400 -1.66 31.41 1.83
N ARG A 401 -1.33 32.33 2.74
CA ARG A 401 -2.12 33.53 2.90
C ARG A 401 -2.18 34.31 1.59
N THR A 402 -1.05 34.43 0.90
CA THR A 402 -1.00 35.17 -0.37
C THR A 402 -1.88 34.52 -1.44
N PHE A 403 -1.86 33.19 -1.51
CA PHE A 403 -2.70 32.53 -2.50
C PHE A 403 -4.17 32.72 -2.16
N ARG A 404 -4.50 32.54 -0.88
CA ARG A 404 -5.86 32.79 -0.42
C ARG A 404 -6.33 34.16 -0.85
N ASN A 405 -5.50 35.18 -0.59
CA ASN A 405 -5.83 36.53 -0.99
C ASN A 405 -6.14 36.59 -2.47
N TRP A 406 -5.35 35.89 -3.27
CA TRP A 406 -5.59 35.93 -4.71
C TRP A 406 -6.99 35.43 -5.03
N MET A 407 -7.34 34.29 -4.47
CA MET A 407 -8.68 33.79 -4.73
C MET A 407 -9.73 34.77 -4.24
N ASN A 408 -9.48 35.39 -3.09
CA ASN A 408 -10.44 36.35 -2.56
C ASN A 408 -10.64 37.51 -3.53
N SER A 409 -9.55 38.01 -4.10
CA SER A 409 -9.65 39.13 -5.02
C SER A 409 -10.41 38.76 -6.28
N LEU A 410 -10.40 37.49 -6.65
CA LEU A 410 -10.97 37.07 -7.93
C LEU A 410 -12.48 36.81 -7.85
N GLY A 411 -13.09 36.91 -6.68
CA GLY A 411 -14.54 36.83 -6.59
C GLY A 411 -15.13 35.43 -6.65
N VAL A 412 -14.41 34.43 -6.13
CA VAL A 412 -14.96 33.08 -6.05
C VAL A 412 -16.12 33.06 -5.08
N ASN A 413 -17.24 32.50 -5.51
CA ASN A 413 -18.49 32.77 -4.81
C ASN A 413 -18.49 32.32 -3.36
N PRO A 414 -17.96 31.15 -2.97
CA PRO A 414 -17.86 30.87 -1.54
C PRO A 414 -16.74 31.69 -0.93
N HIS A 415 -16.91 32.09 0.33
CA HIS A 415 -15.95 32.98 0.95
C HIS A 415 -14.76 32.21 1.50
N VAL A 416 -13.63 32.92 1.61
CA VAL A 416 -12.39 32.30 2.01
C VAL A 416 -12.35 32.16 3.53
N ASN A 417 -11.85 31.02 3.99
CA ASN A 417 -11.61 30.86 5.41
C ASN A 417 -10.15 30.58 5.70
N HIS A 418 -9.62 29.53 5.10
CA HIS A 418 -8.21 29.20 5.19
C HIS A 418 -7.91 28.04 4.27
N LEU A 419 -6.66 28.00 3.80
CA LEU A 419 -6.28 27.16 2.68
C LEU A 419 -6.53 25.68 2.93
N TYR A 420 -6.45 25.22 4.18
CA TYR A 420 -6.67 23.80 4.41
C TYR A 420 -8.14 23.41 4.25
N ALA A 421 -9.04 24.18 4.83
CA ALA A 421 -10.46 23.92 4.62
C ALA A 421 -10.90 24.36 3.24
N ASP A 422 -10.46 25.53 2.82
CA ASP A 422 -10.79 26.02 1.50
C ASP A 422 -10.20 25.09 0.44
N LEU A 423 -10.92 24.95 -0.67
CA LEU A 423 -10.61 23.99 -1.74
C LEU A 423 -10.47 22.60 -1.16
N GLN A 424 -11.59 22.11 -0.66
CA GLN A 424 -11.76 20.69 -0.40
C GLN A 424 -12.83 20.12 -1.33
N ASP A 425 -13.05 20.79 -2.45
CA ASP A 425 -14.12 20.44 -3.37
C ASP A 425 -13.74 20.89 -4.77
N ALA A 426 -14.41 20.30 -5.75
CA ALA A 426 -14.15 20.65 -7.15
C ALA A 426 -14.67 22.04 -7.47
N LEU A 427 -15.77 22.45 -6.85
CA LEU A 427 -16.40 23.71 -7.20
C LEU A 427 -15.38 24.84 -7.15
N VAL A 428 -14.51 24.83 -6.15
CA VAL A 428 -13.47 25.83 -6.06
C VAL A 428 -12.56 25.78 -7.27
N ILE A 429 -11.88 24.64 -7.44
CA ILE A 429 -10.94 24.53 -8.52
C ILE A 429 -11.64 24.70 -9.85
N LEU A 430 -12.92 24.37 -9.91
CA LEU A 430 -13.63 24.59 -11.14
C LEU A 430 -13.81 26.07 -11.42
N GLN A 431 -14.11 26.85 -10.38
CA GLN A 431 -14.17 28.29 -10.56
C GLN A 431 -12.82 28.81 -11.05
N LEU A 432 -11.76 28.24 -10.50
CA LEU A 432 -10.44 28.56 -11.01
C LEU A 432 -10.33 28.22 -12.48
N TYR A 433 -10.77 27.03 -12.85
CA TYR A 433 -10.77 26.60 -14.24
C TYR A 433 -11.52 27.58 -15.11
N GLU A 434 -12.55 28.19 -14.55
CA GLU A 434 -13.23 29.24 -15.27
C GLU A 434 -12.28 30.38 -15.57
N ARG A 435 -11.62 30.88 -14.54
CA ARG A 435 -10.80 32.04 -14.77
C ARG A 435 -9.70 31.79 -15.78
N ILE A 436 -9.37 30.53 -16.05
CA ILE A 436 -8.38 30.20 -17.05
C ILE A 436 -9.11 29.87 -18.35
N LYS A 437 -10.38 30.23 -18.43
CA LYS A 437 -11.14 30.14 -19.67
C LYS A 437 -11.25 28.70 -20.15
N VAL A 438 -11.03 27.74 -19.27
CA VAL A 438 -11.19 26.36 -19.69
C VAL A 438 -12.66 25.98 -19.65
N PRO A 439 -13.22 25.42 -20.71
CA PRO A 439 -14.64 25.06 -20.71
C PRO A 439 -14.96 23.96 -19.71
N VAL A 440 -16.18 24.01 -19.16
CA VAL A 440 -16.60 23.14 -18.06
C VAL A 440 -17.89 22.43 -18.45
N ASP A 441 -17.91 21.11 -18.31
CA ASP A 441 -19.16 20.38 -18.48
C ASP A 441 -19.91 20.43 -17.16
N TRP A 442 -20.78 21.41 -17.06
CA TRP A 442 -21.59 21.56 -15.87
C TRP A 442 -22.51 20.37 -15.65
N SER A 443 -22.90 19.67 -16.72
CA SER A 443 -23.74 18.50 -16.53
C SER A 443 -23.06 17.51 -15.61
N LYS A 444 -21.74 17.44 -15.67
CA LYS A 444 -20.99 16.58 -14.79
C LYS A 444 -20.68 17.27 -13.48
N VAL A 445 -21.22 18.44 -13.26
CA VAL A 445 -20.98 19.21 -12.05
C VAL A 445 -22.22 19.13 -11.18
N ASN A 446 -22.03 18.93 -9.87
CA ASN A 446 -23.20 18.72 -8.99
C ASN A 446 -23.39 19.65 -7.79
N LYS A 447 -23.87 19.13 -6.67
CA LYS A 447 -24.19 19.97 -5.52
C LYS A 447 -23.24 19.96 -4.32
N PRO A 448 -23.18 21.08 -3.58
CA PRO A 448 -22.35 21.11 -2.36
C PRO A 448 -22.86 20.57 -0.99
N PRO A 449 -24.13 20.82 -0.55
CA PRO A 449 -24.51 20.35 0.80
C PRO A 449 -24.25 18.86 0.97
N TYR A 450 -24.91 18.02 0.17
CA TYR A 450 -24.62 16.57 0.16
C TYR A 450 -25.11 15.63 1.34
N PRO A 451 -26.22 14.77 1.15
CA PRO A 451 -26.68 13.97 2.28
C PRO A 451 -25.92 12.67 2.45
N LYS A 452 -26.32 11.88 3.44
CA LYS A 452 -25.72 10.57 3.64
C LYS A 452 -25.75 9.76 2.35
N LEU A 453 -26.89 9.76 1.68
CA LEU A 453 -26.93 9.41 0.28
C LEU A 453 -26.55 10.65 -0.51
N GLY A 454 -25.68 10.48 -1.49
CA GLY A 454 -25.08 11.63 -2.12
C GLY A 454 -23.99 12.23 -1.27
N ALA A 455 -23.10 11.41 -0.75
CA ALA A 455 -22.05 11.84 0.17
C ALA A 455 -20.71 12.17 -0.51
N ASN A 456 -19.67 12.22 0.32
CA ASN A 456 -18.33 12.48 -0.14
C ASN A 456 -17.94 11.63 -1.34
N MET A 457 -18.60 10.50 -1.55
CA MET A 457 -18.26 9.71 -2.73
C MET A 457 -18.67 10.41 -4.02
N LYS A 458 -19.89 10.92 -4.07
CA LYS A 458 -20.24 11.75 -5.21
C LYS A 458 -19.31 12.96 -5.29
N LYS A 459 -18.96 13.49 -4.12
CA LYS A 459 -17.92 14.53 -4.13
C LYS A 459 -16.70 14.03 -4.86
N LEU A 460 -16.29 12.79 -4.60
CA LEU A 460 -15.11 12.23 -5.23
C LEU A 460 -15.25 12.17 -6.72
N GLU A 461 -16.45 11.80 -7.18
CA GLU A 461 -16.71 11.87 -8.61
C GLU A 461 -16.32 13.24 -9.14
N ASN A 462 -16.81 14.28 -8.48
CA ASN A 462 -16.43 15.61 -8.93
C ASN A 462 -14.93 15.84 -8.81
N CYS A 463 -14.34 15.30 -7.76
CA CYS A 463 -12.95 15.60 -7.44
C CYS A 463 -12.03 15.07 -8.53
N ASN A 464 -12.08 13.77 -8.77
CA ASN A 464 -11.23 13.21 -9.80
C ASN A 464 -11.57 13.81 -11.16
N TYR A 465 -12.85 14.13 -11.39
CA TYR A 465 -13.18 14.87 -12.59
C TYR A 465 -12.25 16.07 -12.73
N ALA A 466 -12.08 16.80 -11.63
CA ALA A 466 -11.24 17.97 -11.68
C ALA A 466 -9.81 17.64 -12.06
N VAL A 467 -9.35 16.45 -11.75
CA VAL A 467 -7.96 16.16 -12.09
C VAL A 467 -7.85 15.73 -13.55
N GLU A 468 -8.88 15.12 -14.10
CA GLU A 468 -8.90 14.97 -15.55
C GLU A 468 -8.89 16.35 -16.19
N LEU A 469 -9.61 17.27 -15.58
CA LEU A 469 -9.52 18.65 -15.96
C LEU A 469 -8.14 19.18 -15.67
N GLY A 470 -7.73 20.17 -16.43
CA GLY A 470 -6.38 20.72 -16.29
C GLY A 470 -5.41 19.87 -17.07
N LYS A 471 -5.52 18.56 -16.89
CA LYS A 471 -4.66 17.65 -17.62
C LYS A 471 -5.27 17.44 -18.98
N HIS A 472 -6.42 18.07 -19.21
CA HIS A 472 -7.01 18.00 -20.55
C HIS A 472 -6.10 18.76 -21.51
N PRO A 473 -5.75 20.05 -21.21
CA PRO A 473 -4.76 20.66 -22.10
C PRO A 473 -3.36 20.32 -21.60
N ALA A 474 -3.24 19.63 -20.46
CA ALA A 474 -1.95 19.23 -19.90
C ALA A 474 -0.93 20.34 -19.68
N LYS A 475 0.34 20.06 -19.94
CA LYS A 475 1.43 21.05 -19.78
C LYS A 475 1.70 21.56 -18.35
N PHE A 476 0.74 21.47 -17.46
CA PHE A 476 0.92 22.03 -16.12
C PHE A 476 1.75 21.14 -15.20
N SER A 477 2.27 20.03 -15.72
CA SER A 477 3.15 19.13 -14.96
C SER A 477 2.47 18.56 -13.73
N LEU A 478 1.15 18.42 -13.78
CA LEU A 478 0.38 18.04 -12.61
C LEU A 478 0.16 16.54 -12.48
N VAL A 479 0.97 15.74 -13.17
CA VAL A 479 0.68 14.31 -13.26
C VAL A 479 0.66 13.68 -11.88
N GLY A 480 1.57 14.10 -11.00
CA GLY A 480 1.65 13.49 -9.70
C GLY A 480 0.41 13.64 -8.85
N ILE A 481 -0.48 14.55 -9.21
CA ILE A 481 -1.65 14.83 -8.40
C ILE A 481 -2.67 13.71 -8.58
N GLY A 482 -3.13 13.14 -7.47
CA GLY A 482 -4.12 12.09 -7.54
C GLY A 482 -5.53 12.61 -7.32
N GLY A 483 -6.48 12.01 -8.04
CA GLY A 483 -7.85 12.49 -8.02
C GLY A 483 -8.55 12.27 -6.70
N GLN A 484 -8.03 11.37 -5.87
CA GLN A 484 -8.62 11.09 -4.57
C GLN A 484 -7.93 11.82 -3.44
N ASP A 485 -6.93 12.63 -3.74
CA ASP A 485 -6.11 13.20 -2.68
C ASP A 485 -6.67 14.48 -2.09
N LEU A 486 -7.70 15.08 -2.71
CA LEU A 486 -8.28 16.29 -2.15
C LEU A 486 -8.88 16.02 -0.78
N ASN A 487 -9.57 14.89 -0.64
CA ASN A 487 -10.00 14.46 0.67
C ASN A 487 -8.79 14.17 1.55
N ASP A 488 -7.76 13.55 0.97
CA ASP A 488 -6.55 13.27 1.73
C ASP A 488 -5.86 14.55 2.16
N GLY A 489 -5.79 15.53 1.27
CA GLY A 489 -5.23 16.82 1.62
C GLY A 489 -3.74 16.86 1.91
N ASN A 490 -2.92 16.20 1.10
CA ASN A 490 -1.48 16.28 1.29
C ASN A 490 -0.98 17.69 1.05
N GLN A 491 -0.22 18.19 2.01
CA GLN A 491 0.14 19.60 2.01
C GLN A 491 0.91 19.97 0.74
N THR A 492 1.97 19.23 0.43
CA THR A 492 2.76 19.64 -0.73
C THR A 492 1.98 19.42 -2.00
N LEU A 493 1.22 18.33 -2.06
CA LEU A 493 0.33 18.14 -3.20
C LEU A 493 -0.61 19.30 -3.34
N THR A 494 -1.18 19.71 -2.20
CA THR A 494 -2.06 20.87 -2.16
C THR A 494 -1.42 22.06 -2.84
N LEU A 495 -0.30 22.51 -2.28
CA LEU A 495 0.32 23.74 -2.76
C LEU A 495 0.75 23.60 -4.21
N ALA A 496 1.18 22.39 -4.57
CA ALA A 496 1.63 22.13 -5.93
C ALA A 496 0.54 22.45 -6.92
N LEU A 497 -0.65 21.90 -6.70
CA LEU A 497 -1.63 22.01 -7.77
C LEU A 497 -2.12 23.43 -7.99
N VAL A 498 -1.78 24.36 -7.11
CA VAL A 498 -2.38 25.69 -7.12
C VAL A 498 -1.39 26.77 -7.52
N TRP A 499 -0.15 26.68 -7.05
CA TRP A 499 0.76 27.79 -7.27
C TRP A 499 0.93 28.06 -8.74
N GLN A 500 1.07 26.99 -9.52
CA GLN A 500 1.20 27.13 -10.97
C GLN A 500 -0.03 27.80 -11.54
N LEU A 501 -1.19 27.52 -10.98
CA LEU A 501 -2.39 28.17 -11.47
C LEU A 501 -2.25 29.67 -11.34
N MET A 502 -1.88 30.13 -10.15
CA MET A 502 -1.77 31.57 -9.97
C MET A 502 -0.72 32.15 -10.90
N ARG A 503 0.39 31.44 -11.06
CA ARG A 503 1.43 31.89 -11.97
C ARG A 503 0.87 32.02 -13.38
N ARG A 504 0.14 31.00 -13.81
CA ARG A 504 -0.46 31.03 -15.13
C ARG A 504 -1.35 32.23 -15.29
N TYR A 505 -2.14 32.53 -14.27
CA TYR A 505 -3.05 33.66 -14.37
C TYR A 505 -2.29 34.94 -14.57
N THR A 506 -1.24 35.12 -13.80
CA THR A 506 -0.46 36.33 -13.94
C THR A 506 0.17 36.41 -15.33
N LEU A 507 0.62 35.27 -15.84
CA LEU A 507 1.13 35.23 -17.19
C LEU A 507 0.07 35.72 -18.16
N ASN A 508 -1.16 35.26 -17.95
CA ASN A 508 -2.26 35.70 -18.77
C ASN A 508 -2.43 37.21 -18.66
N VAL A 509 -2.29 37.73 -17.45
CA VAL A 509 -2.43 39.17 -17.26
C VAL A 509 -1.38 39.90 -18.08
N LEU A 510 -0.14 39.42 -18.01
CA LEU A 510 0.94 40.04 -18.78
C LEU A 510 0.63 40.02 -20.26
N GLU A 511 0.17 38.88 -20.75
CA GLU A 511 -0.18 38.77 -22.16
C GLU A 511 -1.34 39.70 -22.50
N ASP A 512 -2.30 39.80 -21.59
CA ASP A 512 -3.50 40.60 -21.83
C ASP A 512 -3.14 42.06 -21.97
N LEU A 513 -2.34 42.58 -21.04
CA LEU A 513 -2.02 43.98 -21.08
C LEU A 513 -0.85 44.28 -22.00
N GLY A 514 -0.24 43.24 -22.60
CA GLY A 514 0.83 43.43 -23.54
C GLY A 514 0.34 43.55 -24.98
N ASP A 515 1.30 43.82 -25.88
CA ASP A 515 1.00 43.97 -27.31
C ASP A 515 0.96 42.64 -28.05
N GLY A 516 0.21 41.67 -27.55
CA GLY A 516 0.21 40.35 -28.11
C GLY A 516 1.32 39.45 -27.59
N GLN A 517 2.08 39.90 -26.60
CA GLN A 517 3.11 39.08 -25.97
C GLN A 517 3.17 39.44 -24.50
N LYS A 518 4.04 38.74 -23.77
CA LYS A 518 4.25 39.04 -22.36
C LYS A 518 4.83 40.43 -22.20
N ALA A 519 4.19 41.24 -21.35
CA ALA A 519 4.62 42.61 -21.17
C ALA A 519 5.99 42.68 -20.51
N ASN A 520 6.81 43.62 -20.95
CA ASN A 520 8.14 43.75 -20.40
C ASN A 520 8.20 44.84 -19.35
N ASP A 521 9.18 44.72 -18.46
CA ASP A 521 9.28 45.63 -17.34
C ASP A 521 9.39 47.07 -17.80
N ASP A 522 10.19 47.32 -18.84
CA ASP A 522 10.47 48.69 -19.23
C ASP A 522 9.21 49.42 -19.64
N ILE A 523 8.41 48.78 -20.51
CA ILE A 523 7.21 49.44 -21.00
C ILE A 523 6.26 49.71 -19.85
N ILE A 524 6.33 48.91 -18.79
CA ILE A 524 5.47 49.12 -17.64
C ILE A 524 5.71 50.51 -17.07
N VAL A 525 6.91 50.74 -16.55
CA VAL A 525 7.21 52.00 -15.91
C VAL A 525 7.14 53.13 -16.91
N ASN A 526 7.48 52.85 -18.18
CA ASN A 526 7.41 53.90 -19.17
C ASN A 526 5.99 54.41 -19.34
N TRP A 527 5.05 53.48 -19.52
CA TRP A 527 3.65 53.88 -19.64
C TRP A 527 3.18 54.56 -18.37
N VAL A 528 3.59 54.01 -17.23
CA VAL A 528 3.21 54.61 -15.96
C VAL A 528 3.65 56.06 -15.90
N ASN A 529 4.90 56.30 -16.24
CA ASN A 529 5.43 57.65 -16.18
C ASN A 529 4.79 58.54 -17.22
N ARG A 530 4.55 58.03 -18.42
CA ARG A 530 3.90 58.83 -19.44
C ARG A 530 2.52 59.26 -18.97
N THR A 531 1.79 58.33 -18.38
CA THR A 531 0.56 58.72 -17.69
C THR A 531 0.87 59.65 -16.55
N LEU A 532 1.90 59.33 -15.76
CA LEU A 532 2.33 60.22 -14.69
C LEU A 532 2.67 61.60 -15.23
N SER A 533 3.08 61.71 -16.49
CA SER A 533 3.50 63.01 -17.02
C SER A 533 2.29 63.91 -17.05
N GLU A 534 1.11 63.32 -17.15
CA GLU A 534 -0.09 64.14 -17.09
C GLU A 534 -0.37 64.68 -15.70
N ALA A 535 0.29 64.13 -14.68
CA ALA A 535 0.06 64.54 -13.29
C ALA A 535 1.37 64.59 -12.52
N GLY A 536 2.40 65.19 -13.10
CA GLY A 536 3.73 65.07 -12.54
C GLY A 536 4.04 65.89 -11.30
N LYS A 537 3.10 65.98 -10.36
CA LYS A 537 3.42 66.56 -9.06
C LYS A 537 4.52 65.76 -8.39
N SER A 538 4.52 64.45 -8.60
CA SER A 538 5.63 63.58 -8.26
C SER A 538 6.55 63.47 -9.46
N THR A 539 7.81 63.15 -9.19
CA THR A 539 8.79 63.06 -10.26
C THR A 539 8.45 61.94 -11.22
N SER A 540 8.53 60.69 -10.75
CA SER A 540 8.38 59.52 -11.61
C SER A 540 8.48 58.25 -10.78
N ILE A 541 8.34 57.10 -11.43
CA ILE A 541 8.75 55.82 -10.86
C ILE A 541 10.04 55.40 -11.55
N GLN A 542 11.00 54.92 -10.77
CA GLN A 542 12.36 54.73 -11.26
C GLN A 542 12.73 53.27 -11.43
N SER A 543 12.41 52.43 -10.44
CA SER A 543 12.73 51.02 -10.55
C SER A 543 11.80 50.20 -9.68
N PHE A 544 11.66 48.93 -10.05
CA PHE A 544 10.94 48.00 -9.20
C PHE A 544 11.69 47.72 -7.92
N LYS A 545 13.01 47.88 -7.94
CA LYS A 545 13.79 47.73 -6.72
C LYS A 545 13.91 49.02 -5.95
N ASP A 546 13.11 50.04 -6.27
CA ASP A 546 13.15 51.31 -5.56
C ASP A 546 12.70 51.16 -4.11
N LYS A 547 13.63 51.36 -3.17
CA LYS A 547 13.32 51.23 -1.75
C LYS A 547 12.36 52.31 -1.27
N THR A 548 12.33 53.48 -1.92
CA THR A 548 11.51 54.58 -1.47
C THR A 548 10.05 54.30 -1.84
N ILE A 549 9.46 53.36 -1.09
CA ILE A 549 8.08 52.94 -1.31
C ILE A 549 7.08 54.06 -1.00
N SER A 550 7.53 55.14 -0.36
CA SER A 550 6.70 56.32 -0.21
C SER A 550 6.05 56.75 -1.51
N SER A 551 6.70 56.43 -2.63
CA SER A 551 6.14 56.68 -3.94
C SER A 551 4.76 56.06 -4.14
N SER A 552 4.32 55.21 -3.23
CA SER A 552 2.96 54.70 -3.30
C SER A 552 1.95 55.84 -3.40
N LEU A 553 2.21 56.94 -2.70
CA LEU A 553 1.34 58.10 -2.81
C LEU A 553 1.25 58.57 -4.25
N ALA A 554 2.34 58.43 -5.00
CA ALA A 554 2.29 58.79 -6.40
C ALA A 554 1.44 57.81 -7.19
N VAL A 555 1.42 56.53 -6.81
CA VAL A 555 0.50 55.61 -7.45
C VAL A 555 -0.92 56.12 -7.27
N VAL A 556 -1.23 56.57 -6.06
CA VAL A 556 -2.55 57.12 -5.82
C VAL A 556 -2.76 58.39 -6.62
N ASP A 557 -1.73 59.19 -6.77
CA ASP A 557 -1.87 60.39 -7.57
C ASP A 557 -2.16 60.04 -9.02
N LEU A 558 -1.57 58.96 -9.50
CA LEU A 558 -1.88 58.48 -10.84
C LEU A 558 -3.34 58.07 -10.91
N ILE A 559 -3.80 57.40 -9.86
CA ILE A 559 -5.21 57.09 -9.75
C ILE A 559 -6.03 58.37 -9.86
N ASP A 560 -5.63 59.38 -9.09
CA ASP A 560 -6.29 60.67 -9.13
C ASP A 560 -6.31 61.23 -10.53
N ALA A 561 -5.23 61.00 -11.27
CA ALA A 561 -5.17 61.44 -12.65
C ALA A 561 -6.26 60.78 -13.46
N ILE A 562 -6.42 59.47 -13.28
CA ILE A 562 -7.50 58.79 -14.00
C ILE A 562 -8.86 59.25 -13.47
N GLN A 563 -9.02 59.25 -12.15
CA GLN A 563 -10.27 59.67 -11.53
C GLN A 563 -9.99 60.30 -10.18
N PRO A 564 -10.32 61.57 -9.99
CA PRO A 564 -10.16 62.20 -8.67
C PRO A 564 -11.27 61.91 -7.67
N GLY A 565 -12.25 61.05 -8.00
CA GLY A 565 -13.40 60.83 -7.14
C GLY A 565 -13.15 60.27 -5.75
N CYS A 566 -13.72 60.95 -4.74
CA CYS A 566 -13.87 60.46 -3.36
C CYS A 566 -12.57 59.96 -2.72
N ILE A 567 -11.42 60.50 -3.11
CA ILE A 567 -10.15 60.12 -2.48
C ILE A 567 -9.87 61.04 -1.30
N ASN A 568 -9.04 60.57 -0.37
CA ASN A 568 -8.71 61.35 0.82
C ASN A 568 -7.25 61.78 0.76
N TYR A 569 -7.03 62.97 0.23
CA TYR A 569 -5.69 63.54 0.27
C TYR A 569 -5.45 64.38 1.50
N ASP A 570 -6.48 64.63 2.30
CA ASP A 570 -6.21 65.05 3.67
C ASP A 570 -5.54 63.92 4.43
N LEU A 571 -5.89 62.68 4.09
CA LEU A 571 -5.14 61.55 4.61
C LEU A 571 -3.73 61.52 4.07
N VAL A 572 -3.50 62.16 2.91
CA VAL A 572 -2.20 62.08 2.26
C VAL A 572 -1.19 62.98 2.97
N LYS A 573 0.06 62.48 3.04
CA LYS A 573 1.15 63.12 3.76
C LYS A 573 2.38 63.21 2.87
N SER A 574 3.26 64.17 3.17
CA SER A 574 4.44 64.42 2.36
C SER A 574 5.45 63.27 2.49
N GLY A 575 6.52 63.37 1.70
CA GLY A 575 7.46 62.26 1.56
C GLY A 575 8.13 61.83 2.84
N ASN A 576 8.16 62.69 3.86
CA ASN A 576 8.73 62.29 5.14
C ASN A 576 7.74 61.47 5.94
N LEU A 577 7.32 60.36 5.36
CA LEU A 577 6.34 59.50 6.00
C LEU A 577 6.97 58.74 7.17
N THR A 578 6.11 58.12 7.96
CA THR A 578 6.53 57.20 9.00
C THR A 578 5.88 55.85 8.78
N GLU A 579 6.35 54.85 9.53
CA GLU A 579 5.91 53.48 9.30
C GLU A 579 4.41 53.33 9.49
N ASP A 580 3.84 54.07 10.45
CA ASP A 580 2.41 54.04 10.64
C ASP A 580 1.69 54.56 9.41
N ASP A 581 2.20 55.65 8.83
CA ASP A 581 1.65 56.13 7.58
C ASP A 581 1.74 55.04 6.51
N LYS A 582 2.84 54.29 6.49
CA LYS A 582 2.99 53.23 5.51
C LYS A 582 1.96 52.12 5.72
N HIS A 583 1.72 51.74 6.96
CA HIS A 583 0.70 50.73 7.24
C HIS A 583 -0.67 51.23 6.81
N ASN A 584 -0.97 52.49 7.12
CA ASN A 584 -2.22 53.09 6.66
C ASN A 584 -2.32 53.03 5.14
N ASN A 585 -1.25 53.43 4.47
CA ASN A 585 -1.19 53.49 3.02
C ASN A 585 -1.40 52.11 2.41
N ALA A 586 -0.76 51.10 3.00
CA ALA A 586 -0.81 49.76 2.43
C ALA A 586 -2.24 49.33 2.20
N LYS A 587 -3.08 49.46 3.20
CA LYS A 587 -4.46 49.06 3.03
C LYS A 587 -5.27 50.08 2.25
N TYR A 588 -5.05 51.38 2.49
CA TYR A 588 -5.90 52.38 1.85
C TYR A 588 -5.77 52.33 0.34
N ALA A 589 -4.54 52.25 -0.15
CA ALA A 589 -4.34 52.18 -1.59
C ALA A 589 -5.01 50.95 -2.17
N VAL A 590 -4.84 49.81 -1.50
CA VAL A 590 -5.45 48.58 -1.97
C VAL A 590 -6.95 48.75 -2.07
N SER A 591 -7.54 49.32 -1.03
CA SER A 591 -8.97 49.53 -1.00
C SER A 591 -9.40 50.38 -2.18
N MET A 592 -8.71 51.50 -2.37
CA MET A 592 -9.08 52.40 -3.45
C MET A 592 -9.02 51.66 -4.78
N ALA A 593 -7.92 50.95 -5.01
CA ALA A 593 -7.75 50.25 -6.28
C ALA A 593 -8.85 49.23 -6.48
N ARG A 594 -9.12 48.44 -5.44
CA ARG A 594 -10.13 47.41 -5.55
C ARG A 594 -11.48 48.02 -5.88
N ARG A 595 -11.83 49.10 -5.20
CA ARG A 595 -13.13 49.71 -5.45
C ARG A 595 -13.20 50.33 -6.83
N ILE A 596 -12.08 50.79 -7.37
CA ILE A 596 -12.08 51.28 -8.74
C ILE A 596 -12.31 50.14 -9.71
N GLY A 597 -11.83 48.95 -9.37
CA GLY A 597 -12.05 47.82 -10.25
C GLY A 597 -10.81 46.98 -10.39
N ALA A 598 -9.77 47.29 -9.63
CA ALA A 598 -8.51 46.58 -9.77
C ALA A 598 -8.60 45.19 -9.16
N ARG A 599 -8.26 44.17 -9.95
CA ARG A 599 -8.05 42.81 -9.45
C ARG A 599 -6.69 42.75 -8.77
N VAL A 600 -6.63 43.32 -7.57
CA VAL A 600 -5.38 43.45 -6.84
C VAL A 600 -4.92 42.07 -6.40
N TYR A 601 -3.78 41.59 -6.93
CA TYR A 601 -3.30 40.28 -6.52
C TYR A 601 -2.35 40.34 -5.35
N ALA A 602 -1.65 41.45 -5.15
CA ALA A 602 -0.67 41.53 -4.08
C ALA A 602 -1.35 41.69 -2.72
N LEU A 603 -0.63 41.28 -1.67
CA LEU A 603 -1.00 41.63 -0.30
C LEU A 603 -0.53 43.04 0.03
N PRO A 604 -1.22 43.74 0.92
CA PRO A 604 -0.85 45.14 1.21
C PRO A 604 0.55 45.30 1.76
N GLU A 605 1.18 44.24 2.28
CA GLU A 605 2.49 44.38 2.89
C GLU A 605 3.54 44.90 1.93
N ASP A 606 3.33 44.76 0.62
CA ASP A 606 4.33 45.21 -0.34
C ASP A 606 4.69 46.67 -0.11
N LEU A 607 3.77 47.44 0.44
CA LEU A 607 4.08 48.82 0.78
C LEU A 607 5.10 48.98 1.91
N VAL A 608 5.47 47.91 2.59
CA VAL A 608 6.50 48.00 3.63
C VAL A 608 7.59 46.97 3.37
N GLU A 609 7.40 46.08 2.40
CA GLU A 609 8.37 45.01 2.16
C GLU A 609 9.10 45.11 0.82
N VAL A 610 8.66 46.00 -0.06
CA VAL A 610 9.27 46.15 -1.40
C VAL A 610 9.46 44.85 -2.17
N LYS A 611 8.37 44.28 -2.66
CA LYS A 611 8.43 43.05 -3.46
C LYS A 611 8.29 43.43 -4.96
N PRO A 612 9.40 43.45 -5.76
CA PRO A 612 9.19 43.80 -7.17
C PRO A 612 8.17 42.92 -7.88
N LYS A 613 8.01 41.67 -7.46
CA LYS A 613 7.20 40.74 -8.21
C LYS A 613 5.71 41.02 -8.11
N MET A 614 5.28 41.88 -7.21
CA MET A 614 3.85 42.06 -6.99
C MET A 614 3.31 43.38 -7.48
N VAL A 615 4.16 44.40 -7.53
CA VAL A 615 3.66 45.77 -7.70
C VAL A 615 2.92 45.95 -9.00
N MET A 616 3.22 45.14 -10.00
CA MET A 616 2.56 45.30 -11.28
C MET A 616 1.05 45.19 -11.20
N THR A 617 0.54 44.73 -10.07
CA THR A 617 -0.90 44.51 -9.95
C THR A 617 -1.67 45.79 -10.22
N VAL A 618 -1.20 46.90 -9.66
CA VAL A 618 -1.90 48.16 -9.85
C VAL A 618 -1.81 48.62 -11.29
N PHE A 619 -0.60 48.54 -11.85
CA PHE A 619 -0.37 49.03 -13.18
C PHE A 619 -1.22 48.28 -14.18
N ALA A 620 -1.58 47.04 -13.87
CA ALA A 620 -2.45 46.29 -14.77
C ALA A 620 -3.75 47.04 -15.02
N CYS A 621 -4.53 47.29 -13.97
CA CYS A 621 -5.79 47.98 -14.15
C CYS A 621 -5.56 49.37 -14.70
N LEU A 622 -4.45 49.99 -14.31
CA LEU A 622 -4.14 51.30 -14.87
C LEU A 622 -4.07 51.24 -16.40
N MET A 623 -3.29 50.31 -16.92
CA MET A 623 -3.18 50.14 -18.36
C MET A 623 -4.53 49.82 -18.97
N GLY A 624 -5.33 49.03 -18.26
CA GLY A 624 -6.68 48.78 -18.73
C GLY A 624 -7.46 50.06 -18.94
N ARG A 625 -7.31 51.00 -18.00
CA ARG A 625 -7.93 52.31 -18.19
C ARG A 625 -7.24 53.12 -19.27
N GLY A 626 -6.07 52.70 -19.72
CA GLY A 626 -5.33 53.42 -20.75
C GLY A 626 -6.05 53.47 -22.08
N THR B 7 28.30 -49.01 17.53
CA THR B 7 27.70 -50.07 16.73
C THR B 7 27.47 -49.60 15.30
N THR B 8 26.37 -48.88 15.07
CA THR B 8 26.09 -48.27 13.78
C THR B 8 25.26 -47.02 13.99
N ALA B 9 25.35 -46.10 13.04
CA ALA B 9 24.71 -44.79 13.19
C ALA B 9 23.30 -44.81 12.61
N LEU B 10 22.44 -43.98 13.21
CA LEU B 10 21.07 -43.81 12.76
C LEU B 10 20.95 -42.50 12.00
N VAL B 11 20.27 -42.55 10.85
CA VAL B 11 20.05 -41.37 10.01
C VAL B 11 18.58 -41.03 10.05
N CYS B 12 18.26 -39.84 10.56
CA CYS B 12 16.87 -39.38 10.68
C CYS B 12 16.73 -38.03 9.99
N ASP B 13 16.02 -38.01 8.88
CA ASP B 13 15.74 -36.78 8.12
C ASP B 13 14.32 -36.35 8.46
N ASN B 14 14.21 -35.34 9.34
CA ASN B 14 12.92 -34.84 9.78
C ASN B 14 12.49 -33.70 8.86
N GLY B 15 11.70 -34.04 7.84
CA GLY B 15 11.13 -33.04 6.96
C GLY B 15 9.87 -32.42 7.55
N SER B 16 9.36 -31.40 6.84
CA SER B 16 8.13 -30.75 7.27
C SER B 16 6.93 -31.69 7.15
N GLY B 17 6.89 -32.50 6.09
CA GLY B 17 5.78 -33.39 5.88
C GLY B 17 6.07 -34.85 6.18
N LEU B 18 7.25 -35.33 5.79
CA LEU B 18 7.59 -36.74 5.88
C LEU B 18 8.83 -36.97 6.73
N VAL B 19 8.82 -38.08 7.45
CA VAL B 19 9.94 -38.51 8.29
C VAL B 19 10.65 -39.63 7.56
N LYS B 20 11.96 -39.46 7.34
CA LYS B 20 12.76 -40.50 6.70
C LYS B 20 13.76 -40.94 7.76
N ALA B 21 13.88 -42.24 7.98
CA ALA B 21 14.76 -42.80 9.01
C ALA B 21 15.33 -44.14 8.57
N GLY B 22 16.48 -44.48 9.13
CA GLY B 22 17.14 -45.73 8.80
C GLY B 22 18.52 -45.82 9.42
N PHE B 23 19.36 -46.68 8.84
CA PHE B 23 20.70 -46.93 9.32
C PHE B 23 21.72 -46.49 8.28
N ALA B 24 22.85 -45.98 8.75
CA ALA B 24 23.93 -45.59 7.84
C ALA B 24 24.45 -46.80 7.09
N GLY B 25 24.79 -46.59 5.82
CA GLY B 25 25.21 -47.66 4.95
C GLY B 25 24.11 -48.28 4.13
N ASP B 26 22.85 -48.10 4.53
CA ASP B 26 21.74 -48.55 3.71
C ASP B 26 21.49 -47.59 2.56
N ASP B 27 20.99 -48.13 1.46
CA ASP B 27 20.74 -47.33 0.26
C ASP B 27 19.36 -46.69 0.25
N ALA B 28 18.52 -46.98 1.24
CA ALA B 28 17.18 -46.40 1.30
C ALA B 28 16.76 -46.31 2.76
N PRO B 29 15.94 -45.32 3.12
CA PRO B 29 15.43 -45.25 4.50
C PRO B 29 14.53 -46.44 4.81
N ARG B 30 14.67 -46.96 6.03
CA ARG B 30 13.88 -48.10 6.45
C ARG B 30 12.46 -47.70 6.82
N ALA B 31 12.27 -46.49 7.35
CA ALA B 31 10.97 -46.02 7.80
C ALA B 31 10.66 -44.69 7.14
N VAL B 32 9.49 -44.61 6.50
CA VAL B 32 9.00 -43.39 5.86
C VAL B 32 7.53 -43.24 6.23
N PHE B 33 7.21 -42.22 7.01
CA PHE B 33 5.85 -42.03 7.50
C PHE B 33 5.57 -40.55 7.69
N PRO B 34 4.30 -40.15 7.69
CA PRO B 34 3.99 -38.73 7.82
C PRO B 34 4.40 -38.16 9.17
N SER B 35 4.79 -36.88 9.15
CA SER B 35 5.24 -36.17 10.35
C SER B 35 4.05 -35.42 10.97
N ILE B 36 3.16 -36.20 11.59
CA ILE B 36 1.91 -35.68 12.11
C ILE B 36 1.61 -36.30 13.47
N VAL B 37 0.69 -35.67 14.19
CA VAL B 37 0.10 -36.22 15.40
C VAL B 37 -1.40 -35.98 15.34
N GLY B 38 -2.19 -37.00 15.61
CA GLY B 38 -3.64 -36.92 15.54
C GLY B 38 -4.27 -37.12 16.91
N ARG B 39 -5.32 -36.34 17.18
CA ARG B 39 -6.07 -36.42 18.43
C ARG B 39 -7.56 -36.44 18.15
N PRO B 40 -8.34 -37.14 18.98
CA PRO B 40 -9.77 -37.27 18.70
C PRO B 40 -10.51 -35.95 18.85
N ARG B 41 -11.58 -35.80 18.06
CA ARG B 41 -12.40 -34.60 18.10
C ARG B 41 -13.89 -34.91 18.24
N HIS B 42 -14.23 -36.14 18.62
CA HIS B 42 -15.63 -36.55 18.79
C HIS B 42 -15.78 -37.33 20.11
N GLN B 43 -17.03 -37.46 20.54
CA GLN B 43 -17.31 -38.11 21.83
C GLN B 43 -17.22 -39.63 21.69
N GLY B 44 -16.39 -40.24 22.54
CA GLY B 44 -16.32 -41.69 22.59
C GLY B 44 -17.54 -42.24 23.31
N VAL B 45 -18.02 -43.38 22.82
CA VAL B 45 -19.28 -43.93 23.32
C VAL B 45 -19.18 -45.42 23.64
N MET B 46 -18.05 -46.05 23.29
CA MET B 46 -17.83 -47.47 23.55
C MET B 46 -16.75 -47.61 24.62
N VAL B 47 -17.02 -48.43 25.63
CA VAL B 47 -16.12 -48.55 26.76
C VAL B 47 -14.84 -49.26 26.32
N GLY B 48 -13.70 -48.71 26.73
CA GLY B 48 -12.40 -49.31 26.47
C GLY B 48 -11.75 -48.94 25.16
N MET B 49 -12.43 -48.17 24.31
CA MET B 49 -11.88 -47.81 23.01
C MET B 49 -11.29 -46.41 22.97
N GLY B 50 -11.79 -45.49 23.80
CA GLY B 50 -11.34 -44.12 23.77
C GLY B 50 -10.14 -43.79 24.64
N GLN B 51 -9.42 -44.81 25.10
CA GLN B 51 -8.32 -44.59 26.04
C GLN B 51 -7.10 -43.98 25.36
N LYS B 52 -6.96 -44.15 24.05
CA LYS B 52 -5.77 -43.70 23.34
C LYS B 52 -5.90 -42.20 23.06
N ASP B 53 -4.97 -41.41 23.60
CA ASP B 53 -5.10 -39.96 23.53
C ASP B 53 -4.59 -39.37 22.23
N SER B 54 -3.64 -40.03 21.57
CA SER B 54 -3.02 -39.44 20.39
C SER B 54 -2.59 -40.53 19.42
N TYR B 55 -2.46 -40.14 18.15
CA TYR B 55 -2.02 -41.00 17.08
C TYR B 55 -0.92 -40.27 16.34
N VAL B 56 0.10 -41.02 15.88
CA VAL B 56 1.29 -40.36 15.37
C VAL B 56 1.56 -40.72 13.92
N GLY B 57 1.83 -41.99 13.64
CA GLY B 57 2.32 -42.38 12.33
C GLY B 57 1.24 -42.59 11.29
N ASP B 58 1.37 -43.65 10.50
CA ASP B 58 0.37 -43.96 9.49
C ASP B 58 -0.96 -44.32 10.11
N GLU B 59 -0.99 -44.70 11.39
CA GLU B 59 -2.26 -44.95 12.05
C GLU B 59 -3.07 -43.67 12.20
N ALA B 60 -2.39 -42.54 12.41
CA ALA B 60 -3.09 -41.25 12.40
C ALA B 60 -3.69 -40.97 11.04
N GLN B 61 -2.95 -41.29 9.96
CA GLN B 61 -3.45 -41.10 8.60
C GLN B 61 -4.65 -41.98 8.33
N SER B 62 -4.62 -43.22 8.80
CA SER B 62 -5.70 -44.16 8.54
C SER B 62 -6.96 -43.83 9.33
N LYS B 63 -6.81 -43.23 10.51
CA LYS B 63 -7.95 -42.89 11.36
C LYS B 63 -8.26 -41.39 11.35
N ARG B 64 -7.85 -40.69 10.30
CA ARG B 64 -7.98 -39.23 10.26
C ARG B 64 -9.42 -38.75 10.26
N GLY B 65 -10.39 -39.63 9.94
CA GLY B 65 -11.78 -39.22 9.87
C GLY B 65 -12.35 -38.77 11.21
N ILE B 66 -11.79 -39.25 12.31
CA ILE B 66 -12.23 -38.88 13.65
C ILE B 66 -11.17 -38.08 14.40
N LEU B 67 -10.12 -37.64 13.70
CA LEU B 67 -8.99 -37.01 14.34
C LEU B 67 -8.76 -35.63 13.73
N THR B 68 -8.11 -34.78 14.51
CA THR B 68 -7.54 -33.54 14.02
C THR B 68 -6.03 -33.72 13.91
N LEU B 69 -5.46 -33.30 12.78
CA LEU B 69 -4.07 -33.60 12.44
C LEU B 69 -3.21 -32.36 12.56
N LYS B 70 -2.08 -32.50 13.26
CA LYS B 70 -1.15 -31.40 13.47
C LYS B 70 0.24 -31.80 12.99
N TYR B 71 0.87 -30.91 12.23
CA TYR B 71 2.28 -31.09 11.85
C TYR B 71 3.17 -30.35 12.84
N PRO B 72 4.03 -31.05 13.58
CA PRO B 72 4.91 -30.34 14.53
C PRO B 72 5.87 -29.37 13.85
N ILE B 73 6.28 -29.65 12.62
CA ILE B 73 7.26 -28.83 11.91
C ILE B 73 6.54 -28.05 10.82
N GLU B 74 6.78 -26.74 10.78
CA GLU B 74 6.28 -25.90 9.71
C GLU B 74 7.43 -25.08 9.17
N HIC B 75 7.61 -25.10 7.85
CA HIC B 75 8.65 -24.38 7.19
C HIC B 75 10.01 -24.72 7.80
O HIC B 75 10.88 -23.90 8.05
CB HIC B 75 8.51 -22.85 7.26
CG HIC B 75 7.23 -22.37 6.74
ND1 HIC B 75 6.69 -22.70 5.50
CD2 HIC B 75 6.33 -21.50 7.42
CE1 HIC B 75 5.51 -22.05 5.41
NE2 HIC B 75 5.24 -21.31 6.58
CZ HIC B 75 4.10 -20.51 6.84
N GLY B 76 10.17 -26.02 8.06
CA GLY B 76 11.42 -26.53 8.58
C GLY B 76 11.73 -26.13 10.01
N ILE B 77 10.72 -25.60 10.69
CA ILE B 77 10.85 -25.17 12.08
C ILE B 77 9.95 -26.01 12.94
N ILE B 78 10.51 -26.59 14.00
CA ILE B 78 9.77 -27.41 14.94
C ILE B 78 8.94 -26.45 15.81
N THR B 79 7.63 -26.41 15.55
CA THR B 79 6.75 -25.49 16.27
C THR B 79 6.17 -26.10 17.54
N ASN B 80 6.06 -27.43 17.60
CA ASN B 80 5.61 -28.13 18.80
C ASN B 80 6.67 -29.16 19.17
N TRP B 81 7.18 -29.08 20.40
CA TRP B 81 8.27 -29.95 20.82
C TRP B 81 7.80 -31.22 21.51
N ASP B 82 6.67 -31.17 22.22
CA ASP B 82 6.11 -32.40 22.80
C ASP B 82 5.75 -33.40 21.71
N ASP B 83 5.05 -32.92 20.67
CA ASP B 83 4.73 -33.80 19.56
C ASP B 83 5.97 -34.21 18.80
N MET B 84 6.97 -33.35 18.74
CA MET B 84 8.24 -33.74 18.13
C MET B 84 8.88 -34.89 18.89
N GLU B 85 8.83 -34.85 20.21
CA GLU B 85 9.31 -35.98 21.01
C GLU B 85 8.49 -37.24 20.76
N LYS B 86 7.17 -37.08 20.58
CA LYS B 86 6.36 -38.24 20.24
C LYS B 86 6.81 -38.87 18.93
N ILE B 87 7.09 -38.03 17.93
CA ILE B 87 7.52 -38.53 16.63
C ILE B 87 8.89 -39.20 16.74
N TRP B 88 9.80 -38.61 17.50
CA TRP B 88 11.12 -39.23 17.69
C TRP B 88 11.01 -40.55 18.43
N HIS B 89 10.16 -40.62 19.45
CA HIS B 89 9.92 -41.88 20.16
C HIS B 89 9.36 -42.93 19.22
N HIS B 90 8.39 -42.56 18.39
CA HIS B 90 7.85 -43.52 17.43
C HIS B 90 8.94 -44.01 16.48
N THR B 91 9.73 -43.08 15.93
CA THR B 91 10.80 -43.46 15.02
C THR B 91 11.75 -44.47 15.66
N PHE B 92 12.22 -44.17 16.87
CA PHE B 92 13.25 -45.00 17.48
C PHE B 92 12.70 -46.32 17.98
N TYR B 93 11.52 -46.31 18.62
CA TYR B 93 11.06 -47.50 19.32
C TYR B 93 10.05 -48.33 18.54
N ASN B 94 9.26 -47.73 17.65
CA ASN B 94 8.25 -48.44 16.88
C ASN B 94 8.65 -48.67 15.43
N GLU B 95 9.07 -47.63 14.71
CA GLU B 95 9.43 -47.81 13.31
C GLU B 95 10.78 -48.49 13.13
N LEU B 96 11.80 -48.08 13.89
CA LEU B 96 13.12 -48.69 13.77
C LEU B 96 13.37 -49.74 14.86
N ARG B 97 12.74 -49.59 16.01
CA ARG B 97 12.79 -50.57 17.10
C ARG B 97 14.22 -50.78 17.60
N VAL B 98 14.85 -49.68 18.01
CA VAL B 98 16.21 -49.67 18.52
C VAL B 98 16.27 -48.82 19.78
N ALA B 99 17.31 -49.04 20.58
CA ALA B 99 17.59 -48.21 21.74
C ALA B 99 18.53 -47.08 21.34
N PRO B 100 18.09 -45.82 21.44
CA PRO B 100 18.94 -44.69 21.00
C PRO B 100 20.23 -44.55 21.78
N GLU B 101 20.30 -45.12 22.98
CA GLU B 101 21.51 -45.02 23.79
C GLU B 101 22.68 -45.79 23.19
N GLU B 102 22.45 -46.61 22.16
CA GLU B 102 23.48 -47.45 21.57
C GLU B 102 23.91 -47.00 20.18
N HIS B 103 23.35 -45.90 19.65
CA HIS B 103 23.64 -45.48 18.29
C HIS B 103 23.90 -43.98 18.23
N PRO B 104 25.00 -43.54 17.63
CA PRO B 104 25.13 -42.13 17.27
C PRO B 104 24.11 -41.78 16.20
N THR B 105 23.60 -40.56 16.23
CA THR B 105 22.46 -40.16 15.42
C THR B 105 22.80 -38.91 14.61
N LEU B 106 22.47 -38.95 13.32
CA LEU B 106 22.68 -37.82 12.43
C LEU B 106 21.33 -37.22 12.07
N LEU B 107 21.18 -35.92 12.27
CA LEU B 107 19.96 -35.20 11.97
C LEU B 107 20.21 -34.19 10.84
N THR B 108 19.13 -33.62 10.32
CA THR B 108 19.19 -32.68 9.21
C THR B 108 18.44 -31.40 9.56
N GLU B 109 18.81 -30.31 8.88
CA GLU B 109 18.13 -29.03 9.06
C GLU B 109 18.32 -28.17 7.81
N ALA B 110 17.44 -27.17 7.67
CA ALA B 110 17.47 -26.24 6.55
C ALA B 110 18.35 -25.03 6.87
N PRO B 111 18.88 -24.36 5.85
CA PRO B 111 19.68 -23.16 6.10
C PRO B 111 18.81 -22.00 6.55
N LEU B 112 19.46 -21.01 7.14
CA LEU B 112 18.83 -19.76 7.54
C LEU B 112 17.71 -19.99 8.57
N ASN B 113 17.85 -21.04 9.35
CA ASN B 113 16.98 -21.41 10.45
C ASN B 113 17.38 -20.68 11.73
N PRO B 114 16.46 -20.49 12.67
CA PRO B 114 16.84 -19.92 13.97
C PRO B 114 17.71 -20.89 14.76
N LYS B 115 18.58 -20.33 15.62
CA LYS B 115 19.58 -21.15 16.29
C LYS B 115 18.98 -22.01 17.40
N ALA B 116 17.89 -21.53 18.00
CA ALA B 116 17.27 -22.29 19.09
C ALA B 116 16.76 -23.65 18.62
N ASN B 117 16.39 -23.77 17.34
CA ASN B 117 15.90 -25.04 16.82
C ASN B 117 16.98 -26.12 16.88
N ARG B 118 18.15 -25.81 16.33
CA ARG B 118 19.28 -26.73 16.37
C ARG B 118 19.70 -27.02 17.80
N GLU B 119 19.75 -25.99 18.64
CA GLU B 119 20.14 -26.21 20.03
C GLU B 119 19.18 -27.14 20.76
N LYS B 120 17.87 -26.94 20.57
CA LYS B 120 16.90 -27.73 21.31
C LYS B 120 16.86 -29.17 20.82
N MET B 121 17.03 -29.39 19.51
CA MET B 121 17.12 -30.78 19.07
C MET B 121 18.36 -31.47 19.63
N THR B 122 19.49 -30.74 19.74
CA THR B 122 20.67 -31.29 20.39
C THR B 122 20.38 -31.69 21.83
N GLN B 123 19.75 -30.78 22.58
CA GLN B 123 19.45 -31.05 23.98
C GLN B 123 18.50 -32.23 24.13
N ILE B 124 17.49 -32.31 23.26
CA ILE B 124 16.55 -33.43 23.32
C ILE B 124 17.27 -34.75 23.09
N MET B 125 18.15 -34.79 22.08
CA MET B 125 18.85 -36.03 21.79
C MET B 125 19.76 -36.45 22.94
N PHE B 126 20.44 -35.49 23.57
CA PHE B 126 21.37 -35.85 24.63
C PHE B 126 20.71 -36.16 25.97
N GLU B 127 19.61 -35.49 26.30
CA GLU B 127 19.03 -35.59 27.63
C GLU B 127 17.78 -36.46 27.69
N THR B 128 17.01 -36.53 26.60
CA THR B 128 15.85 -37.39 26.59
C THR B 128 16.17 -38.77 26.02
N PHE B 129 16.77 -38.83 24.84
CA PHE B 129 17.14 -40.09 24.23
C PHE B 129 18.55 -40.54 24.59
N ASN B 130 19.34 -39.66 25.20
CA ASN B 130 20.63 -40.02 25.80
C ASN B 130 21.54 -40.73 24.79
N VAL B 131 21.59 -40.19 23.58
CA VAL B 131 22.42 -40.77 22.53
C VAL B 131 23.90 -40.56 22.86
N PRO B 132 24.79 -41.44 22.41
CA PRO B 132 26.22 -41.24 22.70
C PRO B 132 26.85 -40.11 21.90
N ALA B 133 26.46 -39.94 20.65
CA ALA B 133 27.00 -38.86 19.82
C ALA B 133 25.94 -38.48 18.79
N MET B 134 26.09 -37.28 18.24
CA MET B 134 25.10 -36.79 17.29
C MET B 134 25.74 -35.81 16.33
N TYR B 135 24.98 -35.44 15.30
CA TYR B 135 25.43 -34.50 14.29
C TYR B 135 24.22 -33.95 13.55
N VAL B 136 24.30 -32.67 13.18
CA VAL B 136 23.24 -31.98 12.43
C VAL B 136 23.84 -31.48 11.12
N ALA B 137 23.31 -31.95 10.00
CA ALA B 137 23.85 -31.65 8.68
C ALA B 137 22.87 -30.83 7.84
N ILE B 138 23.39 -30.19 6.81
CA ILE B 138 22.58 -29.39 5.91
C ILE B 138 22.03 -30.29 4.82
N GLN B 139 20.71 -30.19 4.59
CA GLN B 139 20.03 -31.11 3.70
C GLN B 139 20.57 -31.01 2.27
N ALA B 140 20.82 -29.79 1.79
CA ALA B 140 21.34 -29.62 0.44
C ALA B 140 22.74 -30.21 0.30
N VAL B 141 23.58 -30.08 1.32
CA VAL B 141 24.91 -30.68 1.28
C VAL B 141 24.79 -32.18 1.14
N LEU B 142 23.91 -32.79 1.92
CA LEU B 142 23.67 -34.22 1.79
C LEU B 142 23.17 -34.57 0.39
N SER B 143 22.33 -33.71 -0.19
CA SER B 143 21.86 -33.94 -1.56
C SER B 143 23.02 -33.99 -2.54
N LEU B 144 24.00 -33.11 -2.37
CA LEU B 144 25.17 -33.16 -3.24
C LEU B 144 25.95 -34.45 -3.03
N TYR B 145 26.04 -34.91 -1.77
CA TYR B 145 26.70 -36.19 -1.52
C TYR B 145 26.03 -37.32 -2.26
N ALA B 146 24.69 -37.35 -2.26
CA ALA B 146 23.97 -38.43 -2.92
C ALA B 146 24.19 -38.42 -4.43
N SER B 147 24.44 -37.25 -5.02
CA SER B 147 24.69 -37.14 -6.45
C SER B 147 26.12 -37.50 -6.83
N GLY B 148 26.96 -37.84 -5.85
CA GLY B 148 28.34 -38.17 -6.13
C GLY B 148 29.14 -37.02 -6.69
N ARG B 149 28.86 -35.80 -6.23
CA ARG B 149 29.49 -34.61 -6.77
C ARG B 149 30.05 -33.74 -5.66
N THR B 150 31.02 -32.91 -6.02
CA THR B 150 31.58 -31.91 -5.13
C THR B 150 31.41 -30.49 -5.67
N THR B 151 30.81 -30.32 -6.85
CA THR B 151 30.56 -29.01 -7.43
C THR B 151 29.16 -28.97 -8.01
N GLY B 152 28.44 -27.89 -7.73
CA GLY B 152 27.11 -27.68 -8.25
C GLY B 152 26.26 -26.87 -7.29
N ILE B 153 25.13 -26.37 -7.80
CA ILE B 153 24.16 -25.65 -6.98
C ILE B 153 22.93 -26.53 -6.79
N VAL B 154 22.51 -26.68 -5.54
CA VAL B 154 21.45 -27.62 -5.17
C VAL B 154 20.17 -26.85 -4.89
N LEU B 155 19.09 -27.28 -5.52
CA LEU B 155 17.74 -26.74 -5.27
C LEU B 155 16.96 -27.82 -4.53
N ASP B 156 16.70 -27.57 -3.25
CA ASP B 156 15.98 -28.51 -2.40
C ASP B 156 14.59 -27.98 -2.13
N SER B 157 13.57 -28.80 -2.35
CA SER B 157 12.19 -28.38 -2.21
C SER B 157 11.36 -29.50 -1.59
N GLY B 158 10.99 -29.34 -0.32
CA GLY B 158 10.16 -30.30 0.38
C GLY B 158 8.76 -29.78 0.68
N ASP B 159 8.27 -30.03 1.89
CA ASP B 159 6.91 -29.65 2.24
C ASP B 159 6.83 -28.24 2.82
N GLY B 160 7.91 -27.76 3.44
CA GLY B 160 7.88 -26.45 4.08
C GLY B 160 8.83 -25.40 3.54
N VAL B 161 10.00 -25.81 3.04
CA VAL B 161 11.05 -24.86 2.67
C VAL B 161 11.59 -25.20 1.29
N THR B 162 11.90 -24.17 0.51
CA THR B 162 12.68 -24.27 -0.71
C THR B 162 13.95 -23.45 -0.54
N HIS B 163 15.11 -24.04 -0.82
CA HIS B 163 16.37 -23.33 -0.63
C HIS B 163 17.42 -23.79 -1.65
N ASN B 164 18.38 -22.90 -1.89
CA ASN B 164 19.45 -23.10 -2.85
C ASN B 164 20.80 -22.97 -2.15
N VAL B 165 21.72 -23.86 -2.47
CA VAL B 165 23.06 -23.78 -1.90
C VAL B 165 24.08 -24.09 -2.99
N PRO B 166 24.90 -23.12 -3.38
CA PRO B 166 25.97 -23.41 -4.34
C PRO B 166 27.21 -23.95 -3.65
N ILE B 167 27.82 -24.96 -4.27
CA ILE B 167 29.05 -25.57 -3.78
C ILE B 167 30.00 -25.77 -4.95
N TYR B 168 31.28 -25.43 -4.72
CA TYR B 168 32.30 -25.55 -5.76
C TYR B 168 33.51 -26.24 -5.16
N GLU B 169 33.84 -27.42 -5.70
CA GLU B 169 35.00 -28.20 -5.27
C GLU B 169 34.97 -28.45 -3.76
N GLY B 170 33.77 -28.65 -3.23
CA GLY B 170 33.57 -28.94 -1.82
C GLY B 170 33.43 -27.73 -0.93
N TYR B 171 33.56 -26.52 -1.46
CA TYR B 171 33.45 -25.31 -0.66
C TYR B 171 32.09 -24.67 -0.90
N ALA B 172 31.41 -24.32 0.20
CA ALA B 172 30.16 -23.61 0.11
C ALA B 172 30.41 -22.11 -0.04
N LEU B 173 29.40 -21.41 -0.56
CA LEU B 173 29.39 -19.95 -0.64
C LEU B 173 28.17 -19.47 0.14
N PRO B 174 28.29 -19.34 1.47
CA PRO B 174 27.11 -19.03 2.29
C PRO B 174 26.42 -17.72 1.94
N HIS B 175 27.17 -16.69 1.53
CA HIS B 175 26.51 -15.42 1.18
C HIS B 175 25.62 -15.57 -0.04
N ALA B 176 25.78 -16.63 -0.82
CA ALA B 176 24.93 -16.90 -1.98
C ALA B 176 23.81 -17.88 -1.68
N ILE B 177 23.72 -18.40 -0.46
CA ILE B 177 22.62 -19.29 -0.09
C ILE B 177 21.33 -18.48 -0.01
N MET B 178 20.30 -18.95 -0.70
CA MET B 178 19.00 -18.29 -0.73
C MET B 178 17.92 -19.29 -0.30
N ARG B 179 16.92 -18.80 0.41
CA ARG B 179 15.87 -19.63 0.96
C ARG B 179 14.51 -19.00 0.66
N LEU B 180 13.52 -19.84 0.36
CA LEU B 180 12.17 -19.39 0.04
C LEU B 180 11.18 -20.23 0.83
N ASP B 181 10.33 -19.56 1.62
CA ASP B 181 9.30 -20.24 2.39
C ASP B 181 8.07 -20.46 1.52
N LEU B 182 8.26 -21.29 0.51
CA LEU B 182 7.19 -21.71 -0.40
C LEU B 182 7.48 -23.15 -0.77
N ALA B 183 6.59 -24.05 -0.40
CA ALA B 183 6.86 -25.47 -0.64
C ALA B 183 5.53 -26.22 -0.81
N GLY B 184 5.59 -27.54 -0.72
CA GLY B 184 4.47 -28.37 -1.16
C GLY B 184 3.20 -28.13 -0.38
N ARG B 185 3.31 -27.89 0.93
CA ARG B 185 2.13 -27.63 1.74
C ARG B 185 1.37 -26.41 1.22
N ASP B 186 2.09 -25.37 0.85
CA ASP B 186 1.46 -24.18 0.29
C ASP B 186 0.76 -24.48 -1.03
N LEU B 187 1.39 -25.29 -1.88
CA LEU B 187 0.73 -25.68 -3.14
C LEU B 187 -0.54 -26.44 -2.85
N THR B 188 -0.53 -27.31 -1.83
CA THR B 188 -1.75 -28.02 -1.45
C THR B 188 -2.85 -27.05 -1.06
N ASP B 189 -2.51 -26.07 -0.23
CA ASP B 189 -3.51 -25.10 0.17
C ASP B 189 -4.05 -24.32 -1.03
N TYR B 190 -3.17 -23.95 -1.95
CA TYR B 190 -3.60 -23.24 -3.13
C TYR B 190 -4.55 -24.08 -3.97
N LEU B 191 -4.22 -25.35 -4.12
CA LEU B 191 -5.10 -26.25 -4.85
C LEU B 191 -6.46 -26.32 -4.17
N MET B 192 -6.46 -26.40 -2.84
CA MET B 192 -7.72 -26.37 -2.12
C MET B 192 -8.51 -25.14 -2.49
N LYS B 193 -7.84 -23.98 -2.54
CA LYS B 193 -8.53 -22.76 -2.88
C LYS B 193 -9.14 -22.84 -4.26
N ILE B 194 -8.38 -23.31 -5.25
CA ILE B 194 -8.87 -23.27 -6.62
C ILE B 194 -9.83 -24.41 -6.94
N LEU B 195 -9.95 -25.40 -6.06
CA LEU B 195 -10.89 -26.49 -6.30
C LEU B 195 -12.34 -26.03 -6.21
N THR B 196 -12.60 -24.95 -5.51
CA THR B 196 -13.97 -24.49 -5.30
C THR B 196 -14.59 -23.91 -6.57
N GLU B 197 -13.77 -23.52 -7.54
CA GLU B 197 -14.29 -22.98 -8.79
C GLU B 197 -15.27 -23.93 -9.43
N ARG B 198 -14.99 -25.23 -9.36
CA ARG B 198 -15.87 -26.27 -9.86
C ARG B 198 -16.84 -26.75 -8.81
N GLY B 199 -16.87 -26.13 -7.64
CA GLY B 199 -17.80 -26.51 -6.60
C GLY B 199 -17.30 -27.58 -5.64
N TYR B 200 -16.04 -27.98 -5.73
CA TYR B 200 -15.49 -28.95 -4.79
C TYR B 200 -15.05 -28.25 -3.53
N SER B 201 -15.34 -28.86 -2.38
CA SER B 201 -15.05 -28.24 -1.10
C SER B 201 -14.23 -29.18 -0.22
N PHE B 202 -13.20 -28.61 0.42
CA PHE B 202 -12.32 -29.34 1.33
C PHE B 202 -11.88 -28.39 2.43
N VAL B 203 -12.23 -28.68 3.67
CA VAL B 203 -11.99 -27.76 4.78
C VAL B 203 -11.17 -28.44 5.88
N THR B 204 -11.52 -29.69 6.20
CA THR B 204 -10.91 -30.39 7.32
C THR B 204 -9.44 -30.73 7.03
N THR B 205 -8.65 -30.84 8.10
CA THR B 205 -7.27 -31.25 7.96
C THR B 205 -7.15 -32.59 7.25
N ALA B 206 -8.10 -33.50 7.51
CA ALA B 206 -8.14 -34.73 6.74
C ALA B 206 -8.39 -34.48 5.26
N GLU B 207 -9.30 -33.56 4.94
CA GLU B 207 -9.50 -33.19 3.55
C GLU B 207 -8.26 -32.55 2.97
N ARG B 208 -7.44 -31.90 3.79
CA ARG B 208 -6.18 -31.37 3.30
C ARG B 208 -5.30 -32.49 2.79
N GLU B 209 -5.24 -33.60 3.53
CA GLU B 209 -4.50 -34.76 3.05
C GLU B 209 -5.12 -35.30 1.76
N ILE B 210 -6.45 -35.28 1.67
CA ILE B 210 -7.10 -35.69 0.43
C ILE B 210 -6.59 -34.85 -0.75
N VAL B 211 -6.57 -33.54 -0.57
CA VAL B 211 -6.11 -32.66 -1.63
C VAL B 211 -4.65 -32.90 -1.93
N ARG B 212 -3.85 -33.20 -0.90
CA ARG B 212 -2.44 -33.49 -1.13
C ARG B 212 -2.27 -34.72 -2.01
N ASP B 213 -3.08 -35.75 -1.77
CA ASP B 213 -3.04 -36.93 -2.64
C ASP B 213 -3.41 -36.55 -4.07
N ILE B 214 -4.45 -35.75 -4.24
CA ILE B 214 -4.84 -35.30 -5.58
C ILE B 214 -3.67 -34.61 -6.26
N LYS B 215 -2.96 -33.76 -5.51
CA LYS B 215 -1.82 -33.05 -6.07
C LYS B 215 -0.73 -34.01 -6.50
N GLU B 216 -0.38 -34.95 -5.62
CA GLU B 216 0.67 -35.90 -5.94
C GLU B 216 0.32 -36.77 -7.13
N LYS B 217 -0.96 -36.86 -7.48
CA LYS B 217 -1.34 -37.72 -8.58
C LYS B 217 -1.64 -37.01 -9.90
N LEU B 218 -2.32 -35.87 -9.89
CA LEU B 218 -2.83 -35.30 -11.14
C LEU B 218 -2.10 -34.05 -11.61
N CYS B 219 -1.13 -33.56 -10.86
CA CYS B 219 -0.52 -32.28 -11.21
C CYS B 219 0.79 -32.46 -11.96
N TYR B 220 1.10 -31.48 -12.81
CA TYR B 220 2.30 -31.50 -13.64
C TYR B 220 2.72 -30.07 -13.95
N VAL B 221 3.94 -29.92 -14.47
CA VAL B 221 4.50 -28.60 -14.77
C VAL B 221 4.35 -28.32 -16.26
N ALA B 222 3.73 -27.18 -16.57
CA ALA B 222 3.57 -26.75 -17.96
C ALA B 222 4.86 -26.13 -18.49
N LEU B 223 5.21 -26.49 -19.72
CA LEU B 223 6.38 -25.90 -20.36
C LEU B 223 6.13 -24.46 -20.80
N ASP B 224 4.88 -24.14 -21.15
CA ASP B 224 4.47 -22.76 -21.43
C ASP B 224 3.08 -22.57 -20.85
N PHE B 225 3.00 -21.82 -19.75
CA PHE B 225 1.76 -21.70 -19.02
C PHE B 225 0.66 -21.02 -19.83
N GLU B 226 1.00 -19.96 -20.55
CA GLU B 226 0.00 -19.18 -21.28
C GLU B 226 -0.71 -19.99 -22.36
N ASN B 227 -0.01 -20.92 -23.00
CA ASN B 227 -0.66 -21.73 -24.00
C ASN B 227 -1.36 -22.95 -23.42
N GLU B 228 -0.88 -23.47 -22.29
CA GLU B 228 -1.64 -24.50 -21.60
C GLU B 228 -2.98 -23.96 -21.12
N MET B 229 -2.99 -22.70 -20.68
CA MET B 229 -4.25 -22.08 -20.32
C MET B 229 -5.20 -22.01 -21.51
N ALA B 230 -4.69 -21.58 -22.67
CA ALA B 230 -5.52 -21.51 -23.86
C ALA B 230 -6.02 -22.89 -24.26
N THR B 231 -5.15 -23.89 -24.17
CA THR B 231 -5.52 -25.26 -24.47
C THR B 231 -6.66 -25.72 -23.59
N ALA B 232 -6.52 -25.52 -22.27
CA ALA B 232 -7.57 -25.92 -21.34
C ALA B 232 -8.83 -25.13 -21.57
N ALA B 233 -8.71 -23.88 -22.01
CA ALA B 233 -9.88 -23.06 -22.28
C ALA B 233 -10.64 -23.55 -23.49
N SER B 234 -9.95 -24.06 -24.51
CA SER B 234 -10.62 -24.44 -25.74
C SER B 234 -11.05 -25.91 -25.76
N SER B 235 -10.38 -26.79 -25.02
CA SER B 235 -10.67 -28.22 -25.10
C SER B 235 -10.59 -28.87 -23.73
N SER B 236 -11.22 -30.04 -23.64
CA SER B 236 -11.26 -30.84 -22.42
C SER B 236 -10.21 -31.95 -22.39
N SER B 237 -9.26 -31.94 -23.31
CA SER B 237 -8.29 -33.03 -23.42
C SER B 237 -7.45 -33.20 -22.16
N LEU B 238 -7.28 -32.15 -21.37
CA LEU B 238 -6.47 -32.24 -20.16
C LEU B 238 -7.28 -32.65 -18.94
N GLU B 239 -8.59 -32.83 -19.07
CA GLU B 239 -9.42 -33.18 -17.93
C GLU B 239 -9.09 -34.59 -17.43
N LYS B 240 -9.06 -34.75 -16.11
CA LYS B 240 -8.81 -36.03 -15.48
C LYS B 240 -9.67 -36.18 -14.24
N SER B 241 -9.94 -37.41 -13.86
CA SER B 241 -10.88 -37.74 -12.79
C SER B 241 -10.18 -38.33 -11.59
N TYR B 242 -10.82 -38.18 -10.43
CA TYR B 242 -10.33 -38.72 -9.17
C TYR B 242 -11.51 -39.13 -8.32
N GLU B 243 -11.35 -40.19 -7.54
CA GLU B 243 -12.43 -40.74 -6.73
C GLU B 243 -12.19 -40.43 -5.26
N LEU B 244 -13.18 -39.81 -4.63
CA LEU B 244 -13.12 -39.46 -3.23
C LEU B 244 -13.30 -40.70 -2.36
N PRO B 245 -12.89 -40.63 -1.09
CA PRO B 245 -13.03 -41.80 -0.21
C PRO B 245 -14.45 -42.31 -0.09
N ASP B 246 -15.44 -41.42 -0.16
CA ASP B 246 -16.83 -41.83 -0.01
C ASP B 246 -17.43 -42.40 -1.29
N GLY B 247 -16.66 -42.43 -2.38
CA GLY B 247 -17.15 -42.90 -3.65
C GLY B 247 -17.53 -41.83 -4.64
N GLN B 248 -17.40 -40.56 -4.27
CA GLN B 248 -17.67 -39.49 -5.21
C GLN B 248 -16.47 -39.26 -6.12
N VAL B 249 -16.74 -38.81 -7.34
CA VAL B 249 -15.71 -38.64 -8.35
C VAL B 249 -15.65 -37.18 -8.75
N ILE B 250 -14.45 -36.61 -8.75
CA ILE B 250 -14.23 -35.22 -9.14
C ILE B 250 -13.37 -35.20 -10.39
N THR B 251 -13.44 -34.07 -11.12
CA THR B 251 -12.72 -33.91 -12.37
C THR B 251 -12.06 -32.55 -12.42
N ILE B 252 -10.79 -32.52 -12.82
CA ILE B 252 -10.01 -31.29 -12.93
C ILE B 252 -9.25 -31.30 -14.24
N GLY B 253 -9.19 -30.15 -14.91
CA GLY B 253 -8.46 -30.03 -16.16
C GLY B 253 -7.72 -28.73 -16.37
N ASN B 254 -7.77 -27.84 -15.40
CA ASN B 254 -7.08 -26.55 -15.47
C ASN B 254 -6.21 -26.31 -14.24
N GLU B 255 -6.66 -26.76 -13.07
CA GLU B 255 -5.93 -26.59 -11.83
C GLU B 255 -4.72 -27.50 -11.76
N ARG B 256 -4.62 -28.49 -12.67
CA ARG B 256 -3.51 -29.45 -12.61
C ARG B 256 -2.16 -28.74 -12.77
N PHE B 257 -2.08 -27.76 -13.66
CA PHE B 257 -0.86 -26.99 -13.82
C PHE B 257 -0.92 -25.61 -13.19
N ARG B 258 -2.11 -25.12 -12.86
CA ARG B 258 -2.20 -23.86 -12.15
C ARG B 258 -1.58 -23.96 -10.76
N CYS B 259 -1.76 -25.08 -10.06
CA CYS B 259 -1.18 -25.19 -8.72
C CYS B 259 0.34 -25.15 -8.74
N PRO B 260 1.05 -25.99 -9.52
CA PRO B 260 2.51 -25.98 -9.43
C PRO B 260 3.15 -24.74 -10.04
N GLU B 261 2.44 -24.03 -10.92
CA GLU B 261 3.01 -22.84 -11.53
C GLU B 261 3.40 -21.81 -10.47
N THR B 262 2.80 -21.91 -9.27
CA THR B 262 3.13 -20.99 -8.19
C THR B 262 4.61 -21.01 -7.83
N LEU B 263 5.27 -22.15 -8.05
CA LEU B 263 6.71 -22.20 -7.85
C LEU B 263 7.43 -21.17 -8.71
N PHE B 264 6.86 -20.88 -9.88
CA PHE B 264 7.44 -19.88 -10.76
C PHE B 264 6.75 -18.55 -10.65
N GLN B 265 5.50 -18.52 -10.15
CA GLN B 265 4.74 -17.29 -9.98
C GLN B 265 4.17 -17.25 -8.56
N PRO B 266 5.01 -16.98 -7.56
CA PRO B 266 4.52 -16.90 -6.18
C PRO B 266 3.45 -15.84 -5.99
N SER B 267 3.29 -14.93 -6.95
CA SER B 267 2.23 -13.95 -6.88
C SER B 267 0.86 -14.59 -6.80
N PHE B 268 0.72 -15.84 -7.22
CA PHE B 268 -0.57 -16.48 -7.16
C PHE B 268 -1.04 -16.63 -5.73
N ILE B 269 -0.11 -16.77 -4.79
CA ILE B 269 -0.46 -16.86 -3.37
C ILE B 269 -0.21 -15.54 -2.65
N GLY B 270 0.03 -14.46 -3.39
CA GLY B 270 0.14 -13.16 -2.76
C GLY B 270 1.51 -12.80 -2.23
N MET B 271 2.56 -13.55 -2.58
CA MET B 271 3.91 -13.23 -2.15
C MET B 271 4.62 -12.36 -3.17
N GLU B 272 5.49 -11.47 -2.68
CA GLU B 272 6.21 -10.55 -3.54
C GLU B 272 7.42 -11.19 -4.23
N SER B 273 7.86 -12.34 -3.74
CA SER B 273 9.14 -12.88 -4.17
C SER B 273 9.08 -13.44 -5.59
N ALA B 274 10.25 -13.73 -6.14
CA ALA B 274 10.37 -14.26 -7.49
C ALA B 274 10.39 -15.80 -7.47
N GLY B 275 10.24 -16.38 -8.65
CA GLY B 275 10.12 -17.82 -8.77
C GLY B 275 11.43 -18.54 -8.52
N ILE B 276 11.32 -19.88 -8.48
CA ILE B 276 12.47 -20.71 -8.18
C ILE B 276 13.56 -20.55 -9.23
N HIS B 277 13.19 -20.40 -10.51
CA HIS B 277 14.19 -20.25 -11.56
C HIS B 277 15.00 -18.98 -11.36
N GLU B 278 14.34 -17.86 -11.10
CA GLU B 278 15.07 -16.63 -10.87
C GLU B 278 15.83 -16.67 -9.56
N THR B 279 15.26 -17.31 -8.54
CA THR B 279 15.99 -17.44 -7.28
C THR B 279 17.32 -18.15 -7.50
N THR B 280 17.28 -19.24 -8.25
CA THR B 280 18.49 -19.97 -8.56
C THR B 280 19.45 -19.12 -9.38
N TYR B 281 18.92 -18.41 -10.39
CA TYR B 281 19.77 -17.60 -11.24
C TYR B 281 20.48 -16.53 -10.43
N ASN B 282 19.76 -15.89 -9.52
CA ASN B 282 20.36 -14.89 -8.66
C ASN B 282 21.41 -15.49 -7.75
N SER B 283 21.13 -16.66 -7.17
CA SER B 283 22.12 -17.33 -6.34
C SER B 283 23.41 -17.55 -7.13
N ILE B 284 23.27 -17.97 -8.38
CA ILE B 284 24.46 -18.18 -9.21
C ILE B 284 25.16 -16.85 -9.47
N MET B 285 24.41 -15.83 -9.85
CA MET B 285 25.02 -14.54 -10.16
C MET B 285 25.67 -13.91 -8.94
N LYS B 286 25.37 -14.40 -7.74
CA LYS B 286 26.07 -13.94 -6.55
C LYS B 286 27.42 -14.62 -6.38
N CYS B 287 27.70 -15.68 -7.14
CA CYS B 287 28.96 -16.38 -7.00
C CYS B 287 30.02 -15.76 -7.92
N ASP B 288 31.24 -16.27 -7.79
CA ASP B 288 32.35 -15.79 -8.60
C ASP B 288 32.12 -16.12 -10.07
N ILE B 289 32.50 -15.18 -10.94
CA ILE B 289 32.33 -15.34 -12.39
C ILE B 289 33.10 -16.54 -12.93
N ASP B 290 34.12 -17.00 -12.21
CA ASP B 290 34.93 -18.12 -12.69
C ASP B 290 34.23 -19.46 -12.52
N ILE B 291 33.43 -19.61 -11.45
CA ILE B 291 32.79 -20.90 -11.14
C ILE B 291 31.37 -20.98 -11.67
N ARG B 292 30.88 -19.92 -12.31
CA ARG B 292 29.48 -19.87 -12.73
C ARG B 292 29.18 -20.87 -13.84
N LYS B 293 30.14 -21.11 -14.74
CA LYS B 293 29.92 -22.12 -15.78
C LYS B 293 29.66 -23.49 -15.17
N ASP B 294 30.48 -23.87 -14.19
CA ASP B 294 30.29 -25.15 -13.52
C ASP B 294 28.98 -25.19 -12.76
N LEU B 295 28.58 -24.08 -12.14
CA LEU B 295 27.26 -24.06 -11.49
C LEU B 295 26.13 -24.21 -12.52
N TYR B 296 26.28 -23.56 -13.68
CA TYR B 296 25.27 -23.66 -14.72
C TYR B 296 25.13 -25.08 -15.25
N ALA B 297 26.24 -25.80 -15.33
CA ALA B 297 26.20 -27.17 -15.82
C ALA B 297 25.79 -28.21 -14.77
N ASN B 298 25.72 -27.83 -13.49
CA ASN B 298 25.35 -28.76 -12.42
C ASN B 298 24.25 -28.13 -11.56
N ASN B 299 22.99 -28.31 -11.97
CA ASN B 299 21.83 -27.85 -11.21
C ASN B 299 21.11 -29.08 -10.66
N VAL B 300 21.34 -29.36 -9.37
CA VAL B 300 20.84 -30.58 -8.76
C VAL B 300 19.50 -30.31 -8.11
N MET B 301 18.52 -31.18 -8.40
CA MET B 301 17.18 -31.09 -7.84
C MET B 301 17.00 -32.12 -6.72
N SER B 302 16.19 -31.76 -5.72
CA SER B 302 15.96 -32.63 -4.58
C SER B 302 14.64 -32.28 -3.90
N GLY B 303 14.05 -33.26 -3.23
CA GLY B 303 12.82 -33.08 -2.47
C GLY B 303 11.59 -33.50 -3.24
N GLY B 304 10.55 -33.89 -2.49
CA GLY B 304 9.34 -34.40 -3.10
C GLY B 304 8.61 -33.40 -3.97
N THR B 305 8.75 -32.11 -3.68
CA THR B 305 8.09 -31.10 -4.49
C THR B 305 8.69 -30.98 -5.88
N THR B 306 9.89 -31.50 -6.10
CA THR B 306 10.53 -31.44 -7.40
C THR B 306 10.14 -32.61 -8.29
N MET B 307 9.14 -33.40 -7.89
CA MET B 307 8.77 -34.60 -8.61
C MET B 307 7.67 -34.36 -9.64
N TYR B 308 7.25 -33.12 -9.83
CA TYR B 308 6.21 -32.84 -10.80
C TYR B 308 6.68 -33.20 -12.20
N PRO B 309 5.81 -33.75 -13.03
CA PRO B 309 6.14 -33.90 -14.45
C PRO B 309 6.41 -32.55 -15.09
N GLY B 310 7.45 -32.48 -15.91
CA GLY B 310 7.77 -31.30 -16.67
C GLY B 310 8.55 -30.24 -15.93
N ILE B 311 8.89 -30.47 -14.66
CA ILE B 311 9.52 -29.41 -13.89
C ILE B 311 10.96 -29.17 -14.33
N ALA B 312 11.73 -30.23 -14.59
CA ALA B 312 13.11 -30.04 -14.99
C ALA B 312 13.22 -29.35 -16.34
N ASP B 313 12.34 -29.70 -17.28
CA ASP B 313 12.33 -29.05 -18.58
C ASP B 313 12.04 -27.56 -18.45
N ARG B 314 11.05 -27.22 -17.64
CA ARG B 314 10.72 -25.81 -17.43
C ARG B 314 11.88 -25.07 -16.79
N MET B 315 12.55 -25.70 -15.82
CA MET B 315 13.69 -25.04 -15.18
C MET B 315 14.82 -24.82 -16.18
N GLN B 316 15.12 -25.83 -16.99
CA GLN B 316 16.15 -25.67 -18.00
C GLN B 316 15.81 -24.52 -18.95
N LYS B 317 14.55 -24.45 -19.38
CA LYS B 317 14.13 -23.39 -20.30
C LYS B 317 14.21 -22.00 -19.67
N GLU B 318 13.71 -21.84 -18.44
CA GLU B 318 13.72 -20.53 -17.78
C GLU B 318 15.14 -20.06 -17.51
N ILE B 319 15.99 -20.94 -16.98
CA ILE B 319 17.36 -20.56 -16.71
C ILE B 319 18.07 -20.21 -18.00
N THR B 320 17.81 -20.96 -19.07
CA THR B 320 18.37 -20.61 -20.37
C THR B 320 17.95 -19.21 -20.79
N ALA B 321 16.69 -18.86 -20.55
CA ALA B 321 16.25 -17.50 -20.83
C ALA B 321 17.01 -16.47 -20.00
N LEU B 322 17.42 -16.82 -18.79
CA LEU B 322 18.15 -15.86 -17.95
C LEU B 322 19.65 -15.85 -18.19
N ALA B 323 20.19 -16.85 -18.87
CA ALA B 323 21.62 -17.01 -19.01
C ALA B 323 22.18 -16.21 -20.18
N PRO B 324 23.52 -16.01 -20.23
CA PRO B 324 24.13 -15.25 -21.34
C PRO B 324 24.19 -16.00 -22.68
N SER B 325 23.47 -17.13 -22.77
CA SER B 325 23.26 -17.90 -23.99
C SER B 325 24.50 -18.66 -24.44
N THR B 326 25.66 -18.37 -23.84
CA THR B 326 26.86 -19.11 -24.19
C THR B 326 27.06 -20.28 -23.25
N MET B 327 26.71 -20.11 -21.98
CA MET B 327 26.75 -21.21 -21.04
C MET B 327 25.67 -22.22 -21.36
N LYS B 328 26.05 -23.49 -21.33
CA LYS B 328 25.05 -24.55 -21.42
C LYS B 328 24.45 -24.80 -20.05
N ILE B 329 23.16 -25.13 -20.03
CA ILE B 329 22.40 -25.29 -18.79
C ILE B 329 22.02 -26.76 -18.65
N LYS B 330 22.33 -27.34 -17.50
CA LYS B 330 22.04 -28.74 -17.24
C LYS B 330 21.44 -28.88 -15.85
N ILE B 331 20.35 -29.63 -15.75
CA ILE B 331 19.67 -29.89 -14.48
C ILE B 331 19.72 -31.40 -14.23
N ILE B 332 20.15 -31.78 -13.04
CA ILE B 332 20.27 -33.19 -12.66
C ILE B 332 19.11 -33.51 -11.72
N ALA B 333 18.24 -34.43 -12.14
CA ALA B 333 17.02 -34.78 -11.41
C ALA B 333 16.89 -36.29 -11.35
N PRO B 334 17.60 -36.95 -10.43
CA PRO B 334 17.55 -38.41 -10.37
C PRO B 334 16.19 -38.90 -9.90
N PRO B 335 15.81 -40.11 -10.27
CA PRO B 335 14.53 -40.66 -9.79
C PRO B 335 14.45 -40.76 -8.28
N GLU B 336 15.58 -40.95 -7.60
CA GLU B 336 15.61 -41.04 -6.15
C GLU B 336 15.64 -39.68 -5.49
N ARG B 337 15.15 -38.66 -6.20
CA ARG B 337 15.13 -37.30 -5.67
C ARG B 337 14.45 -37.26 -4.31
N LYS B 338 13.41 -38.07 -4.11
CA LYS B 338 12.65 -38.03 -2.87
C LYS B 338 13.48 -38.39 -1.65
N TYR B 339 14.57 -39.13 -1.83
CA TYR B 339 15.36 -39.60 -0.70
C TYR B 339 16.82 -39.20 -0.81
N SER B 340 17.13 -38.19 -1.61
CA SER B 340 18.52 -37.80 -1.81
C SER B 340 19.14 -37.31 -0.49
N VAL B 341 18.39 -36.56 0.31
CA VAL B 341 18.90 -36.06 1.59
C VAL B 341 19.29 -37.22 2.50
N TRP B 342 18.40 -38.21 2.62
CA TRP B 342 18.69 -39.35 3.49
C TRP B 342 19.84 -40.19 2.95
N ILE B 343 19.88 -40.38 1.63
CA ILE B 343 20.95 -41.18 1.03
C ILE B 343 22.30 -40.52 1.29
N GLY B 344 22.38 -39.20 1.08
CA GLY B 344 23.60 -38.49 1.39
C GLY B 344 23.95 -38.54 2.86
N GLY B 345 22.93 -38.53 3.73
CA GLY B 345 23.20 -38.68 5.15
C GLY B 345 23.84 -40.02 5.49
N SER B 346 23.30 -41.10 4.91
CA SER B 346 23.89 -42.42 5.15
C SER B 346 25.32 -42.49 4.59
N ILE B 347 25.55 -41.88 3.43
CA ILE B 347 26.88 -41.82 2.87
C ILE B 347 27.83 -41.11 3.83
N LEU B 348 27.44 -39.92 4.30
CA LEU B 348 28.29 -39.13 5.17
C LEU B 348 28.59 -39.86 6.48
N ALA B 349 27.55 -40.45 7.09
CA ALA B 349 27.74 -41.17 8.34
C ALA B 349 28.56 -42.43 8.15
N SER B 350 28.67 -42.95 6.92
CA SER B 350 29.48 -44.13 6.69
C SER B 350 30.97 -43.83 6.50
N LEU B 351 31.34 -42.57 6.27
CA LEU B 351 32.73 -42.24 5.97
C LEU B 351 33.58 -42.26 7.24
N SER B 352 34.79 -42.81 7.12
CA SER B 352 35.69 -42.88 8.26
C SER B 352 36.23 -41.50 8.64
N THR B 353 36.44 -40.61 7.67
CA THR B 353 36.91 -39.27 7.98
C THR B 353 35.88 -38.45 8.75
N PHE B 354 34.62 -38.86 8.72
CA PHE B 354 33.55 -38.17 9.43
C PHE B 354 33.46 -38.57 10.91
N GLN B 355 34.10 -39.66 11.30
CA GLN B 355 33.87 -40.23 12.62
C GLN B 355 34.43 -39.38 13.75
N GLN B 356 35.34 -38.45 13.45
CA GLN B 356 35.84 -37.53 14.46
C GLN B 356 34.94 -36.32 14.65
N MET B 357 33.92 -36.16 13.82
CA MET B 357 33.12 -34.95 13.80
C MET B 357 31.83 -35.07 14.61
N TRP B 358 31.51 -36.24 15.14
CA TRP B 358 30.35 -36.38 16.01
C TRP B 358 30.49 -35.49 17.23
N ILE B 359 29.39 -34.86 17.62
CA ILE B 359 29.34 -34.22 18.93
C ILE B 359 29.18 -35.31 19.97
N THR B 360 30.23 -35.53 20.76
CA THR B 360 30.15 -36.53 21.80
C THR B 360 29.45 -35.94 23.03
N LYS B 361 28.79 -36.83 23.79
CA LYS B 361 28.01 -36.38 24.94
C LYS B 361 28.89 -35.71 26.00
N GLN B 362 30.17 -36.09 26.06
CA GLN B 362 31.09 -35.43 26.99
C GLN B 362 31.27 -33.95 26.63
N GLU B 363 31.47 -33.68 25.34
CA GLU B 363 31.57 -32.29 24.89
C GLU B 363 30.29 -31.54 25.20
N TYR B 364 29.15 -32.20 25.01
CA TYR B 364 27.88 -31.59 25.38
C TYR B 364 27.81 -31.29 26.87
N ASP B 365 28.23 -32.24 27.69
CA ASP B 365 28.15 -32.05 29.13
C ASP B 365 29.05 -30.92 29.61
N GLU B 366 30.14 -30.64 28.91
CA GLU B 366 30.99 -29.53 29.32
C GLU B 366 30.66 -28.21 28.62
N ALA B 367 29.92 -28.22 27.52
CA ALA B 367 29.70 -27.01 26.76
C ALA B 367 28.25 -26.55 26.64
N GLY B 368 27.28 -27.39 26.98
CA GLY B 368 25.88 -27.05 26.79
C GLY B 368 25.42 -27.29 25.37
N PRO B 369 24.18 -26.90 25.08
CA PRO B 369 23.63 -27.12 23.72
C PRO B 369 24.22 -26.21 22.66
N SER B 370 25.03 -25.20 23.02
CA SER B 370 25.62 -24.30 22.03
C SER B 370 26.80 -24.92 21.29
N ILE B 371 27.26 -26.11 21.70
CA ILE B 371 28.37 -26.78 21.03
C ILE B 371 28.04 -27.05 19.56
N VAL B 372 26.74 -27.20 19.26
CA VAL B 372 26.32 -27.55 17.91
C VAL B 372 26.66 -26.44 16.93
N HIS B 373 26.70 -25.19 17.40
CA HIS B 373 27.06 -24.10 16.51
C HIS B 373 28.51 -24.16 16.09
N ARG B 374 29.38 -24.60 16.98
CA ARG B 374 30.81 -24.68 16.66
C ARG B 374 31.15 -25.95 15.88
N LYS B 375 30.52 -27.07 16.21
CA LYS B 375 30.87 -28.32 15.54
C LYS B 375 30.06 -28.57 14.27
N CYS B 376 29.07 -27.75 13.98
CA CYS B 376 28.27 -27.93 12.76
C CYS B 376 28.19 -26.64 11.95
N THR C 7 18.95 34.32 -11.21
CA THR C 7 17.93 34.33 -10.17
C THR C 7 18.47 33.69 -8.91
N THR C 8 18.39 32.37 -8.89
CA THR C 8 18.85 31.56 -7.78
C THR C 8 19.10 30.15 -8.30
N ALA C 9 20.22 29.57 -7.93
CA ALA C 9 20.52 28.23 -8.41
C ALA C 9 19.90 27.18 -7.51
N LEU C 10 19.83 25.97 -8.03
CA LEU C 10 19.23 24.85 -7.32
C LEU C 10 20.25 23.76 -7.10
N VAL C 11 20.27 23.25 -5.88
CA VAL C 11 21.19 22.20 -5.50
C VAL C 11 20.38 20.95 -5.28
N CYS C 12 20.62 19.96 -6.11
CA CYS C 12 19.99 18.67 -5.95
C CYS C 12 21.08 17.63 -5.75
N ASP C 13 21.08 17.00 -4.60
CA ASP C 13 22.02 15.93 -4.30
C ASP C 13 21.24 14.62 -4.44
N ASN C 14 21.45 13.94 -5.57
CA ASN C 14 20.75 12.69 -5.85
C ASN C 14 21.56 11.52 -5.31
N GLY C 15 21.36 11.22 -4.03
CA GLY C 15 22.01 10.06 -3.43
C GLY C 15 21.32 8.78 -3.82
N SER C 16 21.91 7.67 -3.40
CA SER C 16 21.27 6.38 -3.65
C SER C 16 20.06 6.20 -2.75
N GLY C 17 20.14 6.65 -1.50
CA GLY C 17 19.09 6.40 -0.53
C GLY C 17 18.15 7.56 -0.29
N LEU C 18 18.68 8.77 -0.25
CA LEU C 18 17.89 9.94 0.07
C LEU C 18 18.09 11.04 -0.95
N VAL C 19 17.03 11.82 -1.18
CA VAL C 19 17.06 12.96 -2.08
C VAL C 19 17.19 14.22 -1.25
N LYS C 20 18.17 15.04 -1.58
CA LYS C 20 18.49 16.25 -0.84
C LYS C 20 18.50 17.41 -1.83
N ALA C 21 17.71 18.44 -1.54
CA ALA C 21 17.56 19.53 -2.49
C ALA C 21 17.18 20.83 -1.81
N GLY C 22 17.44 21.92 -2.52
CA GLY C 22 17.09 23.24 -2.04
C GLY C 22 17.70 24.30 -2.93
N PHE C 23 17.84 25.50 -2.37
CA PHE C 23 18.33 26.67 -3.07
C PHE C 23 19.70 27.05 -2.55
N ALA C 24 20.49 27.69 -3.41
CA ALA C 24 21.80 28.18 -2.99
C ALA C 24 21.66 29.30 -1.97
N GLY C 25 22.63 29.37 -1.06
CA GLY C 25 22.61 30.36 -0.02
C GLY C 25 21.92 29.92 1.25
N ASP C 26 21.23 28.79 1.23
CA ASP C 26 20.59 28.28 2.43
C ASP C 26 21.49 27.30 3.15
N ASP C 27 21.31 27.20 4.46
CA ASP C 27 22.16 26.37 5.29
C ASP C 27 21.70 24.93 5.37
N ALA C 28 20.51 24.61 4.85
CA ALA C 28 19.99 23.26 4.93
C ALA C 28 19.09 23.01 3.74
N PRO C 29 19.01 21.76 3.26
CA PRO C 29 18.13 21.46 2.12
C PRO C 29 16.67 21.61 2.50
N ARG C 30 15.89 22.13 1.56
CA ARG C 30 14.49 22.37 1.84
C ARG C 30 13.68 21.09 1.79
N ALA C 31 14.12 20.10 1.01
CA ALA C 31 13.37 18.87 0.82
C ALA C 31 14.31 17.69 0.97
N VAL C 32 13.91 16.72 1.79
CA VAL C 32 14.64 15.48 1.99
C VAL C 32 13.62 14.36 2.00
N PHE C 33 13.72 13.44 1.06
CA PHE C 33 12.77 12.35 0.96
C PHE C 33 13.43 11.16 0.31
N PRO C 34 12.87 9.96 0.50
CA PRO C 34 13.48 8.75 -0.05
C PRO C 34 13.43 8.72 -1.57
N SER C 35 14.45 8.10 -2.16
CA SER C 35 14.60 7.97 -3.62
C SER C 35 14.03 6.62 -4.08
N ILE C 36 12.70 6.55 -4.06
CA ILE C 36 12.00 5.30 -4.33
C ILE C 36 10.82 5.56 -5.25
N VAL C 37 10.35 4.50 -5.86
CA VAL C 37 9.12 4.51 -6.63
C VAL C 37 8.34 3.25 -6.27
N GLY C 38 7.04 3.41 -6.04
CA GLY C 38 6.17 2.32 -5.64
C GLY C 38 5.02 2.12 -6.62
N ARG C 39 4.73 0.85 -6.91
CA ARG C 39 3.62 0.49 -7.77
C ARG C 39 2.75 -0.52 -7.05
N PRO C 40 1.43 -0.42 -7.24
CA PRO C 40 0.51 -1.28 -6.48
C PRO C 40 0.76 -2.75 -6.78
N ARG C 41 0.58 -3.57 -5.76
CA ARG C 41 0.87 -4.99 -5.87
C ARG C 41 -0.35 -5.86 -5.60
N HIS C 42 -1.56 -5.29 -5.65
CA HIS C 42 -2.74 -6.05 -5.33
C HIS C 42 -3.90 -5.58 -6.18
N GLN C 43 -5.05 -6.20 -5.97
CA GLN C 43 -6.22 -5.98 -6.81
C GLN C 43 -7.01 -4.76 -6.33
N GLY C 44 -7.06 -3.72 -7.14
CA GLY C 44 -7.94 -2.60 -6.86
C GLY C 44 -9.37 -3.05 -6.97
N VAL C 45 -10.19 -2.67 -5.98
CA VAL C 45 -11.56 -3.16 -5.96
C VAL C 45 -12.60 -2.07 -5.82
N MET C 46 -12.25 -0.86 -5.39
CA MET C 46 -13.22 0.21 -5.24
C MET C 46 -13.02 1.21 -6.35
N VAL C 47 -14.13 1.57 -7.00
CA VAL C 47 -14.04 2.41 -8.18
C VAL C 47 -13.49 3.78 -7.81
N GLY C 48 -12.78 4.39 -8.76
CA GLY C 48 -12.16 5.68 -8.55
C GLY C 48 -10.87 5.64 -7.78
N MET C 49 -10.70 4.65 -6.91
CA MET C 49 -9.53 4.62 -6.04
C MET C 49 -8.27 4.22 -6.80
N GLY C 50 -8.38 3.36 -7.79
CA GLY C 50 -7.22 2.79 -8.42
C GLY C 50 -6.57 3.63 -9.49
N GLN C 51 -6.92 4.91 -9.62
CA GLN C 51 -6.43 5.70 -10.73
C GLN C 51 -4.94 5.99 -10.63
N LYS C 52 -4.33 5.83 -9.46
CA LYS C 52 -2.97 6.30 -9.22
C LYS C 52 -1.97 5.16 -9.41
N ASP C 53 -1.23 5.20 -10.51
CA ASP C 53 -0.30 4.12 -10.82
C ASP C 53 1.02 4.24 -10.08
N SER C 54 1.35 5.40 -9.53
CA SER C 54 2.70 5.64 -9.05
C SER C 54 2.69 6.49 -7.79
N TYR C 55 3.68 6.25 -6.95
CA TYR C 55 3.90 6.96 -5.70
C TYR C 55 5.38 7.17 -5.56
N VAL C 56 5.78 8.36 -5.15
CA VAL C 56 7.18 8.72 -5.35
C VAL C 56 7.86 9.05 -4.03
N GLY C 57 7.44 10.13 -3.40
CA GLY C 57 8.13 10.60 -2.23
C GLY C 57 7.66 9.87 -1.01
N ASP C 58 7.42 10.63 0.07
CA ASP C 58 7.01 10.03 1.33
C ASP C 58 5.65 9.34 1.24
N GLU C 59 4.86 9.64 0.21
CA GLU C 59 3.60 8.92 0.03
C GLU C 59 3.84 7.45 -0.25
N ALA C 60 4.90 7.13 -1.00
CA ALA C 60 5.22 5.74 -1.24
C ALA C 60 5.55 4.99 0.05
N GLN C 61 6.27 5.62 0.97
CA GLN C 61 6.61 4.98 2.24
C GLN C 61 5.39 4.76 3.11
N SER C 62 4.51 5.74 3.19
CA SER C 62 3.32 5.59 4.03
C SER C 62 2.43 4.47 3.55
N LYS C 63 2.21 4.38 2.24
CA LYS C 63 1.34 3.37 1.68
C LYS C 63 2.11 2.17 1.17
N ARG C 64 3.29 1.93 1.75
CA ARG C 64 4.14 0.85 1.28
C ARG C 64 3.45 -0.51 1.40
N GLY C 65 2.40 -0.62 2.21
CA GLY C 65 1.78 -1.90 2.46
C GLY C 65 1.16 -2.55 1.24
N ILE C 66 0.98 -1.82 0.15
CA ILE C 66 0.32 -2.33 -1.03
C ILE C 66 1.11 -2.07 -2.30
N LEU C 67 2.36 -1.70 -2.16
CA LEU C 67 3.17 -1.28 -3.29
C LEU C 67 4.46 -2.06 -3.34
N THR C 68 5.07 -2.12 -4.51
CA THR C 68 6.40 -2.68 -4.68
C THR C 68 7.39 -1.56 -4.87
N LEU C 69 8.42 -1.54 -4.04
CA LEU C 69 9.33 -0.40 -3.95
C LEU C 69 10.55 -0.64 -4.81
N LYS C 70 10.91 0.37 -5.58
CA LYS C 70 12.08 0.33 -6.44
C LYS C 70 12.91 1.58 -6.21
N TYR C 71 14.19 1.39 -5.98
CA TYR C 71 15.14 2.49 -5.97
C TYR C 71 15.70 2.68 -7.37
N PRO C 72 15.57 3.86 -7.98
CA PRO C 72 16.12 4.06 -9.32
C PRO C 72 17.65 4.09 -9.38
N ILE C 73 18.32 4.20 -8.23
CA ILE C 73 19.77 4.29 -8.15
C ILE C 73 20.28 3.13 -7.31
N GLU C 74 21.29 2.42 -7.83
CA GLU C 74 21.97 1.37 -7.07
C GLU C 74 23.44 1.55 -7.21
N HIC C 75 24.16 1.55 -6.09
CA HIC C 75 25.59 1.73 -6.11
C HIC C 75 25.96 2.98 -6.90
O HIC C 75 27.02 3.16 -7.50
CB HIC C 75 26.35 0.56 -6.72
CG HIC C 75 25.79 -0.63 -6.06
ND1 HIC C 75 26.10 -1.01 -4.75
CD2 HIC C 75 24.86 -1.49 -6.64
CE1 HIC C 75 25.38 -2.13 -4.54
NE2 HIC C 75 24.60 -2.45 -5.66
CZ HIC C 75 23.72 -3.56 -5.79
N GLY C 76 24.98 3.87 -6.93
CA GLY C 76 25.15 5.27 -7.30
C GLY C 76 24.95 5.43 -8.78
N ILE C 77 24.75 4.31 -9.48
CA ILE C 77 24.45 4.31 -10.89
C ILE C 77 22.94 4.32 -11.07
N ILE C 78 22.47 5.21 -11.93
CA ILE C 78 21.04 5.28 -12.24
C ILE C 78 20.70 4.10 -13.13
N THR C 79 19.91 3.19 -12.61
CA THR C 79 19.55 2.00 -13.33
C THR C 79 18.19 2.10 -13.99
N ASN C 80 17.28 2.88 -13.41
CA ASN C 80 15.98 3.13 -14.03
C ASN C 80 15.89 4.60 -14.35
N TRP C 81 15.87 4.91 -15.64
CA TRP C 81 15.91 6.30 -16.03
C TRP C 81 14.55 6.94 -16.13
N ASP C 82 13.49 6.18 -16.40
CA ASP C 82 12.16 6.77 -16.38
C ASP C 82 11.74 7.15 -14.96
N ASP C 83 11.97 6.26 -14.02
CA ASP C 83 11.62 6.56 -12.64
C ASP C 83 12.46 7.70 -12.11
N MET C 84 13.71 7.81 -12.55
CA MET C 84 14.51 8.94 -12.13
C MET C 84 13.89 10.23 -12.61
N GLU C 85 13.35 10.22 -13.83
CA GLU C 85 12.63 11.38 -14.31
C GLU C 85 11.45 11.69 -13.43
N LYS C 86 10.72 10.66 -13.03
CA LYS C 86 9.63 10.88 -12.11
C LYS C 86 10.12 11.59 -10.86
N ILE C 87 11.26 11.14 -10.32
CA ILE C 87 11.79 11.72 -9.10
C ILE C 87 12.13 13.18 -9.31
N TRP C 88 12.78 13.49 -10.42
CA TRP C 88 13.17 14.86 -10.68
C TRP C 88 11.95 15.76 -10.89
N HIS C 89 10.96 15.27 -11.62
CA HIS C 89 9.71 16.02 -11.75
C HIS C 89 9.12 16.29 -10.39
N HIS C 90 9.03 15.26 -9.58
CA HIS C 90 8.48 15.40 -8.25
C HIS C 90 9.22 16.46 -7.48
N THR C 91 10.53 16.36 -7.43
CA THR C 91 11.27 17.30 -6.60
C THR C 91 11.13 18.71 -7.13
N PHE C 92 11.19 18.90 -8.44
CA PHE C 92 11.12 20.25 -8.99
C PHE C 92 9.77 20.87 -8.73
N TYR C 93 8.72 20.14 -9.06
CA TYR C 93 7.41 20.76 -9.11
C TYR C 93 6.66 20.65 -7.80
N ASN C 94 6.91 19.61 -7.01
CA ASN C 94 6.12 19.32 -5.83
C ASN C 94 6.83 19.73 -4.55
N GLU C 95 8.03 19.25 -4.34
CA GLU C 95 8.72 19.53 -3.10
C GLU C 95 9.21 20.97 -3.05
N LEU C 96 9.74 21.48 -4.14
CA LEU C 96 10.20 22.86 -4.14
C LEU C 96 9.27 23.78 -4.89
N ARG C 97 8.50 23.25 -5.85
CA ARG C 97 7.47 24.01 -6.54
C ARG C 97 8.07 25.22 -7.27
N VAL C 98 8.91 24.92 -8.26
CA VAL C 98 9.56 25.94 -9.07
C VAL C 98 9.58 25.50 -10.53
N ALA C 99 9.75 26.48 -11.42
CA ALA C 99 9.90 26.19 -12.84
C ALA C 99 11.37 26.03 -13.17
N PRO C 100 11.82 24.82 -13.54
CA PRO C 100 13.26 24.60 -13.76
C PRO C 100 13.84 25.43 -14.89
N GLU C 101 13.00 25.91 -15.80
CA GLU C 101 13.50 26.72 -16.90
C GLU C 101 14.13 28.01 -16.42
N GLU C 102 13.95 28.36 -15.15
CA GLU C 102 14.31 29.66 -14.64
C GLU C 102 15.47 29.62 -13.65
N HIS C 103 16.17 28.50 -13.52
CA HIS C 103 17.21 28.40 -12.51
C HIS C 103 18.35 27.50 -13.00
N PRO C 104 19.59 27.91 -12.80
CA PRO C 104 20.70 26.96 -12.96
C PRO C 104 20.69 25.95 -11.83
N THR C 105 21.16 24.73 -12.12
CA THR C 105 21.04 23.63 -11.17
C THR C 105 22.39 22.99 -10.93
N LEU C 106 22.62 22.57 -9.70
CA LEU C 106 23.85 21.88 -9.35
C LEU C 106 23.52 20.46 -8.92
N LEU C 107 24.28 19.52 -9.48
CA LEU C 107 24.11 18.09 -9.22
C LEU C 107 25.42 17.47 -8.75
N THR C 108 25.31 16.30 -8.16
CA THR C 108 26.42 15.63 -7.50
C THR C 108 26.67 14.27 -8.13
N GLU C 109 27.88 13.75 -7.94
CA GLU C 109 28.18 12.42 -8.41
C GLU C 109 29.34 11.85 -7.60
N ALA C 110 29.31 10.54 -7.42
CA ALA C 110 30.41 9.83 -6.79
C ALA C 110 31.51 9.59 -7.80
N PRO C 111 32.73 9.39 -7.34
CA PRO C 111 33.85 9.13 -8.26
C PRO C 111 33.82 7.72 -8.82
N LEU C 112 34.69 7.51 -9.80
CA LEU C 112 34.93 6.23 -10.47
C LEU C 112 33.65 5.63 -11.05
N ASN C 113 32.76 6.49 -11.51
CA ASN C 113 31.49 6.06 -12.06
C ASN C 113 31.57 5.93 -13.57
N PRO C 114 30.68 5.15 -14.16
CA PRO C 114 30.54 5.19 -15.61
C PRO C 114 30.16 6.59 -16.07
N LYS C 115 30.78 7.03 -17.16
CA LYS C 115 30.63 8.41 -17.60
C LYS C 115 29.25 8.67 -18.21
N ALA C 116 28.69 7.66 -18.88
CA ALA C 116 27.38 7.83 -19.52
C ALA C 116 26.31 8.22 -18.52
N ASN C 117 26.45 7.80 -17.27
CA ASN C 117 25.54 8.25 -16.24
C ASN C 117 25.50 9.77 -16.19
N ARG C 118 26.66 10.37 -16.10
CA ARG C 118 26.80 11.81 -16.12
C ARG C 118 26.20 12.39 -17.39
N GLU C 119 26.52 11.80 -18.53
CA GLU C 119 26.04 12.38 -19.78
C GLU C 119 24.52 12.34 -19.86
N LYS C 120 23.92 11.24 -19.44
CA LYS C 120 22.47 11.12 -19.53
C LYS C 120 21.79 12.11 -18.61
N MET C 121 22.29 12.28 -17.39
CA MET C 121 21.66 13.26 -16.53
C MET C 121 21.75 14.66 -17.13
N THR C 122 22.86 14.95 -17.78
CA THR C 122 22.99 16.21 -18.50
C THR C 122 21.90 16.36 -19.55
N GLN C 123 21.77 15.33 -20.39
CA GLN C 123 20.77 15.37 -21.45
C GLN C 123 19.39 15.60 -20.88
N ILE C 124 19.10 14.94 -19.76
CA ILE C 124 17.79 15.09 -19.14
C ILE C 124 17.56 16.51 -18.71
N MET C 125 18.51 17.07 -17.98
CA MET C 125 18.33 18.42 -17.48
C MET C 125 18.12 19.39 -18.62
N PHE C 126 18.90 19.27 -19.67
CA PHE C 126 18.83 20.25 -20.73
C PHE C 126 17.67 20.03 -21.69
N GLU C 127 17.12 18.83 -21.75
CA GLU C 127 16.10 18.56 -22.74
C GLU C 127 14.74 18.28 -22.15
N THR C 128 14.68 17.59 -21.03
CA THR C 128 13.40 17.43 -20.38
C THR C 128 13.01 18.69 -19.63
N PHE C 129 13.96 19.23 -18.89
CA PHE C 129 13.69 20.40 -18.08
C PHE C 129 14.24 21.67 -18.68
N ASN C 130 15.09 21.55 -19.70
CA ASN C 130 15.71 22.68 -20.38
C ASN C 130 16.07 23.80 -19.42
N VAL C 131 16.88 23.45 -18.43
CA VAL C 131 17.37 24.40 -17.45
C VAL C 131 18.32 25.39 -18.13
N PRO C 132 18.43 26.63 -17.63
CA PRO C 132 19.38 27.57 -18.25
C PRO C 132 20.83 27.13 -18.17
N ALA C 133 21.25 26.56 -17.04
CA ALA C 133 22.63 26.14 -16.87
C ALA C 133 22.67 25.07 -15.79
N MET C 134 23.77 24.32 -15.75
CA MET C 134 23.91 23.24 -14.79
C MET C 134 25.38 22.94 -14.54
N TYR C 135 25.62 22.03 -13.59
CA TYR C 135 26.96 21.59 -13.25
C TYR C 135 26.88 20.32 -12.42
N VAL C 136 27.85 19.43 -12.62
CA VAL C 136 27.92 18.18 -11.87
C VAL C 136 29.23 18.15 -11.11
N ALA C 137 29.16 17.73 -9.85
CA ALA C 137 30.32 17.76 -8.98
C ALA C 137 30.48 16.44 -8.24
N ILE C 138 31.71 16.19 -7.80
CA ILE C 138 32.00 15.02 -7.00
C ILE C 138 31.63 15.30 -5.55
N GLN C 139 31.00 14.31 -4.91
CA GLN C 139 30.36 14.56 -3.64
C GLN C 139 31.36 14.84 -2.52
N ALA C 140 32.49 14.13 -2.51
CA ALA C 140 33.48 14.34 -1.47
C ALA C 140 34.02 15.78 -1.49
N VAL C 141 34.17 16.35 -2.68
CA VAL C 141 34.66 17.72 -2.78
C VAL C 141 33.76 18.67 -2.03
N LEU C 142 32.46 18.52 -2.23
CA LEU C 142 31.50 19.35 -1.53
C LEU C 142 31.58 19.14 -0.05
N SER C 143 31.75 17.89 0.37
CA SER C 143 31.95 17.68 1.80
C SER C 143 33.08 18.53 2.31
N LEU C 144 34.21 18.56 1.60
CA LEU C 144 35.31 19.38 2.07
C LEU C 144 34.93 20.85 2.10
N TYR C 145 34.25 21.29 1.04
CA TYR C 145 33.77 22.66 1.03
C TYR C 145 32.92 22.93 2.26
N ALA C 146 32.09 21.98 2.64
CA ALA C 146 31.25 22.14 3.82
C ALA C 146 32.09 22.31 5.07
N SER C 147 33.31 21.80 5.06
CA SER C 147 34.17 21.87 6.25
C SER C 147 34.98 23.14 6.34
N GLY C 148 35.05 23.94 5.28
CA GLY C 148 35.86 25.13 5.31
C GLY C 148 37.36 24.89 5.21
N ARG C 149 37.79 23.63 5.10
CA ARG C 149 39.20 23.30 4.93
C ARG C 149 39.57 23.30 3.44
N THR C 150 40.88 23.25 3.19
CA THR C 150 41.41 23.10 1.84
C THR C 150 42.32 21.89 1.68
N THR C 151 42.52 21.11 2.73
CA THR C 151 43.39 19.95 2.68
C THR C 151 42.83 18.87 3.57
N GLY C 152 42.81 17.65 3.06
CA GLY C 152 42.33 16.52 3.83
C GLY C 152 41.85 15.43 2.91
N ILE C 153 41.57 14.29 3.51
CA ILE C 153 40.99 13.16 2.80
C ILE C 153 39.59 12.95 3.35
N VAL C 154 38.63 12.81 2.46
CA VAL C 154 37.24 12.72 2.85
C VAL C 154 36.78 11.29 2.74
N LEU C 155 36.14 10.81 3.78
CA LEU C 155 35.51 9.50 3.78
C LEU C 155 34.02 9.70 3.63
N ASP C 156 33.49 9.28 2.49
CA ASP C 156 32.09 9.46 2.17
C ASP C 156 31.39 8.11 2.13
N SER C 157 30.27 8.00 2.85
CA SER C 157 29.51 6.76 2.88
C SER C 157 28.04 7.08 3.01
N GLY C 158 27.34 7.05 1.87
CA GLY C 158 25.90 7.23 1.90
C GLY C 158 25.29 5.83 1.80
N ASP C 159 24.14 5.70 1.15
CA ASP C 159 23.45 4.41 1.09
C ASP C 159 24.08 3.36 0.15
N GLY C 160 24.72 3.80 -0.92
CA GLY C 160 25.24 2.83 -1.88
C GLY C 160 26.74 2.71 -2.14
N VAL C 161 27.52 3.76 -1.88
CA VAL C 161 28.93 3.76 -2.22
C VAL C 161 29.74 4.33 -1.07
N THR C 162 30.91 3.74 -0.85
CA THR C 162 31.89 4.29 0.07
C THR C 162 33.14 4.63 -0.72
N HIS C 163 33.58 5.88 -0.65
CA HIS C 163 34.74 6.29 -1.41
C HIS C 163 35.59 7.27 -0.61
N ASN C 164 36.89 7.27 -0.94
CA ASN C 164 37.89 8.08 -0.27
C ASN C 164 38.53 9.03 -1.27
N VAL C 165 38.62 10.30 -0.92
CA VAL C 165 39.32 11.26 -1.77
C VAL C 165 40.22 12.17 -0.95
N PRO C 166 41.51 12.21 -1.27
CA PRO C 166 42.43 13.11 -0.60
C PRO C 166 42.63 14.39 -1.40
N ILE C 167 42.76 15.48 -0.67
CA ILE C 167 43.05 16.75 -1.30
C ILE C 167 44.09 17.47 -0.47
N TYR C 168 45.03 18.11 -1.17
CA TYR C 168 46.05 18.92 -0.56
C TYR C 168 46.00 20.29 -1.22
N GLU C 169 45.74 21.32 -0.41
CA GLU C 169 45.74 22.71 -0.86
C GLU C 169 44.83 22.90 -2.07
N GLY C 170 43.67 22.26 -2.05
CA GLY C 170 42.70 22.41 -3.12
C GLY C 170 42.90 21.50 -4.31
N TYR C 171 43.92 20.65 -4.28
CA TYR C 171 44.18 19.72 -5.36
C TYR C 171 43.90 18.30 -4.92
N ALA C 172 43.13 17.58 -5.72
CA ALA C 172 42.96 16.16 -5.48
C ALA C 172 44.12 15.38 -6.09
N LEU C 173 44.19 14.09 -5.72
CA LEU C 173 45.16 13.17 -6.29
C LEU C 173 44.40 11.96 -6.83
N PRO C 174 43.99 11.99 -8.10
CA PRO C 174 43.11 10.92 -8.62
C PRO C 174 43.69 9.53 -8.55
N HIS C 175 45.01 9.38 -8.73
CA HIS C 175 45.59 8.05 -8.76
C HIS C 175 45.37 7.30 -7.46
N ALA C 176 45.22 8.00 -6.35
CA ALA C 176 45.00 7.36 -5.08
C ALA C 176 43.52 7.23 -4.73
N ILE C 177 42.62 7.69 -5.60
CA ILE C 177 41.21 7.63 -5.28
C ILE C 177 40.76 6.17 -5.22
N MET C 178 40.06 5.82 -4.15
CA MET C 178 39.62 4.47 -3.91
C MET C 178 38.13 4.45 -3.58
N ARG C 179 37.42 3.48 -4.13
CA ARG C 179 35.97 3.40 -4.04
C ARG C 179 35.56 1.99 -3.65
N LEU C 180 34.58 1.88 -2.76
CA LEU C 180 34.12 0.58 -2.26
C LEU C 180 32.61 0.49 -2.41
N ASP C 181 32.15 -0.46 -3.22
CA ASP C 181 30.73 -0.71 -3.39
C ASP C 181 30.20 -1.47 -2.17
N LEU C 182 30.25 -0.79 -1.04
CA LEU C 182 29.80 -1.35 0.22
C LEU C 182 29.34 -0.21 1.11
N ALA C 183 28.04 -0.16 1.39
CA ALA C 183 27.46 0.95 2.13
C ALA C 183 26.20 0.49 2.86
N GLY C 184 25.35 1.44 3.24
CA GLY C 184 24.25 1.15 4.16
C GLY C 184 23.32 0.06 3.69
N ARG C 185 22.97 0.05 2.40
CA ARG C 185 21.99 -0.91 1.89
C ARG C 185 22.47 -2.35 2.09
N ASP C 186 23.75 -2.58 1.85
CA ASP C 186 24.32 -3.89 2.06
C ASP C 186 24.30 -4.27 3.53
N LEU C 187 24.61 -3.33 4.40
CA LEU C 187 24.48 -3.59 5.81
C LEU C 187 23.06 -3.97 6.16
N THR C 188 22.09 -3.30 5.55
CA THR C 188 20.70 -3.65 5.81
C THR C 188 20.42 -5.07 5.37
N ASP C 189 20.87 -5.44 4.18
CA ASP C 189 20.63 -6.80 3.71
C ASP C 189 21.28 -7.82 4.62
N TYR C 190 22.47 -7.52 5.10
CA TYR C 190 23.13 -8.40 6.03
C TYR C 190 22.37 -8.51 7.35
N LEU C 191 21.80 -7.40 7.83
CA LEU C 191 21.00 -7.43 9.03
C LEU C 191 19.78 -8.31 8.83
N MET C 192 19.14 -8.20 7.67
CA MET C 192 18.06 -9.13 7.34
C MET C 192 18.55 -10.55 7.48
N LYS C 193 19.69 -10.82 6.86
CA LYS C 193 20.23 -12.17 6.86
C LYS C 193 20.38 -12.69 8.28
N ILE C 194 20.97 -11.89 9.16
CA ILE C 194 21.28 -12.38 10.49
C ILE C 194 20.10 -12.27 11.45
N LEU C 195 19.06 -11.52 11.11
CA LEU C 195 17.89 -11.46 11.99
C LEU C 195 17.14 -12.77 12.04
N THR C 196 17.30 -13.61 11.03
CA THR C 196 16.64 -14.90 11.01
C THR C 196 17.15 -15.84 12.10
N GLU C 197 18.35 -15.58 12.62
CA GLU C 197 18.94 -16.43 13.64
C GLU C 197 18.08 -16.49 14.90
N ARG C 198 17.39 -15.40 15.22
CA ARG C 198 16.41 -15.40 16.29
C ARG C 198 15.02 -15.73 15.78
N GLY C 199 14.91 -16.10 14.51
CA GLY C 199 13.63 -16.38 13.92
C GLY C 199 12.90 -15.19 13.36
N TYR C 200 13.54 -14.03 13.28
CA TYR C 200 12.90 -12.84 12.71
C TYR C 200 13.13 -12.84 11.20
N SER C 201 12.03 -12.89 10.43
CA SER C 201 12.09 -12.96 8.98
C SER C 201 11.47 -11.73 8.34
N PHE C 202 12.17 -11.17 7.37
CA PHE C 202 11.69 -10.04 6.59
C PHE C 202 12.10 -10.28 5.16
N VAL C 203 11.13 -10.22 4.25
CA VAL C 203 11.40 -10.70 2.90
C VAL C 203 11.00 -9.70 1.84
N THR C 204 10.06 -8.82 2.18
CA THR C 204 9.53 -7.95 1.15
C THR C 204 10.25 -6.60 1.13
N THR C 205 10.05 -5.86 0.04
CA THR C 205 10.65 -4.54 -0.08
C THR C 205 10.19 -3.62 1.04
N ALA C 206 8.95 -3.78 1.51
CA ALA C 206 8.46 -2.97 2.61
C ALA C 206 9.11 -3.32 3.94
N GLU C 207 9.27 -4.61 4.20
CA GLU C 207 10.02 -5.04 5.36
C GLU C 207 11.43 -4.48 5.37
N ARG C 208 11.99 -4.28 4.18
CA ARG C 208 13.33 -3.73 4.11
C ARG C 208 13.41 -2.36 4.76
N GLU C 209 12.39 -1.54 4.57
CA GLU C 209 12.39 -0.25 5.23
C GLU C 209 12.29 -0.40 6.72
N ILE C 210 11.49 -1.36 7.19
CA ILE C 210 11.42 -1.62 8.60
C ILE C 210 12.79 -1.94 9.15
N VAL C 211 13.51 -2.83 8.46
CA VAL C 211 14.81 -3.25 8.98
C VAL C 211 15.82 -2.12 8.86
N ARG C 212 15.68 -1.28 7.84
CA ARG C 212 16.55 -0.12 7.74
C ARG C 212 16.33 0.78 8.94
N ASP C 213 15.08 0.97 9.32
CA ASP C 213 14.78 1.73 10.53
C ASP C 213 15.40 1.06 11.75
N ILE C 214 15.31 -0.27 11.81
CA ILE C 214 15.92 -1.02 12.90
C ILE C 214 17.39 -0.71 12.98
N LYS C 215 18.07 -0.81 11.85
CA LYS C 215 19.49 -0.54 11.79
C LYS C 215 19.78 0.87 12.27
N GLU C 216 18.99 1.83 11.78
CA GLU C 216 19.23 3.23 12.12
C GLU C 216 18.96 3.52 13.58
N LYS C 217 18.21 2.66 14.27
CA LYS C 217 17.89 2.96 15.65
C LYS C 217 18.67 2.13 16.67
N LEU C 218 19.15 0.93 16.32
CA LEU C 218 19.72 0.04 17.32
C LEU C 218 21.15 -0.42 17.07
N CYS C 219 21.72 -0.13 15.90
CA CYS C 219 23.05 -0.64 15.61
C CYS C 219 24.12 0.35 16.03
N TYR C 220 25.32 -0.16 16.32
CA TYR C 220 26.40 0.69 16.77
C TYR C 220 27.73 0.04 16.45
N VAL C 221 28.78 0.84 16.60
CA VAL C 221 30.14 0.40 16.34
C VAL C 221 30.84 0.15 17.68
N ALA C 222 31.21 -1.10 17.91
CA ALA C 222 32.00 -1.45 19.08
C ALA C 222 33.44 -0.99 18.91
N LEU C 223 34.10 -0.71 20.01
CA LEU C 223 35.51 -0.39 19.93
C LEU C 223 36.36 -1.65 19.86
N ASP C 224 35.89 -2.74 20.45
CA ASP C 224 36.58 -4.03 20.39
C ASP C 224 35.57 -5.13 20.07
N PHE C 225 35.63 -5.67 18.85
CA PHE C 225 34.65 -6.63 18.37
C PHE C 225 34.64 -7.90 19.22
N GLU C 226 35.82 -8.45 19.50
CA GLU C 226 35.88 -9.68 20.26
C GLU C 226 35.42 -9.48 21.69
N ASN C 227 35.81 -8.36 22.31
CA ASN C 227 35.37 -8.07 23.66
C ASN C 227 33.86 -7.94 23.72
N GLU C 228 33.27 -7.25 22.77
CA GLU C 228 31.82 -7.10 22.78
C GLU C 228 31.14 -8.42 22.44
N MET C 229 31.73 -9.23 21.57
CA MET C 229 31.16 -10.54 21.30
C MET C 229 31.14 -11.39 22.54
N ALA C 230 32.24 -11.39 23.30
CA ALA C 230 32.27 -12.11 24.56
C ALA C 230 31.27 -11.52 25.54
N THR C 231 31.16 -10.19 25.58
CA THR C 231 30.22 -9.53 26.47
C THR C 231 28.80 -10.00 26.19
N ALA C 232 28.42 -10.02 24.92
CA ALA C 232 27.10 -10.49 24.52
C ALA C 232 26.93 -11.96 24.85
N ALA C 233 27.97 -12.76 24.64
CA ALA C 233 27.90 -14.18 24.93
C ALA C 233 27.71 -14.46 26.42
N SER C 234 28.12 -13.54 27.29
CA SER C 234 28.00 -13.78 28.72
C SER C 234 26.69 -13.25 29.30
N SER C 235 26.40 -11.97 29.06
CA SER C 235 25.27 -11.32 29.70
C SER C 235 24.34 -10.75 28.64
N SER C 236 23.11 -10.52 29.05
CA SER C 236 22.10 -9.95 28.18
C SER C 236 22.08 -8.43 28.25
N SER C 237 23.09 -7.82 28.86
CA SER C 237 23.06 -6.38 29.07
C SER C 237 22.99 -5.60 27.76
N LEU C 238 23.30 -6.24 26.64
CA LEU C 238 23.27 -5.58 25.33
C LEU C 238 21.98 -5.81 24.56
N GLU C 239 21.06 -6.61 25.09
CA GLU C 239 19.79 -6.84 24.41
C GLU C 239 18.97 -5.56 24.33
N LYS C 240 18.29 -5.37 23.20
CA LYS C 240 17.37 -4.26 23.05
C LYS C 240 16.18 -4.70 22.21
N SER C 241 15.05 -4.04 22.44
CA SER C 241 13.77 -4.47 21.89
C SER C 241 13.17 -3.42 20.97
N TYR C 242 12.39 -3.89 20.00
CA TYR C 242 11.81 -3.03 18.98
C TYR C 242 10.40 -3.46 18.70
N GLU C 243 9.53 -2.48 18.47
CA GLU C 243 8.13 -2.72 18.20
C GLU C 243 7.87 -2.62 16.71
N LEU C 244 7.36 -3.70 16.14
CA LEU C 244 7.03 -3.73 14.72
C LEU C 244 5.72 -2.94 14.48
N PRO C 245 5.47 -2.57 13.22
CA PRO C 245 4.28 -1.73 12.93
C PRO C 245 2.95 -2.34 13.31
N ASP C 246 2.82 -3.67 13.33
CA ASP C 246 1.56 -4.31 13.71
C ASP C 246 1.46 -4.57 15.21
N GLY C 247 2.45 -4.13 15.98
CA GLY C 247 2.45 -4.32 17.42
C GLY C 247 3.39 -5.39 17.94
N GLN C 248 4.04 -6.16 17.06
CA GLN C 248 4.98 -7.18 17.53
C GLN C 248 6.28 -6.54 17.99
N VAL C 249 6.86 -7.11 19.05
CA VAL C 249 8.09 -6.60 19.61
C VAL C 249 9.15 -7.68 19.49
N ILE C 250 10.31 -7.30 19.00
CA ILE C 250 11.44 -8.20 18.84
C ILE C 250 12.58 -7.64 19.65
N THR C 251 13.58 -8.48 19.93
CA THR C 251 14.69 -8.11 20.80
C THR C 251 16.02 -8.52 20.18
N ILE C 252 17.00 -7.62 20.20
CA ILE C 252 18.35 -7.90 19.68
C ILE C 252 19.39 -7.36 20.64
N GLY C 253 20.49 -8.08 20.75
CA GLY C 253 21.62 -7.58 21.51
C GLY C 253 22.99 -7.93 20.98
N ASN C 254 23.08 -8.68 19.88
CA ASN C 254 24.37 -9.12 19.37
C ASN C 254 24.56 -8.55 17.98
N GLU C 255 23.45 -8.51 17.25
CA GLU C 255 23.40 -7.97 15.91
C GLU C 255 23.56 -6.47 15.91
N ARG C 256 23.36 -5.83 17.05
CA ARG C 256 23.44 -4.39 17.12
C ARG C 256 24.80 -3.88 16.69
N PHE C 257 25.81 -4.74 16.74
CA PHE C 257 27.12 -4.35 16.32
C PHE C 257 27.72 -5.26 15.25
N ARG C 258 27.23 -6.49 15.13
CA ARG C 258 27.74 -7.38 14.07
C ARG C 258 27.50 -6.80 12.69
N CYS C 259 26.43 -6.02 12.53
CA CYS C 259 26.15 -5.39 11.24
C CYS C 259 27.19 -4.33 10.89
N PRO C 260 27.44 -3.30 11.72
CA PRO C 260 28.45 -2.30 11.33
C PRO C 260 29.85 -2.86 11.20
N GLU C 261 30.15 -4.01 11.82
CA GLU C 261 31.49 -4.57 11.73
C GLU C 261 31.86 -4.95 10.32
N THR C 262 30.87 -5.24 9.49
CA THR C 262 31.13 -5.53 8.09
C THR C 262 31.90 -4.38 7.44
N LEU C 263 31.69 -3.16 7.92
CA LEU C 263 32.49 -2.05 7.44
C LEU C 263 33.97 -2.29 7.64
N PHE C 264 34.31 -2.93 8.75
CA PHE C 264 35.69 -3.27 8.98
C PHE C 264 35.98 -4.71 8.63
N GLN C 265 34.95 -5.50 8.37
CA GLN C 265 35.10 -6.89 7.96
C GLN C 265 34.14 -7.20 6.81
N PRO C 266 34.47 -6.77 5.59
CA PRO C 266 33.59 -7.04 4.43
C PRO C 266 33.44 -8.51 4.07
N SER C 267 34.31 -9.38 4.55
CA SER C 267 34.12 -10.80 4.32
C SER C 267 32.82 -11.31 4.95
N PHE C 268 32.25 -10.57 5.90
CA PHE C 268 30.97 -10.95 6.49
C PHE C 268 29.94 -11.23 5.41
N ILE C 269 29.93 -10.39 4.38
CA ILE C 269 29.05 -10.58 3.24
C ILE C 269 29.79 -11.23 2.08
N GLY C 270 30.92 -11.87 2.37
CA GLY C 270 31.68 -12.54 1.35
C GLY C 270 32.55 -11.64 0.52
N MET C 271 32.71 -10.37 0.89
CA MET C 271 33.50 -9.49 0.06
C MET C 271 34.98 -9.60 0.38
N GLU C 272 35.81 -9.45 -0.66
CA GLU C 272 37.24 -9.60 -0.52
C GLU C 272 37.94 -8.27 -0.24
N SER C 273 37.24 -7.15 -0.35
CA SER C 273 37.88 -5.86 -0.18
C SER C 273 38.26 -5.61 1.27
N ALA C 274 39.14 -4.64 1.47
CA ALA C 274 39.63 -4.28 2.79
C ALA C 274 38.67 -3.35 3.50
N GLY C 275 38.92 -3.16 4.80
CA GLY C 275 38.07 -2.32 5.63
C GLY C 275 38.34 -0.84 5.42
N ILE C 276 37.39 -0.04 5.92
CA ILE C 276 37.41 1.40 5.66
C ILE C 276 38.65 2.04 6.23
N HIS C 277 39.03 1.64 7.43
CA HIS C 277 40.29 2.09 8.00
C HIS C 277 41.44 1.75 7.07
N GLU C 278 41.53 0.51 6.62
CA GLU C 278 42.64 0.10 5.78
C GLU C 278 42.57 0.78 4.43
N THR C 279 41.37 0.90 3.87
CA THR C 279 41.25 1.60 2.60
C THR C 279 41.72 3.03 2.73
N THR C 280 41.32 3.69 3.82
CA THR C 280 41.80 5.04 4.10
C THR C 280 43.31 5.06 4.17
N TYR C 281 43.86 4.10 4.90
CA TYR C 281 45.30 4.05 5.10
C TYR C 281 46.02 3.87 3.78
N ASN C 282 45.56 2.93 2.96
CA ASN C 282 46.22 2.65 1.69
C ASN C 282 46.12 3.82 0.75
N SER C 283 44.96 4.49 0.74
CA SER C 283 44.87 5.71 -0.01
C SER C 283 45.94 6.69 0.43
N ILE C 284 46.12 6.85 1.74
CA ILE C 284 47.15 7.75 2.23
C ILE C 284 48.53 7.29 1.77
N MET C 285 48.74 5.99 1.72
CA MET C 285 50.04 5.47 1.31
C MET C 285 50.29 5.62 -0.18
N LYS C 286 49.25 5.87 -0.98
CA LYS C 286 49.45 6.10 -2.39
C LYS C 286 49.85 7.53 -2.70
N CYS C 287 49.90 8.39 -1.69
CA CYS C 287 50.20 9.80 -1.90
C CYS C 287 51.67 10.09 -1.63
N ASP C 288 52.06 11.34 -1.89
CA ASP C 288 53.41 11.77 -1.62
C ASP C 288 53.70 11.73 -0.12
N ILE C 289 54.88 11.20 0.22
CA ILE C 289 55.31 11.10 1.61
C ILE C 289 55.24 12.44 2.31
N ASP C 290 55.34 13.53 1.55
CA ASP C 290 55.40 14.86 2.14
C ASP C 290 54.03 15.34 2.64
N ILE C 291 52.93 14.88 2.05
CA ILE C 291 51.61 15.38 2.41
C ILE C 291 50.86 14.44 3.33
N ARG C 292 51.38 13.24 3.55
CA ARG C 292 50.67 12.25 4.35
C ARG C 292 50.45 12.73 5.76
N LYS C 293 51.41 13.45 6.34
CA LYS C 293 51.22 13.94 7.69
C LYS C 293 49.99 14.81 7.79
N ASP C 294 49.85 15.75 6.87
CA ASP C 294 48.67 16.60 6.86
C ASP C 294 47.42 15.77 6.63
N LEU C 295 47.53 14.75 5.79
CA LEU C 295 46.38 13.88 5.60
C LEU C 295 45.98 13.20 6.90
N TYR C 296 46.97 12.79 7.69
CA TYR C 296 46.71 12.10 8.95
C TYR C 296 45.97 12.99 9.92
N ALA C 297 46.15 14.30 9.83
CA ALA C 297 45.52 15.22 10.75
C ALA C 297 44.17 15.72 10.28
N ASN C 298 43.74 15.39 9.05
CA ASN C 298 42.46 15.86 8.54
C ASN C 298 41.73 14.73 7.81
N ASN C 299 41.01 13.94 8.59
CA ASN C 299 40.23 12.84 8.05
C ASN C 299 38.77 13.23 8.24
N VAL C 300 38.08 13.43 7.13
CA VAL C 300 36.76 14.02 7.16
C VAL C 300 35.77 12.97 6.69
N MET C 301 34.74 12.75 7.49
CA MET C 301 33.73 11.76 7.18
C MET C 301 32.40 12.43 6.86
N SER C 302 31.60 11.74 6.05
CA SER C 302 30.30 12.24 5.67
C SER C 302 29.47 11.07 5.19
N GLY C 303 28.15 11.27 5.19
CA GLY C 303 27.23 10.24 4.78
C GLY C 303 26.56 9.57 5.96
N GLY C 304 25.30 9.16 5.74
CA GLY C 304 24.51 8.62 6.82
C GLY C 304 25.09 7.36 7.41
N THR C 305 25.72 6.54 6.59
CA THR C 305 26.38 5.34 7.13
C THR C 305 27.52 5.73 8.08
N THR C 306 27.98 6.97 8.04
CA THR C 306 29.00 7.42 8.96
C THR C 306 28.42 7.99 10.25
N MET C 307 27.18 7.65 10.59
CA MET C 307 26.57 8.20 11.78
C MET C 307 26.48 7.21 12.94
N TYR C 308 27.12 6.05 12.83
CA TYR C 308 27.06 5.05 13.89
C TYR C 308 27.72 5.56 15.16
N PRO C 309 27.21 5.20 16.33
CA PRO C 309 27.94 5.49 17.57
C PRO C 309 29.26 4.73 17.62
N GLY C 310 30.31 5.43 18.04
CA GLY C 310 31.62 4.84 18.18
C GLY C 310 32.41 4.73 16.91
N ILE C 311 31.87 5.18 15.78
CA ILE C 311 32.57 5.03 14.51
C ILE C 311 33.85 5.86 14.49
N ALA C 312 33.77 7.10 14.98
CA ALA C 312 34.94 7.97 14.95
C ALA C 312 36.05 7.44 15.82
N ASP C 313 35.71 6.96 17.01
CA ASP C 313 36.70 6.42 17.91
C ASP C 313 37.32 5.16 17.36
N ARG C 314 36.50 4.28 16.80
CA ARG C 314 37.04 3.06 16.22
C ARG C 314 38.00 3.38 15.08
N MET C 315 37.63 4.33 14.21
CA MET C 315 38.53 4.72 13.13
C MET C 315 39.80 5.34 13.69
N GLN C 316 39.66 6.19 14.72
CA GLN C 316 40.83 6.76 15.37
C GLN C 316 41.79 5.69 15.82
N LYS C 317 41.28 4.71 16.55
CA LYS C 317 42.10 3.63 17.08
C LYS C 317 42.75 2.82 15.97
N GLU C 318 41.95 2.41 14.98
CA GLU C 318 42.47 1.55 13.92
C GLU C 318 43.58 2.23 13.13
N ILE C 319 43.34 3.44 12.66
CA ILE C 319 44.33 4.11 11.85
C ILE C 319 45.56 4.46 12.69
N THR C 320 45.35 4.79 13.97
CA THR C 320 46.49 4.92 14.86
C THR C 320 47.32 3.65 14.87
N ALA C 321 46.65 2.49 14.87
CA ALA C 321 47.38 1.23 14.80
C ALA C 321 48.11 1.05 13.49
N LEU C 322 47.63 1.65 12.41
CA LEU C 322 48.32 1.51 11.11
C LEU C 322 49.40 2.55 10.86
N ALA C 323 49.50 3.59 11.70
CA ALA C 323 50.36 4.75 11.43
C ALA C 323 51.80 4.50 11.90
N PRO C 324 52.77 5.33 11.41
CA PRO C 324 54.16 5.17 11.86
C PRO C 324 54.38 5.57 13.32
N SER C 325 53.29 5.83 14.02
CA SER C 325 53.24 6.06 15.46
C SER C 325 53.88 7.38 15.84
N THR C 326 54.64 7.97 14.92
CA THR C 326 55.12 9.32 15.12
C THR C 326 54.14 10.33 14.56
N MET C 327 53.14 9.86 13.83
CA MET C 327 52.11 10.71 13.28
C MET C 327 50.98 10.90 14.29
N LYS C 328 50.23 11.98 14.11
CA LYS C 328 49.05 12.27 14.92
C LYS C 328 47.80 12.04 14.07
N ILE C 329 46.88 11.25 14.61
CA ILE C 329 45.67 10.83 13.90
C ILE C 329 44.51 11.67 14.39
N LYS C 330 43.87 12.41 13.47
CA LYS C 330 42.77 13.31 13.80
C LYS C 330 41.57 13.01 12.92
N ILE C 331 40.43 12.74 13.55
CA ILE C 331 39.17 12.43 12.86
C ILE C 331 38.26 13.66 12.97
N ILE C 332 37.65 14.04 11.85
CA ILE C 332 36.73 15.17 11.82
C ILE C 332 35.33 14.67 11.48
N ALA C 333 34.39 14.82 12.42
CA ALA C 333 33.05 14.24 12.32
C ALA C 333 32.02 15.23 12.83
N PRO C 334 31.63 16.20 12.01
CA PRO C 334 30.65 17.18 12.46
C PRO C 334 29.28 16.54 12.61
N PRO C 335 28.42 17.11 13.45
CA PRO C 335 27.06 16.58 13.58
C PRO C 335 26.27 16.57 12.28
N GLU C 336 26.51 17.54 11.40
CA GLU C 336 25.74 17.68 10.18
C GLU C 336 26.25 16.81 9.04
N ARG C 337 27.00 15.75 9.37
CA ARG C 337 27.53 14.82 8.38
C ARG C 337 26.50 14.45 7.32
N LYS C 338 25.24 14.32 7.73
CA LYS C 338 24.21 13.81 6.84
C LYS C 338 23.99 14.70 5.64
N TYR C 339 24.47 15.93 5.67
CA TYR C 339 24.13 16.87 4.62
C TYR C 339 25.35 17.62 4.11
N SER C 340 26.53 17.24 4.58
CA SER C 340 27.74 17.98 4.24
C SER C 340 27.88 18.15 2.75
N VAL C 341 27.47 17.16 1.99
CA VAL C 341 27.54 17.27 0.54
C VAL C 341 26.69 18.43 0.06
N TRP C 342 25.40 18.40 0.38
CA TRP C 342 24.51 19.46 -0.07
C TRP C 342 24.98 20.80 0.46
N ILE C 343 25.55 20.80 1.65
CA ILE C 343 25.96 22.04 2.27
C ILE C 343 27.12 22.65 1.50
N GLY C 344 28.17 21.86 1.27
CA GLY C 344 29.26 22.33 0.46
C GLY C 344 28.79 22.75 -0.90
N GLY C 345 27.76 22.08 -1.42
CA GLY C 345 27.20 22.48 -2.69
C GLY C 345 26.57 23.85 -2.65
N SER C 346 25.79 24.13 -1.62
CA SER C 346 25.19 25.45 -1.50
C SER C 346 26.26 26.51 -1.40
N ILE C 347 27.28 26.22 -0.60
CA ILE C 347 28.44 27.09 -0.53
C ILE C 347 28.98 27.36 -1.92
N LEU C 348 29.33 26.29 -2.63
CA LEU C 348 30.00 26.44 -3.91
C LEU C 348 29.14 27.21 -4.89
N ALA C 349 27.88 26.85 -4.99
CA ALA C 349 27.01 27.52 -5.93
C ALA C 349 26.84 28.99 -5.58
N SER C 350 26.94 29.34 -4.29
CA SER C 350 26.77 30.72 -3.91
C SER C 350 27.96 31.60 -4.28
N LEU C 351 29.04 31.03 -4.76
CA LEU C 351 30.23 31.82 -5.05
C LEU C 351 30.08 32.60 -6.35
N SER C 352 30.45 33.88 -6.29
CA SER C 352 30.43 34.71 -7.49
C SER C 352 31.34 34.15 -8.58
N THR C 353 32.48 33.61 -8.17
CA THR C 353 33.43 33.10 -9.15
C THR C 353 32.90 31.86 -9.86
N PHE C 354 31.98 31.13 -9.23
CA PHE C 354 31.46 29.92 -9.85
C PHE C 354 30.53 30.23 -11.01
N GLN C 355 30.05 31.45 -11.09
CA GLN C 355 29.03 31.77 -12.06
C GLN C 355 29.52 31.63 -13.49
N GLN C 356 30.83 31.64 -13.70
CA GLN C 356 31.38 31.39 -15.01
C GLN C 356 31.68 29.92 -15.24
N MET C 357 31.50 29.09 -14.22
CA MET C 357 31.74 27.66 -14.35
C MET C 357 30.50 26.90 -14.74
N TRP C 358 29.37 27.57 -14.84
CA TRP C 358 28.14 26.91 -15.26
C TRP C 358 28.23 26.43 -16.70
N ILE C 359 27.62 25.28 -16.95
CA ILE C 359 27.44 24.79 -18.32
C ILE C 359 26.16 25.43 -18.87
N THR C 360 26.30 26.32 -19.85
CA THR C 360 25.11 26.96 -20.38
C THR C 360 24.51 26.14 -21.50
N LYS C 361 23.21 26.36 -21.72
CA LYS C 361 22.52 25.62 -22.77
C LYS C 361 23.16 25.85 -24.12
N GLN C 362 23.63 27.07 -24.36
CA GLN C 362 24.26 27.35 -25.65
C GLN C 362 25.44 26.43 -25.86
N GLU C 363 26.27 26.26 -24.83
CA GLU C 363 27.40 25.36 -24.94
C GLU C 363 26.94 23.94 -25.21
N TYR C 364 25.88 23.51 -24.51
CA TYR C 364 25.36 22.18 -24.71
C TYR C 364 24.89 21.99 -26.15
N ASP C 365 24.20 22.98 -26.68
CA ASP C 365 23.63 22.90 -28.00
C ASP C 365 24.69 22.65 -29.07
N GLU C 366 25.95 22.98 -28.79
CA GLU C 366 27.01 22.75 -29.74
C GLU C 366 27.80 21.48 -29.43
N ALA C 367 28.12 21.25 -28.16
CA ALA C 367 29.02 20.15 -27.81
C ALA C 367 28.29 18.88 -27.41
N GLY C 368 26.97 18.86 -27.42
CA GLY C 368 26.26 17.69 -27.00
C GLY C 368 26.48 17.40 -25.53
N PRO C 369 26.00 16.26 -25.07
CA PRO C 369 26.18 15.89 -23.66
C PRO C 369 27.62 15.68 -23.25
N SER C 370 28.52 15.45 -24.22
CA SER C 370 29.91 15.19 -23.88
C SER C 370 30.60 16.38 -23.22
N ILE C 371 30.03 17.57 -23.37
CA ILE C 371 30.68 18.78 -22.87
C ILE C 371 30.96 18.66 -21.37
N VAL C 372 30.15 17.89 -20.67
CA VAL C 372 30.27 17.81 -19.22
C VAL C 372 31.63 17.29 -18.83
N HIS C 373 32.17 16.36 -19.60
CA HIS C 373 33.49 15.83 -19.30
C HIS C 373 34.54 16.93 -19.37
N ARG C 374 34.31 17.93 -20.21
CA ARG C 374 35.25 19.02 -20.29
C ARG C 374 35.05 20.00 -19.16
N LYS C 375 33.80 20.39 -18.92
CA LYS C 375 33.55 21.46 -17.98
C LYS C 375 33.50 21.00 -16.54
N CYS C 376 33.26 19.73 -16.29
CA CYS C 376 33.27 19.23 -14.92
C CYS C 376 34.41 18.26 -14.71
N THR D 7 -32.74 4.60 -18.09
CA THR D 7 -33.72 5.16 -17.16
C THR D 7 -33.12 5.27 -15.76
N THR D 8 -33.23 4.19 -14.99
CA THR D 8 -32.59 4.09 -13.69
C THR D 8 -32.27 2.62 -13.43
N ALA D 9 -31.31 2.38 -12.54
CA ALA D 9 -30.80 1.04 -12.35
C ALA D 9 -31.50 0.34 -11.19
N LEU D 10 -31.34 -0.97 -11.15
CA LEU D 10 -31.96 -1.82 -10.16
C LEU D 10 -30.91 -2.56 -9.35
N VAL D 11 -31.13 -2.64 -8.05
CA VAL D 11 -30.20 -3.27 -7.13
C VAL D 11 -30.93 -4.41 -6.46
N CYS D 12 -30.62 -5.63 -6.86
CA CYS D 12 -31.23 -6.84 -6.31
C CYS D 12 -30.16 -7.63 -5.58
N ASP D 13 -30.27 -7.69 -4.26
CA ASP D 13 -29.37 -8.52 -3.47
C ASP D 13 -30.09 -9.82 -3.15
N ASN D 14 -29.83 -10.83 -3.97
CA ASN D 14 -30.37 -12.15 -3.71
C ASN D 14 -29.59 -12.75 -2.54
N GLY D 15 -30.02 -12.40 -1.33
CA GLY D 15 -29.45 -12.98 -0.15
C GLY D 15 -29.88 -14.42 0.02
N SER D 16 -29.17 -15.12 0.92
CA SER D 16 -29.40 -16.56 1.05
C SER D 16 -30.83 -16.85 1.53
N GLY D 17 -31.35 -16.03 2.43
CA GLY D 17 -32.69 -16.27 2.96
C GLY D 17 -33.67 -15.16 2.65
N LEU D 18 -33.15 -13.98 2.37
CA LEU D 18 -33.98 -12.81 2.14
C LEU D 18 -33.58 -12.12 0.86
N VAL D 19 -34.57 -11.55 0.20
CA VAL D 19 -34.39 -10.86 -1.08
C VAL D 19 -34.56 -9.37 -0.83
N LYS D 20 -33.58 -8.58 -1.25
CA LYS D 20 -33.52 -7.15 -0.99
C LYS D 20 -33.37 -6.42 -2.32
N ALA D 21 -34.27 -5.48 -2.60
CA ALA D 21 -34.30 -4.88 -3.93
C ALA D 21 -34.88 -3.47 -3.91
N GLY D 22 -34.49 -2.71 -4.92
CA GLY D 22 -35.04 -1.39 -5.14
C GLY D 22 -34.24 -0.66 -6.21
N PHE D 23 -34.65 0.59 -6.45
CA PHE D 23 -33.97 1.44 -7.42
C PHE D 23 -32.68 1.99 -6.87
N ALA D 24 -31.78 2.35 -7.78
CA ALA D 24 -30.62 3.12 -7.39
C ALA D 24 -31.05 4.53 -6.98
N GLY D 25 -30.36 5.10 -5.99
CA GLY D 25 -30.65 6.42 -5.49
C GLY D 25 -31.52 6.49 -4.25
N ASP D 26 -32.20 5.41 -3.90
CA ASP D 26 -33.00 5.36 -2.70
C ASP D 26 -32.16 4.83 -1.54
N ASP D 27 -32.61 5.11 -0.32
CA ASP D 27 -31.83 4.77 0.86
C ASP D 27 -32.21 3.44 1.49
N ALA D 28 -33.16 2.71 0.90
CA ALA D 28 -33.60 1.43 1.46
C ALA D 28 -34.19 0.57 0.35
N PRO D 29 -34.00 -0.76 0.42
CA PRO D 29 -34.59 -1.62 -0.62
C PRO D 29 -36.10 -1.53 -0.56
N ARG D 30 -36.70 -1.23 -1.71
CA ARG D 30 -38.13 -1.03 -1.76
C ARG D 30 -38.88 -2.28 -1.38
N ALA D 31 -38.29 -3.45 -1.63
CA ALA D 31 -38.94 -4.72 -1.38
C ALA D 31 -38.02 -5.63 -0.61
N VAL D 32 -38.57 -6.31 0.39
CA VAL D 32 -37.83 -7.28 1.19
C VAL D 32 -38.80 -8.40 1.51
N PHE D 33 -38.42 -9.63 1.15
CA PHE D 33 -39.30 -10.77 1.35
C PHE D 33 -38.47 -12.04 1.33
N PRO D 34 -39.00 -13.14 1.88
CA PRO D 34 -38.21 -14.36 2.01
C PRO D 34 -37.94 -14.99 0.65
N SER D 35 -36.79 -15.63 0.56
CA SER D 35 -36.36 -16.29 -0.67
C SER D 35 -36.82 -17.75 -0.65
N ILE D 36 -38.13 -17.92 -0.78
CA ILE D 36 -38.75 -19.23 -0.63
C ILE D 36 -39.73 -19.49 -1.77
N VAL D 37 -40.00 -20.77 -1.99
CA VAL D 37 -41.07 -21.22 -2.86
C VAL D 37 -41.85 -22.29 -2.14
N GLY D 38 -43.17 -22.21 -2.19
CA GLY D 38 -44.05 -23.16 -1.53
C GLY D 38 -44.95 -23.87 -2.53
N ARG D 39 -45.22 -25.14 -2.27
CA ARG D 39 -46.16 -25.92 -3.04
C ARG D 39 -47.09 -26.70 -2.11
N PRO D 40 -48.34 -26.90 -2.51
CA PRO D 40 -49.31 -27.51 -1.59
C PRO D 40 -48.95 -28.95 -1.27
N ARG D 41 -49.42 -29.40 -0.11
CA ARG D 41 -49.17 -30.77 0.36
C ARG D 41 -50.43 -31.42 0.91
N HIS D 42 -51.61 -30.89 0.60
CA HIS D 42 -52.87 -31.41 1.12
C HIS D 42 -53.91 -31.40 0.03
N GLN D 43 -54.99 -32.13 0.29
CA GLN D 43 -56.07 -32.23 -0.67
C GLN D 43 -56.83 -30.91 -0.77
N GLY D 44 -57.01 -30.43 -2.00
CA GLY D 44 -57.77 -29.23 -2.24
C GLY D 44 -59.24 -29.54 -2.36
N VAL D 45 -59.98 -29.33 -1.28
CA VAL D 45 -61.35 -29.81 -1.22
C VAL D 45 -62.38 -28.85 -1.81
N MET D 46 -61.97 -27.63 -2.16
CA MET D 46 -62.89 -26.64 -2.70
C MET D 46 -62.60 -26.39 -4.17
N VAL D 47 -63.66 -26.42 -4.98
CA VAL D 47 -63.51 -26.20 -6.42
C VAL D 47 -63.04 -24.78 -6.69
N GLY D 48 -62.07 -24.65 -7.61
CA GLY D 48 -61.57 -23.36 -8.03
C GLY D 48 -60.48 -22.75 -7.17
N MET D 49 -60.41 -23.12 -5.89
CA MET D 49 -59.44 -22.51 -4.99
C MET D 49 -58.05 -23.12 -5.13
N GLY D 50 -57.96 -24.38 -5.57
CA GLY D 50 -56.70 -25.08 -5.65
C GLY D 50 -55.94 -24.93 -6.94
N GLN D 51 -56.33 -23.98 -7.80
CA GLN D 51 -55.70 -23.86 -9.11
C GLN D 51 -54.26 -23.36 -9.02
N LYS D 52 -53.90 -22.69 -7.94
CA LYS D 52 -52.58 -22.09 -7.80
C LYS D 52 -51.59 -23.17 -7.35
N ASP D 53 -50.60 -23.46 -8.20
CA ASP D 53 -49.67 -24.56 -7.93
C ASP D 53 -48.46 -24.14 -7.11
N SER D 54 -48.18 -22.85 -7.01
CA SER D 54 -46.97 -22.40 -6.34
C SER D 54 -47.18 -21.01 -5.74
N TYR D 55 -46.51 -20.80 -4.62
CA TYR D 55 -46.52 -19.52 -3.89
C TYR D 55 -45.09 -19.13 -3.63
N VAL D 56 -44.80 -17.84 -3.69
CA VAL D 56 -43.40 -17.43 -3.70
C VAL D 56 -43.02 -16.55 -2.52
N GLY D 57 -43.58 -15.35 -2.47
CA GLY D 57 -43.05 -14.38 -1.54
C GLY D 57 -43.65 -14.55 -0.16
N ASP D 58 -44.12 -13.45 0.41
CA ASP D 58 -44.80 -13.53 1.69
C ASP D 58 -46.09 -14.33 1.62
N GLU D 59 -46.64 -14.51 0.42
CA GLU D 59 -47.76 -15.41 0.26
C GLU D 59 -47.40 -16.82 0.69
N ALA D 60 -46.19 -17.27 0.35
CA ALA D 60 -45.74 -18.58 0.78
C ALA D 60 -45.67 -18.67 2.29
N GLN D 61 -45.21 -17.61 2.95
CA GLN D 61 -45.06 -17.65 4.40
C GLN D 61 -46.39 -17.58 5.11
N SER D 62 -47.34 -16.78 4.60
CA SER D 62 -48.62 -16.66 5.26
C SER D 62 -49.46 -17.92 5.12
N LYS D 63 -49.30 -18.66 4.04
CA LYS D 63 -50.06 -19.88 3.80
C LYS D 63 -49.26 -21.14 4.10
N ARG D 64 -48.16 -21.00 4.84
CA ARG D 64 -47.25 -22.13 5.06
C ARG D 64 -47.94 -23.29 5.76
N GLY D 65 -49.08 -23.05 6.41
CA GLY D 65 -49.79 -24.12 7.09
C GLY D 65 -50.25 -25.23 6.19
N ILE D 66 -50.24 -25.02 4.88
CA ILE D 66 -50.69 -26.01 3.91
C ILE D 66 -49.67 -26.21 2.79
N LEU D 67 -48.40 -25.87 3.03
CA LEU D 67 -47.40 -25.87 1.98
C LEU D 67 -46.10 -26.49 2.45
N THR D 68 -45.30 -26.94 1.49
CA THR D 68 -43.92 -27.36 1.74
C THR D 68 -42.99 -26.29 1.15
N LEU D 69 -42.11 -25.77 1.97
CA LEU D 69 -41.29 -24.61 1.59
C LEU D 69 -39.89 -25.05 1.20
N LYS D 70 -39.33 -24.35 0.21
CA LYS D 70 -38.00 -24.66 -0.30
C LYS D 70 -37.21 -23.37 -0.52
N TYR D 71 -35.91 -23.45 -0.29
CA TYR D 71 -34.99 -22.35 -0.56
C TYR D 71 -34.19 -22.66 -1.82
N PRO D 72 -34.33 -21.88 -2.89
CA PRO D 72 -33.55 -22.17 -4.11
C PRO D 72 -32.07 -21.95 -3.95
N ILE D 73 -31.63 -21.33 -2.87
CA ILE D 73 -30.22 -21.04 -2.64
C ILE D 73 -29.84 -21.58 -1.27
N GLU D 74 -28.71 -22.27 -1.23
CA GLU D 74 -28.14 -22.75 0.01
C GLU D 74 -26.67 -22.44 -0.02
N HIC D 75 -26.12 -21.95 1.08
CA HIC D 75 -24.71 -21.65 1.16
C HIC D 75 -24.28 -20.74 0.00
O HIC D 75 -23.15 -20.66 -0.43
CB HIC D 75 -23.77 -22.86 1.10
CG HIC D 75 -24.00 -23.78 2.21
ND1 HIC D 75 -24.05 -23.41 3.55
CD2 HIC D 75 -24.20 -25.17 2.08
CE1 HIC D 75 -24.28 -24.55 4.23
NE2 HIC D 75 -24.39 -25.66 3.37
CZ HIC D 75 -24.63 -27.01 3.73
N GLY D 76 -25.29 -20.07 -0.52
CA GLY D 76 -25.12 -18.91 -1.37
C GLY D 76 -25.00 -19.39 -2.80
N ILE D 77 -25.21 -20.68 -2.99
CA ILE D 77 -25.20 -21.29 -4.31
C ILE D 77 -26.64 -21.56 -4.72
N ILE D 78 -26.99 -21.13 -5.93
CA ILE D 78 -28.33 -21.35 -6.47
C ILE D 78 -28.45 -22.82 -6.81
N THR D 79 -29.30 -23.53 -6.09
CA THR D 79 -29.46 -24.94 -6.32
C THR D 79 -30.69 -25.27 -7.16
N ASN D 80 -31.74 -24.45 -7.10
CA ASN D 80 -32.90 -24.60 -7.97
C ASN D 80 -32.99 -23.37 -8.84
N TRP D 81 -32.68 -23.52 -10.11
CA TRP D 81 -32.71 -22.38 -11.01
C TRP D 81 -34.13 -22.02 -11.42
N ASP D 82 -35.02 -22.99 -11.60
CA ASP D 82 -36.38 -22.67 -11.99
C ASP D 82 -37.09 -21.87 -10.91
N ASP D 83 -36.96 -22.31 -9.66
CA ASP D 83 -37.56 -21.56 -8.57
C ASP D 83 -36.92 -20.19 -8.46
N MET D 84 -35.61 -20.10 -8.71
CA MET D 84 -34.97 -18.80 -8.69
C MET D 84 -35.57 -17.87 -9.73
N GLU D 85 -35.90 -18.42 -10.89
CA GLU D 85 -36.55 -17.63 -11.92
C GLU D 85 -37.91 -17.15 -11.47
N LYS D 86 -38.68 -18.04 -10.84
CA LYS D 86 -39.93 -17.60 -10.26
C LYS D 86 -39.70 -16.42 -9.34
N ILE D 87 -38.65 -16.49 -8.54
CA ILE D 87 -38.37 -15.43 -7.58
C ILE D 87 -38.05 -14.14 -8.29
N TRP D 88 -37.21 -14.19 -9.31
CA TRP D 88 -36.86 -12.97 -10.01
C TRP D 88 -38.08 -12.39 -10.70
N HIS D 89 -38.92 -13.24 -11.29
CA HIS D 89 -40.16 -12.77 -11.88
C HIS D 89 -40.98 -12.03 -10.86
N HIS D 90 -41.20 -12.65 -9.70
CA HIS D 90 -41.94 -11.98 -8.66
C HIS D 90 -41.31 -10.65 -8.32
N THR D 91 -40.00 -10.66 -8.10
CA THR D 91 -39.25 -9.45 -7.81
C THR D 91 -39.64 -8.32 -8.74
N PHE D 92 -39.41 -8.52 -10.02
CA PHE D 92 -39.49 -7.42 -10.95
C PHE D 92 -40.93 -7.04 -11.25
N TYR D 93 -41.78 -8.04 -11.45
CA TYR D 93 -43.11 -7.78 -11.95
C TYR D 93 -44.14 -7.55 -10.86
N ASN D 94 -44.04 -8.25 -9.73
CA ASN D 94 -45.02 -8.13 -8.68
C ASN D 94 -44.55 -7.20 -7.58
N GLU D 95 -43.30 -7.30 -7.17
CA GLU D 95 -42.80 -6.43 -6.13
C GLU D 95 -42.34 -5.09 -6.70
N LEU D 96 -41.63 -5.11 -7.81
CA LEU D 96 -41.17 -3.85 -8.40
C LEU D 96 -42.12 -3.32 -9.45
N ARG D 97 -42.77 -4.22 -10.19
CA ARG D 97 -43.71 -3.83 -11.23
C ARG D 97 -43.02 -2.93 -12.24
N VAL D 98 -41.93 -3.45 -12.79
CA VAL D 98 -41.09 -2.73 -13.72
C VAL D 98 -40.77 -3.64 -14.90
N ALA D 99 -40.39 -3.02 -16.03
CA ALA D 99 -39.97 -3.76 -17.21
C ALA D 99 -38.45 -3.86 -17.25
N PRO D 100 -37.91 -5.05 -17.00
CA PRO D 100 -36.45 -5.20 -16.89
C PRO D 100 -35.71 -4.81 -18.15
N GLU D 101 -36.32 -5.03 -19.31
CA GLU D 101 -35.72 -4.62 -20.56
C GLU D 101 -35.36 -3.16 -20.57
N GLU D 102 -35.94 -2.38 -19.66
CA GLU D 102 -35.67 -0.96 -19.59
C GLU D 102 -34.68 -0.58 -18.51
N HIS D 103 -34.11 -1.55 -17.81
CA HIS D 103 -33.29 -1.21 -16.66
C HIS D 103 -32.04 -2.08 -16.59
N PRO D 104 -30.86 -1.48 -16.43
CA PRO D 104 -29.68 -2.28 -16.07
C PRO D 104 -29.79 -2.71 -14.62
N THR D 105 -29.18 -3.85 -14.32
CA THR D 105 -29.41 -4.50 -13.04
C THR D 105 -28.10 -4.88 -12.37
N LEU D 106 -28.03 -4.63 -11.08
CA LEU D 106 -26.85 -4.94 -10.31
C LEU D 106 -27.12 -6.14 -9.42
N LEU D 107 -26.22 -7.13 -9.47
CA LEU D 107 -26.35 -8.36 -8.72
C LEU D 107 -25.16 -8.56 -7.80
N THR D 108 -25.35 -9.43 -6.80
CA THR D 108 -24.40 -9.62 -5.71
C THR D 108 -24.01 -11.09 -5.58
N GLU D 109 -22.84 -11.33 -5.01
CA GLU D 109 -22.41 -12.70 -4.75
C GLU D 109 -21.38 -12.72 -3.63
N ALA D 110 -21.37 -13.82 -2.92
CA ALA D 110 -20.30 -14.08 -1.98
C ALA D 110 -19.06 -14.54 -2.73
N PRO D 111 -17.88 -14.31 -2.17
CA PRO D 111 -16.65 -14.77 -2.81
C PRO D 111 -16.48 -16.27 -2.68
N LEU D 112 -15.46 -16.77 -3.36
CA LEU D 112 -15.10 -18.19 -3.34
C LEU D 112 -16.27 -19.08 -3.74
N ASN D 113 -17.06 -18.62 -4.69
CA ASN D 113 -18.23 -19.35 -5.16
C ASN D 113 -17.91 -20.08 -6.46
N PRO D 114 -18.64 -21.15 -6.77
CA PRO D 114 -18.47 -21.79 -8.07
C PRO D 114 -18.78 -20.81 -9.19
N LYS D 115 -17.96 -20.84 -10.23
CA LYS D 115 -18.08 -19.87 -11.32
C LYS D 115 -19.40 -20.02 -12.05
N ALA D 116 -19.86 -21.26 -12.22
CA ALA D 116 -21.07 -21.50 -13.00
C ALA D 116 -22.26 -20.77 -12.42
N ASN D 117 -22.28 -20.56 -11.11
CA ASN D 117 -23.35 -19.80 -10.50
C ASN D 117 -23.45 -18.42 -11.11
N ARG D 118 -22.33 -17.72 -11.15
CA ARG D 118 -22.24 -16.41 -11.75
C ARG D 118 -22.62 -16.44 -13.23
N GLU D 119 -22.08 -17.41 -13.97
CA GLU D 119 -22.37 -17.44 -15.40
C GLU D 119 -23.85 -17.68 -15.68
N LYS D 120 -24.47 -18.59 -14.93
CA LYS D 120 -25.86 -18.91 -15.17
C LYS D 120 -26.76 -17.73 -14.85
N MET D 121 -26.51 -17.04 -13.74
CA MET D 121 -27.33 -15.87 -13.48
C MET D 121 -27.16 -14.85 -14.59
N THR D 122 -25.94 -14.73 -15.12
CA THR D 122 -25.70 -13.83 -16.24
C THR D 122 -26.60 -14.18 -17.42
N GLN D 123 -26.53 -15.44 -17.85
CA GLN D 123 -27.31 -15.87 -18.99
C GLN D 123 -28.79 -15.65 -18.74
N ILE D 124 -29.23 -15.90 -17.52
CA ILE D 124 -30.63 -15.73 -17.20
C ILE D 124 -31.05 -14.29 -17.41
N MET D 125 -30.30 -13.35 -16.85
CA MET D 125 -30.70 -11.97 -16.97
C MET D 125 -30.75 -11.53 -18.42
N PHE D 126 -29.74 -11.92 -19.20
CA PHE D 126 -29.71 -11.39 -20.56
C PHE D 126 -30.71 -12.10 -21.48
N GLU D 127 -31.06 -13.34 -21.18
CA GLU D 127 -31.90 -14.09 -22.11
C GLU D 127 -33.33 -14.20 -21.62
N THR D 128 -33.54 -14.72 -20.43
CA THR D 128 -34.88 -14.77 -19.89
C THR D 128 -35.44 -13.38 -19.69
N PHE D 129 -34.61 -12.46 -19.23
CA PHE D 129 -35.08 -11.14 -18.87
C PHE D 129 -34.65 -10.06 -19.85
N ASN D 130 -33.61 -10.31 -20.63
CA ASN D 130 -33.20 -9.39 -21.68
C ASN D 130 -32.93 -8.00 -21.12
N VAL D 131 -32.19 -7.95 -20.02
CA VAL D 131 -31.82 -6.69 -19.42
C VAL D 131 -30.88 -5.96 -20.37
N PRO D 132 -30.92 -4.63 -20.39
CA PRO D 132 -29.93 -3.91 -21.22
C PRO D 132 -28.50 -4.14 -20.79
N ALA D 133 -28.24 -4.12 -19.48
CA ALA D 133 -26.91 -4.36 -18.98
C ALA D 133 -27.05 -4.85 -17.55
N MET D 134 -25.94 -5.33 -17.00
CA MET D 134 -26.00 -5.83 -15.64
C MET D 134 -24.59 -5.92 -15.08
N TYR D 135 -24.50 -6.29 -13.81
CA TYR D 135 -23.23 -6.44 -13.13
C TYR D 135 -23.38 -7.31 -11.90
N VAL D 136 -22.30 -8.01 -11.56
CA VAL D 136 -22.25 -8.84 -10.36
C VAL D 136 -21.09 -8.36 -9.51
N ALA D 137 -21.38 -8.06 -8.25
CA ALA D 137 -20.38 -7.51 -7.35
C ALA D 137 -20.30 -8.36 -6.08
N ILE D 138 -19.15 -8.26 -5.41
CA ILE D 138 -18.98 -8.98 -4.16
C ILE D 138 -19.66 -8.21 -3.03
N GLN D 139 -20.38 -8.95 -2.19
CA GLN D 139 -21.30 -8.33 -1.25
C GLN D 139 -20.59 -7.47 -0.22
N ALA D 140 -19.48 -7.98 0.34
CA ALA D 140 -18.77 -7.22 1.37
C ALA D 140 -18.24 -5.91 0.82
N VAL D 141 -17.90 -5.88 -0.46
CA VAL D 141 -17.45 -4.63 -1.06
C VAL D 141 -18.55 -3.60 -0.96
N LEU D 142 -19.76 -4.01 -1.28
CA LEU D 142 -20.88 -3.11 -1.14
C LEU D 142 -21.04 -2.69 0.30
N SER D 143 -20.84 -3.63 1.21
CA SER D 143 -20.89 -3.26 2.62
C SER D 143 -19.92 -2.13 2.91
N LEU D 144 -18.72 -2.20 2.36
CA LEU D 144 -17.76 -1.14 2.63
C LEU D 144 -18.20 0.16 1.97
N TYR D 145 -18.73 0.08 0.76
CA TYR D 145 -19.28 1.27 0.13
C TYR D 145 -20.28 1.95 1.04
N ALA D 146 -21.12 1.16 1.71
CA ALA D 146 -22.16 1.72 2.56
C ALA D 146 -21.56 2.50 3.73
N SER D 147 -20.37 2.14 4.18
CA SER D 147 -19.76 2.79 5.33
C SER D 147 -19.03 4.06 4.96
N GLY D 148 -18.85 4.33 3.67
CA GLY D 148 -18.12 5.49 3.26
C GLY D 148 -16.62 5.40 3.44
N ARG D 149 -16.10 4.24 3.80
CA ARG D 149 -14.67 4.07 3.98
C ARG D 149 -14.02 3.57 2.71
N THR D 150 -12.69 3.57 2.73
CA THR D 150 -11.89 2.97 1.67
C THR D 150 -10.92 1.93 2.20
N THR D 151 -10.87 1.74 3.51
CA THR D 151 -9.99 0.76 4.11
C THR D 151 -10.68 0.15 5.32
N GLY D 152 -10.53 -1.15 5.47
CA GLY D 152 -11.12 -1.87 6.58
C GLY D 152 -11.45 -3.29 6.16
N ILE D 153 -11.70 -4.11 7.16
CA ILE D 153 -12.09 -5.49 6.93
C ILE D 153 -13.58 -5.61 7.22
N VAL D 154 -14.28 -6.29 6.33
CA VAL D 154 -15.71 -6.45 6.44
C VAL D 154 -16.01 -7.87 6.88
N LEU D 155 -16.82 -8.00 7.91
CA LEU D 155 -17.36 -9.28 8.33
C LEU D 155 -18.82 -9.31 7.90
N ASP D 156 -19.14 -10.20 6.98
CA ASP D 156 -20.48 -10.30 6.44
C ASP D 156 -21.09 -11.63 6.81
N SER D 157 -22.30 -11.66 7.36
CA SER D 157 -22.87 -12.93 7.81
C SER D 157 -24.34 -12.97 7.49
N GLY D 158 -24.68 -13.63 6.39
CA GLY D 158 -26.06 -13.69 5.98
C GLY D 158 -26.81 -14.88 6.52
N ASP D 159 -27.47 -15.62 5.64
CA ASP D 159 -28.24 -16.77 6.07
C ASP D 159 -27.50 -18.04 5.64
N GLY D 160 -26.58 -17.93 4.69
CA GLY D 160 -25.92 -19.15 4.23
C GLY D 160 -24.42 -19.23 4.43
N VAL D 161 -23.71 -18.10 4.38
CA VAL D 161 -22.25 -18.08 4.35
C VAL D 161 -21.72 -16.98 5.26
N THR D 162 -20.57 -17.16 5.91
CA THR D 162 -19.88 -16.10 6.69
C THR D 162 -18.49 -15.94 6.08
N HIS D 163 -18.13 -14.78 5.57
CA HIS D 163 -16.88 -14.54 4.87
C HIS D 163 -16.22 -13.24 5.30
N ASN D 164 -14.90 -13.21 5.18
CA ASN D 164 -14.05 -12.12 5.62
C ASN D 164 -13.32 -11.52 4.43
N VAL D 165 -13.39 -10.20 4.28
CA VAL D 165 -12.70 -9.54 3.17
C VAL D 165 -11.94 -8.32 3.65
N PRO D 166 -10.63 -8.33 3.52
CA PRO D 166 -9.84 -7.14 3.87
C PRO D 166 -9.62 -6.22 2.67
N ILE D 167 -9.78 -4.92 2.87
CA ILE D 167 -9.48 -3.95 1.83
C ILE D 167 -8.66 -2.82 2.43
N TYR D 168 -7.64 -2.42 1.72
CA TYR D 168 -6.83 -1.28 2.08
C TYR D 168 -6.89 -0.32 0.90
N GLU D 169 -7.39 0.89 1.16
CA GLU D 169 -7.38 1.96 0.17
C GLU D 169 -8.01 1.52 -1.16
N GLY D 170 -9.11 0.78 -1.09
CA GLY D 170 -9.77 0.35 -2.29
C GLY D 170 -9.14 -0.85 -2.96
N TYR D 171 -8.24 -1.52 -2.28
CA TYR D 171 -7.63 -2.74 -2.79
C TYR D 171 -7.89 -3.86 -1.79
N ALA D 172 -8.22 -5.03 -2.32
CA ALA D 172 -8.39 -6.21 -1.50
C ALA D 172 -7.21 -7.17 -1.68
N LEU D 173 -7.10 -8.12 -0.76
CA LEU D 173 -6.03 -9.13 -0.77
C LEU D 173 -6.65 -10.52 -0.87
N PRO D 174 -6.76 -11.06 -2.08
CA PRO D 174 -7.50 -12.32 -2.26
C PRO D 174 -6.95 -13.48 -1.47
N HIS D 175 -5.64 -13.51 -1.26
CA HIS D 175 -5.08 -14.60 -0.48
C HIS D 175 -5.53 -14.57 0.96
N ALA D 176 -5.93 -13.41 1.48
CA ALA D 176 -6.34 -13.26 2.88
C ALA D 176 -7.84 -13.34 3.07
N ILE D 177 -8.59 -13.63 2.02
CA ILE D 177 -10.04 -13.69 2.13
C ILE D 177 -10.45 -15.00 2.80
N MET D 178 -11.38 -14.91 3.74
CA MET D 178 -11.85 -16.06 4.47
C MET D 178 -13.33 -16.32 4.19
N ARG D 179 -13.68 -17.59 4.09
CA ARG D 179 -15.06 -17.99 3.85
C ARG D 179 -15.43 -19.15 4.75
N LEU D 180 -16.58 -19.05 5.40
CA LEU D 180 -17.06 -20.08 6.30
C LEU D 180 -18.52 -20.36 5.97
N ASP D 181 -18.81 -21.62 5.64
CA ASP D 181 -20.19 -22.05 5.41
C ASP D 181 -20.88 -22.31 6.75
N LEU D 182 -21.03 -21.25 7.55
CA LEU D 182 -21.76 -21.36 8.82
C LEU D 182 -22.47 -20.02 8.96
N ALA D 183 -23.81 -20.02 8.97
CA ALA D 183 -24.59 -18.80 9.01
C ALA D 183 -25.93 -19.07 9.69
N GLY D 184 -26.87 -18.16 9.48
CA GLY D 184 -28.08 -18.13 10.27
C GLY D 184 -28.91 -19.39 10.15
N ARG D 185 -29.06 -19.91 8.92
CA ARG D 185 -29.85 -21.11 8.74
C ARG D 185 -29.32 -22.25 9.60
N ASP D 186 -28.00 -22.34 9.70
CA ASP D 186 -27.36 -23.30 10.56
C ASP D 186 -27.67 -23.06 12.03
N LEU D 187 -27.64 -21.79 12.44
CA LEU D 187 -27.99 -21.48 13.82
C LEU D 187 -29.42 -21.91 14.10
N THR D 188 -30.30 -21.72 13.13
CA THR D 188 -31.69 -22.12 13.28
C THR D 188 -31.81 -23.62 13.43
N ASP D 189 -31.11 -24.38 12.59
CA ASP D 189 -31.21 -25.83 12.66
C ASP D 189 -30.65 -26.36 13.98
N TYR D 190 -29.55 -25.77 14.45
CA TYR D 190 -29.00 -26.18 15.73
C TYR D 190 -29.97 -25.84 16.87
N LEU D 191 -30.66 -24.70 16.78
CA LEU D 191 -31.67 -24.38 17.78
C LEU D 191 -32.81 -25.40 17.76
N MET D 192 -33.22 -25.81 16.56
CA MET D 192 -34.19 -26.90 16.44
C MET D 192 -33.70 -28.14 17.18
N LYS D 193 -32.44 -28.49 16.95
CA LYS D 193 -31.88 -29.68 17.58
C LYS D 193 -31.91 -29.58 19.10
N ILE D 194 -31.42 -28.46 19.63
CA ILE D 194 -31.28 -28.36 21.07
C ILE D 194 -32.63 -28.16 21.76
N LEU D 195 -33.64 -27.67 21.05
CA LEU D 195 -34.94 -27.48 21.69
C LEU D 195 -35.60 -28.80 22.08
N THR D 196 -35.06 -29.92 21.62
CA THR D 196 -35.61 -31.24 21.94
C THR D 196 -35.33 -31.67 23.37
N GLU D 197 -34.31 -31.10 24.01
CA GLU D 197 -33.97 -31.49 25.37
C GLU D 197 -35.04 -31.06 26.36
N ARG D 198 -35.74 -29.96 26.08
CA ARG D 198 -36.91 -29.54 26.85
C ARG D 198 -38.17 -30.27 26.41
N GLY D 199 -38.09 -31.08 25.36
CA GLY D 199 -39.24 -31.79 24.84
C GLY D 199 -39.95 -31.13 23.67
N TYR D 200 -39.63 -29.89 23.33
CA TYR D 200 -40.26 -29.25 22.17
C TYR D 200 -39.73 -29.88 20.88
N SER D 201 -40.62 -30.15 19.93
CA SER D 201 -40.25 -30.77 18.66
C SER D 201 -40.76 -29.95 17.49
N PHE D 202 -39.90 -29.72 16.51
CA PHE D 202 -40.25 -28.98 15.30
C PHE D 202 -39.54 -29.66 14.14
N VAL D 203 -40.32 -30.14 13.19
CA VAL D 203 -39.79 -31.07 12.20
C VAL D 203 -40.15 -30.65 10.79
N THR D 204 -41.21 -29.87 10.63
CA THR D 204 -41.66 -29.52 9.30
C THR D 204 -41.06 -28.19 8.85
N THR D 205 -41.22 -27.89 7.55
CA THR D 205 -40.62 -26.69 6.98
C THR D 205 -41.19 -25.41 7.58
N ALA D 206 -42.50 -25.36 7.83
CA ALA D 206 -43.09 -24.17 8.44
C ALA D 206 -42.61 -24.00 9.89
N GLU D 207 -42.49 -25.10 10.62
CA GLU D 207 -41.94 -25.06 11.95
C GLU D 207 -40.56 -24.44 11.97
N ARG D 208 -39.77 -24.66 10.92
CA ARG D 208 -38.46 -24.03 10.84
C ARG D 208 -38.61 -22.52 10.79
N GLU D 209 -39.60 -22.02 10.06
CA GLU D 209 -39.84 -20.58 10.03
C GLU D 209 -40.20 -20.06 11.40
N ILE D 210 -41.01 -20.83 12.12
CA ILE D 210 -41.35 -20.42 13.48
C ILE D 210 -40.10 -20.34 14.34
N VAL D 211 -39.23 -21.35 14.23
CA VAL D 211 -38.00 -21.35 15.01
C VAL D 211 -37.13 -20.16 14.61
N ARG D 212 -37.16 -19.78 13.34
CA ARG D 212 -36.39 -18.62 12.91
C ARG D 212 -36.90 -17.36 13.57
N ASP D 213 -38.23 -17.22 13.68
CA ASP D 213 -38.77 -16.08 14.40
C ASP D 213 -38.29 -16.06 15.84
N ILE D 214 -38.33 -17.23 16.47
CA ILE D 214 -37.86 -17.32 17.84
C ILE D 214 -36.41 -16.89 17.93
N LYS D 215 -35.58 -17.38 17.01
CA LYS D 215 -34.16 -17.05 17.01
C LYS D 215 -33.97 -15.55 16.86
N GLU D 216 -34.73 -14.94 15.96
CA GLU D 216 -34.63 -13.51 15.77
C GLU D 216 -35.23 -12.74 16.93
N LYS D 217 -35.95 -13.39 17.82
CA LYS D 217 -36.62 -12.67 18.90
C LYS D 217 -36.00 -12.84 20.28
N LEU D 218 -35.36 -13.97 20.59
CA LEU D 218 -34.96 -14.25 21.96
C LEU D 218 -33.48 -14.61 22.17
N CYS D 219 -32.70 -14.77 21.10
CA CYS D 219 -31.32 -15.21 21.24
C CYS D 219 -30.36 -14.03 21.34
N TYR D 220 -29.17 -14.30 21.87
CA TYR D 220 -28.17 -13.26 22.05
C TYR D 220 -26.81 -13.90 22.27
N VAL D 221 -25.77 -13.11 22.08
CA VAL D 221 -24.39 -13.57 22.24
C VAL D 221 -23.91 -13.24 23.64
N ALA D 222 -23.40 -14.24 24.35
CA ALA D 222 -22.83 -14.02 25.66
C ALA D 222 -21.43 -13.44 25.56
N LEU D 223 -21.13 -12.48 26.43
CA LEU D 223 -19.78 -11.93 26.48
C LEU D 223 -18.79 -12.96 27.02
N ASP D 224 -19.21 -13.76 28.00
CA ASP D 224 -18.44 -14.92 28.45
C ASP D 224 -19.41 -16.06 28.70
N PHE D 225 -19.24 -17.12 27.92
CA PHE D 225 -20.19 -18.21 27.88
C PHE D 225 -20.22 -18.99 29.18
N GLU D 226 -19.08 -19.12 29.84
CA GLU D 226 -18.99 -20.03 30.98
C GLU D 226 -19.83 -19.58 32.15
N ASN D 227 -19.60 -18.37 32.63
CA ASN D 227 -20.40 -17.82 33.70
C ASN D 227 -21.85 -17.64 33.29
N GLU D 228 -22.12 -17.50 31.99
CA GLU D 228 -23.51 -17.48 31.55
C GLU D 228 -24.16 -18.84 31.74
N MET D 229 -23.45 -19.91 31.40
CA MET D 229 -23.97 -21.24 31.65
C MET D 229 -24.20 -21.45 33.13
N ALA D 230 -23.28 -20.98 33.97
CA ALA D 230 -23.46 -21.10 35.41
C ALA D 230 -24.68 -20.32 35.89
N THR D 231 -24.87 -19.10 35.37
CA THR D 231 -26.00 -18.27 35.78
C THR D 231 -27.31 -18.94 35.42
N ALA D 232 -27.40 -19.49 34.21
CA ALA D 232 -28.60 -20.23 33.81
C ALA D 232 -28.81 -21.48 34.64
N ALA D 233 -27.72 -22.16 35.00
CA ALA D 233 -27.84 -23.37 35.80
C ALA D 233 -28.39 -23.08 37.19
N SER D 234 -27.95 -22.01 37.84
CA SER D 234 -28.41 -21.72 39.18
C SER D 234 -29.77 -21.03 39.17
N SER D 235 -29.83 -19.87 38.53
CA SER D 235 -31.02 -19.02 38.58
C SER D 235 -31.89 -19.28 37.36
N SER D 236 -33.03 -18.58 37.35
CA SER D 236 -34.00 -18.69 36.27
C SER D 236 -34.27 -17.36 35.57
N SER D 237 -33.56 -16.29 35.94
CA SER D 237 -33.86 -14.97 35.41
C SER D 237 -33.71 -14.89 33.89
N LEU D 238 -32.97 -15.83 33.30
CA LEU D 238 -32.70 -15.83 31.87
C LEU D 238 -33.83 -16.44 31.05
N GLU D 239 -34.76 -17.14 31.67
CA GLU D 239 -35.78 -17.85 30.92
C GLU D 239 -36.81 -16.86 30.36
N LYS D 240 -37.32 -17.17 29.18
CA LYS D 240 -38.33 -16.36 28.51
C LYS D 240 -39.29 -17.27 27.78
N SER D 241 -40.47 -16.74 27.47
CA SER D 241 -41.54 -17.51 26.88
C SER D 241 -41.90 -16.99 25.49
N TYR D 242 -42.42 -17.90 24.67
CA TYR D 242 -42.83 -17.58 23.31
C TYR D 242 -44.10 -18.35 22.99
N GLU D 243 -44.95 -17.76 22.15
CA GLU D 243 -46.26 -18.33 21.85
C GLU D 243 -46.29 -18.87 20.43
N LEU D 244 -46.77 -20.10 20.28
CA LEU D 244 -46.89 -20.75 18.99
C LEU D 244 -48.19 -20.34 18.29
N PRO D 245 -48.27 -20.52 16.97
CA PRO D 245 -49.48 -20.08 16.24
C PRO D 245 -50.76 -20.67 16.75
N ASP D 246 -50.75 -21.93 17.21
CA ASP D 246 -51.96 -22.53 17.75
C ASP D 246 -52.34 -22.00 19.12
N GLY D 247 -51.47 -21.23 19.78
CA GLY D 247 -51.73 -20.76 21.13
C GLY D 247 -50.93 -21.44 22.21
N GLN D 248 -50.02 -22.35 21.86
CA GLN D 248 -49.15 -22.98 22.86
C GLN D 248 -47.95 -22.09 23.17
N VAL D 249 -47.42 -22.25 24.38
CA VAL D 249 -46.33 -21.41 24.88
C VAL D 249 -45.16 -22.30 25.29
N ILE D 250 -43.96 -21.91 24.90
CA ILE D 250 -42.75 -22.62 25.27
C ILE D 250 -41.85 -21.66 26.03
N THR D 251 -40.85 -22.22 26.70
CA THR D 251 -39.98 -21.43 27.56
C THR D 251 -38.54 -21.91 27.41
N ILE D 252 -37.61 -20.95 27.29
CA ILE D 252 -36.18 -21.22 27.18
C ILE D 252 -35.39 -20.18 27.97
N GLY D 253 -34.38 -20.63 28.71
CA GLY D 253 -33.39 -19.73 29.25
C GLY D 253 -31.98 -19.89 28.69
N ASN D 254 -31.55 -21.14 28.52
CA ASN D 254 -30.15 -21.44 28.23
C ASN D 254 -29.87 -21.42 26.73
N GLU D 255 -30.83 -21.85 25.92
CA GLU D 255 -30.66 -21.87 24.47
C GLU D 255 -30.53 -20.48 23.90
N ARG D 256 -30.90 -19.45 24.67
CA ARG D 256 -30.88 -18.08 24.17
C ARG D 256 -29.47 -17.67 23.76
N PHE D 257 -28.47 -18.16 24.47
CA PHE D 257 -27.09 -17.83 24.14
C PHE D 257 -26.28 -19.01 23.65
N ARG D 258 -26.71 -20.24 23.93
CA ARG D 258 -25.98 -21.38 23.38
C ARG D 258 -26.06 -21.42 21.86
N CYS D 259 -27.12 -20.85 21.27
CA CYS D 259 -27.24 -20.81 19.82
C CYS D 259 -26.22 -19.88 19.18
N PRO D 260 -26.16 -18.57 19.52
CA PRO D 260 -25.16 -17.70 18.89
C PRO D 260 -23.73 -18.06 19.23
N GLU D 261 -23.50 -18.84 20.29
CA GLU D 261 -22.15 -19.20 20.69
C GLU D 261 -21.43 -20.02 19.62
N THR D 262 -22.18 -20.79 18.83
CA THR D 262 -21.57 -21.60 17.79
C THR D 262 -20.77 -20.75 16.81
N LEU D 263 -21.16 -19.47 16.65
CA LEU D 263 -20.36 -18.56 15.83
C LEU D 263 -18.93 -18.48 16.34
N PHE D 264 -18.77 -18.61 17.65
CA PHE D 264 -17.46 -18.61 18.24
C PHE D 264 -16.98 -20.01 18.55
N GLN D 265 -17.88 -21.00 18.56
CA GLN D 265 -17.54 -22.40 18.78
C GLN D 265 -18.24 -23.27 17.76
N PRO D 266 -17.72 -23.36 16.54
CA PRO D 266 -18.36 -24.18 15.50
C PRO D 266 -18.41 -25.65 15.84
N SER D 267 -17.61 -26.09 16.79
CA SER D 267 -17.66 -27.48 17.23
C SER D 267 -19.02 -27.87 17.80
N PHE D 268 -19.82 -26.89 18.21
CA PHE D 268 -21.17 -27.18 18.71
C PHE D 268 -21.96 -27.99 17.72
N ILE D 269 -21.75 -27.74 16.44
CA ILE D 269 -22.34 -28.50 15.37
C ILE D 269 -21.30 -29.39 14.71
N GLY D 270 -20.19 -29.64 15.40
CA GLY D 270 -19.18 -30.55 14.92
C GLY D 270 -18.19 -29.97 13.93
N MET D 271 -18.23 -28.66 13.65
CA MET D 271 -17.30 -28.10 12.70
C MET D 271 -15.92 -27.88 13.32
N GLU D 272 -14.89 -28.34 12.60
CA GLU D 272 -13.52 -28.15 13.05
C GLU D 272 -13.06 -26.70 12.96
N SER D 273 -13.79 -25.89 12.19
CA SER D 273 -13.35 -24.53 11.92
C SER D 273 -13.34 -23.69 13.19
N ALA D 274 -12.52 -22.64 13.18
CA ALA D 274 -12.40 -21.72 14.30
C ALA D 274 -13.51 -20.66 14.28
N GLY D 275 -13.58 -19.89 15.35
CA GLY D 275 -14.64 -18.91 15.50
C GLY D 275 -14.45 -17.68 14.62
N ILE D 276 -15.53 -16.91 14.52
CA ILE D 276 -15.56 -15.74 13.64
C ILE D 276 -14.49 -14.73 14.03
N HIS D 277 -14.31 -14.53 15.33
CA HIS D 277 -13.21 -13.73 15.82
C HIS D 277 -11.88 -14.26 15.30
N GLU D 278 -11.65 -15.57 15.44
CA GLU D 278 -10.39 -16.16 15.02
C GLU D 278 -10.19 -16.04 13.53
N THR D 279 -11.27 -16.22 12.78
CA THR D 279 -11.20 -16.03 11.34
C THR D 279 -10.82 -14.60 11.00
N THR D 280 -11.43 -13.64 11.70
CA THR D 280 -11.08 -12.24 11.51
C THR D 280 -9.60 -12.01 11.73
N TYR D 281 -9.11 -12.47 12.88
CA TYR D 281 -7.73 -12.23 13.25
C TYR D 281 -6.78 -12.90 12.27
N ASN D 282 -7.06 -14.15 11.90
CA ASN D 282 -6.17 -14.84 10.97
C ASN D 282 -6.18 -14.17 9.61
N SER D 283 -7.34 -13.72 9.14
CA SER D 283 -7.38 -12.95 7.91
C SER D 283 -6.49 -11.73 8.03
N ILE D 284 -6.51 -11.08 9.20
CA ILE D 284 -5.63 -9.94 9.43
C ILE D 284 -4.17 -10.36 9.32
N MET D 285 -3.83 -11.48 9.93
CA MET D 285 -2.44 -11.91 9.97
C MET D 285 -1.94 -12.34 8.60
N LYS D 286 -2.85 -12.73 7.70
CA LYS D 286 -2.47 -13.01 6.33
C LYS D 286 -2.13 -11.75 5.56
N CYS D 287 -2.37 -10.59 6.16
CA CYS D 287 -2.13 -9.35 5.47
C CYS D 287 -0.73 -8.81 5.76
N ASP D 288 -0.27 -7.93 4.87
CA ASP D 288 1.03 -7.31 5.05
C ASP D 288 1.06 -6.57 6.38
N ILE D 289 2.18 -6.73 7.07
CA ILE D 289 2.31 -6.23 8.42
C ILE D 289 2.01 -4.74 8.49
N ASP D 290 2.23 -4.02 7.40
CA ASP D 290 2.15 -2.57 7.44
C ASP D 290 0.72 -2.03 7.42
N ILE D 291 -0.29 -2.86 7.12
CA ILE D 291 -1.67 -2.40 7.09
C ILE D 291 -2.49 -2.99 8.21
N ARG D 292 -1.90 -3.88 8.99
CA ARG D 292 -2.65 -4.58 10.02
C ARG D 292 -3.21 -3.62 11.06
N LYS D 293 -2.47 -2.57 11.39
CA LYS D 293 -2.97 -1.62 12.37
C LYS D 293 -4.27 -1.00 11.91
N ASP D 294 -4.32 -0.51 10.69
CA ASP D 294 -5.52 0.11 10.18
C ASP D 294 -6.67 -0.88 10.06
N LEU D 295 -6.37 -2.10 9.65
CA LEU D 295 -7.44 -3.09 9.62
C LEU D 295 -7.98 -3.33 11.02
N TYR D 296 -7.07 -3.46 11.99
CA TYR D 296 -7.46 -3.61 13.37
C TYR D 296 -8.40 -2.49 13.79
N ALA D 297 -8.20 -1.30 13.27
CA ALA D 297 -9.06 -0.19 13.58
C ALA D 297 -10.34 -0.18 12.77
N ASN D 298 -10.46 -1.03 11.75
CA ASN D 298 -11.60 -0.94 10.84
C ASN D 298 -12.18 -2.32 10.59
N ASN D 299 -13.06 -2.72 11.48
CA ASN D 299 -13.69 -4.04 11.41
C ASN D 299 -15.18 -3.82 11.21
N VAL D 300 -15.64 -4.19 10.05
CA VAL D 300 -16.99 -3.86 9.62
C VAL D 300 -17.86 -5.11 9.67
N MET D 301 -19.01 -4.99 10.33
CA MET D 301 -19.95 -6.09 10.46
C MET D 301 -21.11 -5.90 9.47
N SER D 302 -21.61 -7.00 8.92
CA SER D 302 -22.69 -6.90 7.96
C SER D 302 -23.48 -8.20 7.92
N GLY D 303 -24.78 -8.06 7.68
CA GLY D 303 -25.65 -9.20 7.50
C GLY D 303 -26.63 -9.39 8.66
N GLY D 304 -27.79 -9.95 8.38
CA GLY D 304 -28.76 -10.17 9.43
C GLY D 304 -28.24 -11.00 10.60
N THR D 305 -27.30 -11.91 10.39
CA THR D 305 -26.88 -12.72 11.53
C THR D 305 -26.17 -11.83 12.56
N THR D 306 -25.37 -10.88 12.09
CA THR D 306 -24.69 -9.97 13.00
C THR D 306 -25.62 -9.01 13.74
N MET D 307 -26.93 -9.26 13.69
CA MET D 307 -27.85 -8.42 14.43
C MET D 307 -28.05 -8.89 15.87
N TYR D 308 -27.37 -9.95 16.29
CA TYR D 308 -27.50 -10.39 17.67
C TYR D 308 -27.06 -9.27 18.60
N PRO D 309 -27.79 -9.03 19.69
CA PRO D 309 -27.25 -8.16 20.74
C PRO D 309 -25.96 -8.75 21.30
N GLY D 310 -24.97 -7.88 21.53
CA GLY D 310 -23.72 -8.26 22.14
C GLY D 310 -22.66 -8.80 21.19
N ILE D 311 -22.97 -8.94 19.90
CA ILE D 311 -22.02 -9.53 18.96
C ILE D 311 -20.78 -8.66 18.86
N ALA D 312 -20.96 -7.34 18.77
CA ALA D 312 -19.83 -6.44 18.60
C ALA D 312 -18.94 -6.45 19.85
N ASP D 313 -19.54 -6.43 21.02
CA ASP D 313 -18.75 -6.43 22.24
C ASP D 313 -17.96 -7.72 22.40
N ARG D 314 -18.59 -8.85 22.10
CA ARG D 314 -17.88 -10.12 22.18
C ARG D 314 -16.72 -10.13 21.21
N MET D 315 -16.94 -9.66 19.97
CA MET D 315 -15.86 -9.60 19.01
C MET D 315 -14.75 -8.67 19.50
N GLN D 316 -15.13 -7.53 20.08
CA GLN D 316 -14.15 -6.61 20.64
C GLN D 316 -13.29 -7.31 21.66
N LYS D 317 -13.93 -7.97 22.62
CA LYS D 317 -13.22 -8.69 23.65
C LYS D 317 -12.27 -9.72 23.07
N GLU D 318 -12.77 -10.57 22.19
CA GLU D 318 -11.97 -11.65 21.68
C GLU D 318 -10.79 -11.14 20.86
N ILE D 319 -11.05 -10.25 19.91
CA ILE D 319 -9.97 -9.79 19.04
C ILE D 319 -8.94 -9.01 19.85
N THR D 320 -9.39 -8.29 20.88
CA THR D 320 -8.43 -7.70 21.80
C THR D 320 -7.58 -8.77 22.45
N ALA D 321 -8.21 -9.87 22.88
CA ALA D 321 -7.47 -10.96 23.48
C ALA D 321 -6.44 -11.56 22.54
N LEU D 322 -6.62 -11.41 21.24
CA LEU D 322 -5.65 -11.94 20.29
C LEU D 322 -4.65 -10.91 19.79
N ALA D 323 -5.05 -9.64 19.76
CA ALA D 323 -4.20 -8.61 19.21
C ALA D 323 -2.99 -8.38 20.11
N PRO D 324 -1.93 -7.73 19.58
CA PRO D 324 -0.72 -7.52 20.38
C PRO D 324 -0.89 -6.48 21.50
N SER D 325 -2.13 -6.11 21.77
CA SER D 325 -2.53 -5.31 22.92
C SER D 325 -2.10 -3.86 22.81
N THR D 326 -1.20 -3.56 21.88
CA THR D 326 -0.87 -2.16 21.63
C THR D 326 -1.80 -1.61 20.57
N MET D 327 -2.30 -2.48 19.70
CA MET D 327 -3.24 -2.08 18.67
C MET D 327 -4.58 -1.68 19.30
N LYS D 328 -5.23 -0.68 18.72
CA LYS D 328 -6.55 -0.23 19.19
C LYS D 328 -7.63 -0.89 18.35
N ILE D 329 -8.30 -1.88 18.94
CA ILE D 329 -9.33 -2.66 18.27
C ILE D 329 -10.59 -1.82 18.15
N LYS D 330 -11.16 -1.75 16.95
CA LYS D 330 -12.42 -1.03 16.77
C LYS D 330 -13.33 -1.76 15.79
N ILE D 331 -14.57 -1.98 16.21
CA ILE D 331 -15.60 -2.66 15.42
C ILE D 331 -16.66 -1.64 15.07
N ILE D 332 -17.17 -1.72 13.85
CA ILE D 332 -18.15 -0.77 13.37
C ILE D 332 -19.43 -1.53 13.08
N ALA D 333 -20.52 -1.12 13.73
CA ALA D 333 -21.79 -1.85 13.67
C ALA D 333 -22.94 -0.87 13.55
N PRO D 334 -23.26 -0.43 12.33
CA PRO D 334 -24.33 0.53 12.16
C PRO D 334 -25.68 -0.12 12.37
N PRO D 335 -26.71 0.66 12.71
CA PRO D 335 -28.06 0.09 12.82
C PRO D 335 -28.56 -0.54 11.53
N GLU D 336 -28.21 0.00 10.37
CA GLU D 336 -28.73 -0.48 9.11
C GLU D 336 -27.94 -1.64 8.54
N ARG D 337 -27.22 -2.37 9.41
CA ARG D 337 -26.44 -3.52 8.98
C ARG D 337 -27.23 -4.45 8.07
N LYS D 338 -28.53 -4.61 8.34
CA LYS D 338 -29.33 -5.57 7.59
C LYS D 338 -29.44 -5.19 6.12
N TYR D 339 -29.10 -3.97 5.76
CA TYR D 339 -29.20 -3.55 4.37
C TYR D 339 -27.93 -2.89 3.89
N SER D 340 -26.83 -3.13 4.59
CA SER D 340 -25.57 -2.48 4.22
C SER D 340 -25.19 -2.81 2.79
N VAL D 341 -25.28 -4.09 2.42
CA VAL D 341 -24.87 -4.49 1.08
C VAL D 341 -25.75 -3.83 0.03
N TRP D 342 -27.06 -3.88 0.24
CA TRP D 342 -27.97 -3.32 -0.75
C TRP D 342 -27.79 -1.81 -0.85
N ILE D 343 -27.57 -1.16 0.29
CA ILE D 343 -27.35 0.28 0.29
C ILE D 343 -26.09 0.62 -0.49
N GLY D 344 -25.00 -0.11 -0.23
CA GLY D 344 -23.78 0.12 -0.97
C GLY D 344 -23.95 -0.09 -2.45
N GLY D 345 -24.77 -1.09 -2.81
CA GLY D 345 -25.06 -1.31 -4.21
C GLY D 345 -25.80 -0.15 -4.85
N SER D 346 -26.79 0.38 -4.14
CA SER D 346 -27.48 1.56 -4.64
C SER D 346 -26.51 2.71 -4.87
N ILE D 347 -25.67 2.94 -3.87
CA ILE D 347 -24.62 3.94 -4.00
C ILE D 347 -23.86 3.72 -5.28
N LEU D 348 -23.27 2.53 -5.42
CA LEU D 348 -22.37 2.27 -6.54
C LEU D 348 -23.07 2.44 -7.87
N ALA D 349 -24.27 1.88 -7.98
CA ALA D 349 -25.03 2.04 -9.20
C ALA D 349 -25.29 3.52 -9.49
N SER D 350 -25.38 4.34 -8.46
CA SER D 350 -25.67 5.75 -8.65
C SER D 350 -24.51 6.52 -9.26
N LEU D 351 -23.35 5.91 -9.40
CA LEU D 351 -22.18 6.68 -9.79
C LEU D 351 -22.01 6.74 -11.29
N SER D 352 -21.73 7.94 -11.79
CA SER D 352 -21.51 8.11 -13.22
C SER D 352 -20.30 7.33 -13.69
N THR D 353 -19.24 7.33 -12.91
CA THR D 353 -18.05 6.59 -13.30
C THR D 353 -18.31 5.09 -13.41
N PHE D 354 -19.35 4.58 -12.75
CA PHE D 354 -19.67 3.16 -12.81
C PHE D 354 -20.37 2.79 -14.10
N GLN D 355 -21.01 3.76 -14.75
CA GLN D 355 -21.82 3.46 -15.94
C GLN D 355 -21.10 2.77 -17.09
N GLN D 356 -19.79 2.93 -17.16
CA GLN D 356 -19.05 2.20 -18.17
C GLN D 356 -18.66 0.81 -17.72
N MET D 357 -18.88 0.50 -16.45
CA MET D 357 -18.52 -0.81 -15.93
C MET D 357 -19.62 -1.84 -16.18
N TRP D 358 -20.79 -1.40 -16.65
CA TRP D 358 -21.86 -2.34 -16.92
C TRP D 358 -21.48 -3.31 -18.03
N ILE D 359 -22.02 -4.52 -17.94
CA ILE D 359 -21.91 -5.47 -19.04
C ILE D 359 -23.14 -5.28 -19.92
N THR D 360 -22.94 -4.73 -21.10
CA THR D 360 -24.07 -4.61 -22.00
C THR D 360 -24.32 -5.93 -22.71
N LYS D 361 -25.57 -6.11 -23.12
CA LYS D 361 -25.93 -7.30 -23.85
C LYS D 361 -25.12 -7.45 -25.11
N GLN D 362 -24.67 -6.34 -25.69
CA GLN D 362 -23.86 -6.42 -26.89
C GLN D 362 -22.58 -7.18 -26.61
N GLU D 363 -21.90 -6.85 -25.52
CA GLU D 363 -20.69 -7.56 -25.17
C GLU D 363 -20.98 -9.03 -24.95
N TYR D 364 -22.10 -9.31 -24.29
CA TYR D 364 -22.51 -10.68 -24.07
C TYR D 364 -22.69 -11.40 -25.38
N ASP D 365 -23.28 -10.73 -26.37
CA ASP D 365 -23.52 -11.37 -27.65
C ASP D 365 -22.24 -11.82 -28.30
N GLU D 366 -21.10 -11.26 -27.90
CA GLU D 366 -19.82 -11.73 -28.39
C GLU D 366 -19.22 -12.79 -27.49
N ALA D 367 -19.16 -12.51 -26.19
CA ALA D 367 -18.34 -13.31 -25.30
C ALA D 367 -19.11 -14.38 -24.54
N GLY D 368 -20.42 -14.49 -24.72
CA GLY D 368 -21.19 -15.43 -23.96
C GLY D 368 -21.19 -15.08 -22.50
N PRO D 369 -21.71 -15.97 -21.66
CA PRO D 369 -21.75 -15.71 -20.22
C PRO D 369 -20.38 -15.61 -19.58
N SER D 370 -19.34 -16.13 -20.22
CA SER D 370 -18.01 -16.08 -19.63
C SER D 370 -17.50 -14.66 -19.46
N ILE D 371 -18.13 -13.69 -20.14
CA ILE D 371 -17.70 -12.30 -20.09
C ILE D 371 -17.63 -11.78 -18.66
N VAL D 372 -18.41 -12.39 -17.75
CA VAL D 372 -18.52 -11.88 -16.40
C VAL D 372 -17.20 -12.00 -15.67
N HIS D 373 -16.45 -13.06 -15.92
CA HIS D 373 -15.18 -13.25 -15.23
C HIS D 373 -14.20 -12.16 -15.55
N ARG D 374 -14.34 -11.53 -16.70
CA ARG D 374 -13.45 -10.44 -17.05
C ARG D 374 -13.98 -9.11 -16.58
N LYS D 375 -15.29 -8.88 -16.72
CA LYS D 375 -15.80 -7.57 -16.34
C LYS D 375 -15.94 -7.41 -14.83
N CYS D 376 -16.34 -8.46 -14.12
CA CYS D 376 -16.56 -8.34 -12.69
C CYS D 376 -15.38 -8.90 -11.90
PB ADP E . 9.95 -32.89 3.45
O1B ADP E . 10.03 -34.30 3.92
O2B ADP E . 9.16 -31.98 4.33
O3B ADP E . 11.26 -32.31 3.02
PA ADP E . 9.35 -34.02 0.95
O1A ADP E . 9.17 -35.39 1.52
O2A ADP E . 10.62 -33.65 0.24
O3A ADP E . 9.08 -32.96 2.11
O5' ADP E . 8.12 -33.66 -0.02
C5' ADP E . 6.79 -33.74 0.48
C4' ADP E . 5.94 -32.78 -0.35
O4' ADP E . 6.12 -33.08 -1.72
C3' ADP E . 4.47 -32.95 -0.04
O3' ADP E . 3.92 -31.65 0.11
C2' ADP E . 3.87 -33.60 -1.26
O2' ADP E . 2.59 -33.05 -1.56
C1' ADP E . 4.86 -33.26 -2.36
N9 ADP E . 4.99 -34.36 -3.35
C8 ADP E . 5.47 -35.58 -3.10
N7 ADP E . 5.47 -36.32 -4.23
C5 ADP E . 4.99 -35.57 -5.22
C6 ADP E . 4.73 -35.73 -6.66
N6 ADP E . 4.97 -36.91 -7.28
N1 ADP E . 4.22 -34.69 -7.33
C2 ADP E . 3.96 -33.52 -6.73
N3 ADP E . 4.18 -33.30 -5.42
C4 ADP E . 4.67 -34.27 -4.63
MG MG F . 13.27 -32.50 2.88
PB ADP G . 22.93 8.86 -0.03
O1B ADP G . 21.53 9.34 -0.19
O2B ADP G . 24.00 9.92 -0.08
O3B ADP G . 23.25 7.63 -0.84
PA ADP G . 22.47 9.06 2.76
O1A ADP G . 21.69 10.29 2.38
O2A ADP G . 23.62 9.18 3.71
O3A ADP G . 22.96 8.28 1.46
O5' ADP G . 21.49 7.92 3.31
C5' ADP G . 21.53 7.55 4.67
C4' ADP G . 21.82 6.06 4.78
O4' ADP G . 22.48 5.86 6.02
C3' ADP G . 20.57 5.22 4.79
O3' ADP G . 20.78 4.09 3.97
C2' ADP G . 20.40 4.75 6.22
O2' ADP G . 20.19 3.33 6.22
C1' ADP G . 21.71 5.05 6.90
N9 ADP G . 21.49 5.82 8.14
C8 ADP G . 20.84 6.99 8.24
N7 ADP G . 20.83 7.44 9.52
C5 ADP G . 21.48 6.53 10.26
C6 ADP G . 21.83 6.37 11.68
N6 ADP G . 21.48 7.28 12.60
N1 ADP G . 22.52 5.27 12.04
C2 ADP G . 22.88 4.34 11.15
N3 ADP G . 22.60 4.42 9.83
C4 ADP G . 21.92 5.47 9.35
MG MG H . 22.66 11.03 -1.47
PB ADP I . -29.02 -13.13 3.35
O1B ADP I . -30.45 -13.00 2.92
O2B ADP I . -28.48 -14.52 3.28
O3B ADP I . -28.11 -12.10 2.75
PA ADP I . -29.46 -11.49 5.65
O1A ADP I . -30.72 -10.96 5.05
O2A ADP I . -28.26 -10.60 5.78
O3A ADP I . -29.04 -12.84 4.92
O5' ADP I . -29.78 -12.12 7.09
C5' ADP I . -30.82 -13.08 7.26
C4' ADP I . -30.47 -13.98 8.45
O4' ADP I . -30.15 -13.17 9.57
C3' ADP I . -31.59 -14.91 8.88
O3' ADP I . -31.13 -16.25 8.79
C2' ADP I . -31.87 -14.61 10.34
O2' ADP I . -31.84 -15.80 11.13
C1' ADP I . -30.76 -13.67 10.75
N9 ADP I . -31.25 -12.52 11.54
C8 ADP I . -31.97 -11.49 11.06
N7 ADP I . -32.26 -10.60 12.04
C5 ADP I . -31.73 -11.07 13.18
C6 ADP I . -31.68 -10.64 14.59
N6 ADP I . -32.26 -9.49 14.98
N1 ADP I . -31.02 -11.43 15.46
C2 ADP I . -30.44 -12.57 15.08
N3 ADP I . -30.45 -13.03 13.81
C4 ADP I . -31.07 -12.33 12.83
MG MG J . -27.11 -10.24 3.48
#